data_2DK3
#
_entry.id   2DK3
#
_entity_poly.entity_id   1
_entity_poly.type   'polypeptide(L)'
_entity_poly.pdbx_seq_one_letter_code
;GSSGSSGVRSQVLKYMVPGARVIRGLDWKWRDQDGSPQGEGTVTGELHNGWIDVTWDAGGSNSYRMGAEGKFDLKLAPGY
SGPSSG
;
_entity_poly.pdbx_strand_id   A
#
# COMPACT_ATOMS: atom_id res chain seq x y z
N GLY A 1 -15.80 18.00 18.52
CA GLY A 1 -14.47 17.47 18.75
C GLY A 1 -13.39 18.52 18.60
N SER A 2 -12.13 18.11 18.74
CA SER A 2 -11.00 19.03 18.61
C SER A 2 -10.00 18.52 17.58
N SER A 3 -9.41 19.45 16.84
CA SER A 3 -8.43 19.10 15.81
C SER A 3 -7.47 20.25 15.56
N GLY A 4 -6.41 19.98 14.81
CA GLY A 4 -5.43 21.00 14.52
C GLY A 4 -4.55 20.65 13.32
N SER A 5 -3.28 20.99 13.40
CA SER A 5 -2.34 20.70 12.32
C SER A 5 -2.15 19.21 12.15
N SER A 6 -2.37 18.72 10.93
CA SER A 6 -2.22 17.30 10.64
C SER A 6 -0.80 16.99 10.14
N GLY A 7 -0.29 15.83 10.51
CA GLY A 7 1.04 15.43 10.09
C GLY A 7 1.63 14.35 10.97
N VAL A 8 1.39 13.10 10.61
CA VAL A 8 1.90 11.97 11.37
C VAL A 8 2.21 10.78 10.47
N ARG A 9 3.25 10.03 10.82
CA ARG A 9 3.66 8.87 10.03
C ARG A 9 2.64 7.74 10.17
N SER A 10 2.96 6.60 9.58
CA SER A 10 2.07 5.44 9.63
C SER A 10 0.64 5.84 9.26
N GLN A 11 0.51 6.84 8.40
CA GLN A 11 -0.80 7.31 7.97
C GLN A 11 -1.37 6.43 6.87
N VAL A 12 -0.57 6.20 5.82
CA VAL A 12 -0.99 5.37 4.70
C VAL A 12 -1.51 4.03 5.18
N LEU A 13 -0.91 3.50 6.25
CA LEU A 13 -1.32 2.22 6.80
C LEU A 13 -2.81 2.22 7.16
N LYS A 14 -3.35 3.42 7.38
CA LYS A 14 -4.76 3.57 7.72
C LYS A 14 -5.65 3.26 6.51
N TYR A 15 -5.06 3.36 5.32
CA TYR A 15 -5.79 3.10 4.08
C TYR A 15 -5.39 1.76 3.48
N MET A 16 -4.32 1.18 4.01
CA MET A 16 -3.83 -0.10 3.52
C MET A 16 -4.85 -1.21 3.80
N VAL A 17 -5.87 -1.28 2.95
CA VAL A 17 -6.92 -2.29 3.10
C VAL A 17 -7.07 -3.10 1.82
N PRO A 18 -7.58 -4.33 1.97
CA PRO A 18 -7.80 -5.24 0.82
C PRO A 18 -8.93 -4.77 -0.08
N GLY A 19 -8.57 -4.15 -1.20
CA GLY A 19 -9.58 -3.67 -2.13
C GLY A 19 -9.32 -2.25 -2.58
N ALA A 20 -8.35 -1.60 -1.93
CA ALA A 20 -8.01 -0.22 -2.27
C ALA A 20 -6.99 -0.16 -3.40
N ARG A 21 -6.53 1.03 -3.71
CA ARG A 21 -5.55 1.23 -4.78
C ARG A 21 -4.20 1.64 -4.21
N VAL A 22 -3.13 1.06 -4.75
CA VAL A 22 -1.78 1.37 -4.30
C VAL A 22 -0.78 1.22 -5.45
N ILE A 23 0.33 1.94 -5.34
CA ILE A 23 1.38 1.89 -6.35
C ILE A 23 2.77 1.78 -5.72
N ARG A 24 3.77 1.56 -6.55
CA ARG A 24 5.15 1.44 -6.08
C ARG A 24 5.51 2.62 -5.18
N GLY A 25 6.24 2.33 -4.10
CA GLY A 25 6.64 3.38 -3.18
C GLY A 25 8.08 3.84 -3.41
N LEU A 26 8.56 4.73 -2.56
CA LEU A 26 9.91 5.26 -2.67
C LEU A 26 10.94 4.20 -2.29
N ASP A 27 10.52 3.27 -1.44
CA ASP A 27 11.40 2.19 -0.98
C ASP A 27 11.29 0.98 -1.90
N TRP A 28 10.99 1.22 -3.17
CA TRP A 28 10.86 0.15 -4.14
C TRP A 28 12.22 -0.32 -4.63
N LYS A 29 12.76 -1.35 -3.98
CA LYS A 29 14.06 -1.90 -4.36
C LYS A 29 13.89 -3.13 -5.25
N TRP A 30 12.66 -3.53 -5.48
CA TRP A 30 12.37 -4.68 -6.32
C TRP A 30 12.14 -4.26 -7.77
N ARG A 31 12.24 -5.21 -8.69
CA ARG A 31 12.05 -4.94 -10.11
C ARG A 31 10.57 -4.74 -10.42
N ASP A 32 10.26 -4.57 -11.70
CA ASP A 32 8.88 -4.36 -12.13
C ASP A 32 8.08 -5.65 -12.02
N GLN A 33 7.57 -5.92 -10.83
CA GLN A 33 6.78 -7.12 -10.58
C GLN A 33 5.42 -7.04 -11.29
N ASP A 34 4.84 -5.84 -11.32
CA ASP A 34 3.56 -5.63 -11.95
C ASP A 34 3.74 -5.29 -13.44
N GLY A 35 4.69 -5.97 -14.07
CA GLY A 35 4.94 -5.74 -15.48
C GLY A 35 5.30 -4.29 -15.77
N SER A 36 5.57 -4.00 -17.04
CA SER A 36 5.92 -2.64 -17.45
C SER A 36 5.14 -2.23 -18.69
N PRO A 37 5.01 -0.91 -18.88
CA PRO A 37 5.58 0.09 -17.97
C PRO A 37 4.87 0.12 -16.63
N GLN A 38 5.49 0.77 -15.65
CA GLN A 38 4.91 0.87 -14.31
C GLN A 38 3.40 0.98 -14.38
N GLY A 39 2.71 0.29 -13.47
CA GLY A 39 1.26 0.32 -13.45
C GLY A 39 0.71 0.36 -12.04
N GLU A 40 -0.61 0.55 -11.93
CA GLU A 40 -1.26 0.60 -10.63
C GLU A 40 -1.68 -0.80 -10.17
N GLY A 41 -1.75 -0.98 -8.86
CA GLY A 41 -2.14 -2.27 -8.32
C GLY A 41 -3.40 -2.20 -7.48
N THR A 42 -3.72 -3.28 -6.78
CA THR A 42 -4.91 -3.33 -5.95
C THR A 42 -4.70 -4.23 -4.74
N VAL A 43 -4.63 -3.61 -3.56
CA VAL A 43 -4.43 -4.34 -2.32
C VAL A 43 -5.47 -5.45 -2.17
N THR A 44 -5.02 -6.60 -1.66
CA THR A 44 -5.91 -7.73 -1.46
C THR A 44 -5.86 -8.23 -0.02
N GLY A 45 -4.82 -7.82 0.70
CA GLY A 45 -4.67 -8.23 2.08
C GLY A 45 -4.51 -7.05 3.03
N GLU A 46 -4.84 -7.27 4.30
CA GLU A 46 -4.74 -6.22 5.30
C GLU A 46 -3.33 -6.17 5.90
N LEU A 47 -2.80 -4.97 6.06
CA LEU A 47 -1.48 -4.78 6.63
C LEU A 47 -1.38 -5.41 8.01
N HIS A 48 -0.73 -6.57 8.09
CA HIS A 48 -0.56 -7.28 9.34
C HIS A 48 0.90 -7.29 9.78
N ASN A 49 1.16 -6.85 11.01
CA ASN A 49 2.52 -6.82 11.53
C ASN A 49 3.44 -6.02 10.61
N GLY A 50 2.86 -5.05 9.89
CA GLY A 50 3.65 -4.25 8.98
C GLY A 50 3.89 -4.93 7.65
N TRP A 51 2.91 -5.73 7.22
CA TRP A 51 3.02 -6.44 5.95
C TRP A 51 1.66 -6.60 5.30
N ILE A 52 1.50 -6.00 4.12
CA ILE A 52 0.25 -6.08 3.38
C ILE A 52 0.45 -6.66 2.00
N ASP A 53 -0.51 -7.46 1.55
CA ASP A 53 -0.44 -8.09 0.23
C ASP A 53 -1.22 -7.27 -0.80
N VAL A 54 -0.82 -7.38 -2.06
CA VAL A 54 -1.47 -6.66 -3.14
C VAL A 54 -1.38 -7.43 -4.46
N THR A 55 -2.53 -7.58 -5.12
CA THR A 55 -2.58 -8.31 -6.39
C THR A 55 -2.57 -7.34 -7.57
N TRP A 56 -1.38 -7.07 -8.10
CA TRP A 56 -1.24 -6.17 -9.24
C TRP A 56 -2.02 -6.67 -10.44
N ASP A 57 -2.27 -5.79 -11.40
CA ASP A 57 -3.02 -6.14 -12.60
C ASP A 57 -2.20 -7.05 -13.50
N ALA A 58 -0.94 -6.68 -13.70
CA ALA A 58 -0.04 -7.47 -14.55
C ALA A 58 -0.27 -8.96 -14.35
N GLY A 59 -0.47 -9.37 -13.10
CA GLY A 59 -0.70 -10.77 -12.80
C GLY A 59 0.28 -11.31 -11.77
N GLY A 60 0.12 -10.88 -10.52
CA GLY A 60 1.00 -11.34 -9.47
C GLY A 60 0.77 -10.60 -8.16
N SER A 61 0.71 -11.34 -7.06
CA SER A 61 0.50 -10.75 -5.75
C SER A 61 1.58 -11.17 -4.77
N ASN A 62 1.94 -10.28 -3.86
CA ASN A 62 2.97 -10.56 -2.87
C ASN A 62 2.92 -9.55 -1.73
N SER A 63 3.59 -9.87 -0.63
CA SER A 63 3.63 -9.00 0.53
C SER A 63 4.77 -7.99 0.43
N TYR A 64 4.49 -6.74 0.80
CA TYR A 64 5.49 -5.69 0.74
C TYR A 64 5.64 -5.00 2.10
N ARG A 65 6.88 -4.69 2.47
CA ARG A 65 7.15 -4.04 3.74
C ARG A 65 6.47 -2.68 3.81
N MET A 66 5.58 -2.51 4.78
CA MET A 66 4.87 -1.25 4.95
C MET A 66 4.99 -0.74 6.38
N GLY A 67 6.13 -1.04 7.00
CA GLY A 67 6.35 -0.60 8.38
C GLY A 67 7.09 -1.64 9.19
N ALA A 68 6.98 -2.91 8.80
CA ALA A 68 7.64 -3.99 9.50
C ALA A 68 9.03 -3.58 9.98
N GLU A 69 9.79 -2.98 9.07
CA GLU A 69 11.15 -2.53 9.40
C GLU A 69 11.27 -1.02 9.26
N GLY A 70 10.13 -0.35 9.10
CA GLY A 70 10.14 1.09 8.95
C GLY A 70 10.37 1.54 7.53
N LYS A 71 9.95 0.70 6.57
CA LYS A 71 10.12 1.01 5.16
C LYS A 71 8.81 0.81 4.40
N PHE A 72 8.29 1.88 3.81
CA PHE A 72 7.05 1.82 3.06
C PHE A 72 7.32 1.56 1.58
N ASP A 73 7.15 0.31 1.17
CA ASP A 73 7.38 -0.07 -0.22
C ASP A 73 6.16 0.24 -1.08
N LEU A 74 5.00 0.32 -0.44
CA LEU A 74 3.76 0.61 -1.14
C LEU A 74 3.18 1.95 -0.69
N LYS A 75 2.41 2.58 -1.57
CA LYS A 75 1.79 3.86 -1.25
C LYS A 75 0.45 4.01 -1.97
N LEU A 76 -0.33 5.01 -1.55
CA LEU A 76 -1.63 5.25 -2.15
C LEU A 76 -1.49 5.60 -3.64
N ALA A 77 -2.46 5.13 -4.44
CA ALA A 77 -2.44 5.40 -5.87
C ALA A 77 -2.53 6.89 -6.16
N PRO A 78 -2.03 7.30 -7.33
CA PRO A 78 -2.03 8.71 -7.75
C PRO A 78 -3.44 9.20 -8.07
N GLY A 79 -4.17 9.61 -7.03
CA GLY A 79 -5.52 10.11 -7.23
C GLY A 79 -6.54 9.38 -6.36
N TYR A 80 -6.05 8.44 -5.55
CA TYR A 80 -6.92 7.67 -4.66
C TYR A 80 -7.12 8.39 -3.34
N SER A 81 -8.36 8.41 -2.86
CA SER A 81 -8.68 9.07 -1.60
C SER A 81 -9.36 8.09 -0.65
N GLY A 82 -8.91 8.10 0.61
CA GLY A 82 -9.48 7.21 1.61
C GLY A 82 -10.98 7.02 1.42
N PRO A 83 -11.49 5.88 1.90
CA PRO A 83 -12.92 5.55 1.80
C PRO A 83 -13.79 6.44 2.70
N SER A 84 -14.71 7.16 2.07
CA SER A 84 -15.61 8.05 2.81
C SER A 84 -16.29 7.32 3.95
N SER A 85 -16.37 7.98 5.10
CA SER A 85 -16.99 7.38 6.28
C SER A 85 -18.40 7.93 6.48
N GLY A 86 -18.50 9.25 6.64
CA GLY A 86 -19.80 9.87 6.84
C GLY A 86 -19.80 10.83 8.02
N GLY A 1 5.83 9.19 28.89
CA GLY A 1 5.66 8.22 27.81
C GLY A 1 4.68 7.12 28.16
N SER A 2 3.44 7.49 28.38
CA SER A 2 2.39 6.54 28.73
C SER A 2 1.43 6.33 27.56
N SER A 3 1.53 5.17 26.92
CA SER A 3 0.68 4.85 25.78
C SER A 3 0.93 5.81 24.62
N GLY A 4 2.21 6.08 24.35
CA GLY A 4 2.56 6.98 23.27
C GLY A 4 2.53 6.30 21.91
N SER A 5 2.09 7.04 20.90
CA SER A 5 2.02 6.50 19.54
C SER A 5 3.39 6.40 18.91
N SER A 6 3.54 5.47 17.97
CA SER A 6 4.82 5.27 17.30
C SER A 6 4.68 5.50 15.80
N GLY A 7 5.75 5.98 15.17
CA GLY A 7 5.72 6.24 13.74
C GLY A 7 4.69 7.29 13.36
N VAL A 8 5.15 8.54 13.21
CA VAL A 8 4.26 9.63 12.85
C VAL A 8 3.97 9.63 11.36
N ARG A 9 4.43 8.59 10.66
CA ARG A 9 4.23 8.47 9.22
C ARG A 9 3.46 7.19 8.89
N SER A 10 2.63 6.74 9.82
CA SER A 10 1.84 5.53 9.63
C SER A 10 0.40 5.88 9.23
N GLN A 11 0.27 6.89 8.38
CA GLN A 11 -1.05 7.32 7.92
C GLN A 11 -1.56 6.41 6.80
N VAL A 12 -0.74 6.23 5.77
CA VAL A 12 -1.11 5.38 4.64
C VAL A 12 -1.56 4.01 5.11
N LEU A 13 -0.88 3.49 6.13
CA LEU A 13 -1.20 2.18 6.67
C LEU A 13 -2.67 2.10 7.07
N LYS A 14 -3.26 3.26 7.38
CA LYS A 14 -4.66 3.33 7.77
C LYS A 14 -5.58 3.05 6.58
N TYR A 15 -5.04 3.25 5.37
CA TYR A 15 -5.81 3.03 4.16
C TYR A 15 -5.39 1.73 3.47
N MET A 16 -4.27 1.17 3.92
CA MET A 16 -3.75 -0.08 3.36
C MET A 16 -4.72 -1.22 3.62
N VAL A 17 -5.83 -1.25 2.89
CA VAL A 17 -6.83 -2.31 3.05
C VAL A 17 -6.95 -3.14 1.77
N PRO A 18 -7.41 -4.39 1.93
CA PRO A 18 -7.59 -5.31 0.81
C PRO A 18 -8.73 -4.90 -0.11
N GLY A 19 -8.38 -4.25 -1.22
CA GLY A 19 -9.39 -3.81 -2.17
C GLY A 19 -9.24 -2.35 -2.54
N ALA A 20 -8.18 -1.72 -2.05
CA ALA A 20 -7.92 -0.32 -2.34
C ALA A 20 -6.90 -0.17 -3.47
N ARG A 21 -6.57 1.09 -3.78
CA ARG A 21 -5.60 1.37 -4.85
C ARG A 21 -4.26 1.78 -4.27
N VAL A 22 -3.19 1.21 -4.82
CA VAL A 22 -1.83 1.52 -4.35
C VAL A 22 -0.84 1.48 -5.50
N ILE A 23 0.36 2.00 -5.26
CA ILE A 23 1.40 2.02 -6.28
C ILE A 23 2.79 1.98 -5.64
N ARG A 24 3.82 1.97 -6.49
CA ARG A 24 5.19 1.92 -6.01
C ARG A 24 5.52 3.17 -5.18
N GLY A 25 6.07 2.95 -3.99
CA GLY A 25 6.43 4.06 -3.12
C GLY A 25 7.86 4.49 -3.29
N LEU A 26 8.56 4.70 -2.17
CA LEU A 26 9.95 5.11 -2.20
C LEU A 26 10.88 3.94 -1.93
N ASP A 27 10.44 3.04 -1.05
CA ASP A 27 11.24 1.87 -0.71
C ASP A 27 11.01 0.74 -1.71
N TRP A 28 10.80 1.11 -2.96
CA TRP A 28 10.57 0.13 -4.02
C TRP A 28 11.88 -0.47 -4.52
N LYS A 29 12.32 -1.55 -3.87
CA LYS A 29 13.57 -2.21 -4.25
C LYS A 29 13.32 -3.24 -5.35
N TRP A 30 12.41 -2.92 -6.26
CA TRP A 30 12.09 -3.81 -7.36
C TRP A 30 12.06 -3.06 -8.68
N ARG A 31 12.02 -3.80 -9.79
CA ARG A 31 12.00 -3.20 -11.11
C ARG A 31 10.58 -3.24 -11.70
N ASP A 32 10.16 -4.42 -12.12
CA ASP A 32 8.83 -4.59 -12.70
C ASP A 32 8.12 -5.80 -12.10
N GLN A 33 7.50 -5.62 -10.94
CA GLN A 33 6.79 -6.69 -10.27
C GLN A 33 5.43 -6.93 -10.90
N ASP A 34 4.79 -5.85 -11.35
CA ASP A 34 3.48 -5.95 -11.98
C ASP A 34 3.60 -5.86 -13.49
N GLY A 35 4.51 -6.63 -14.07
CA GLY A 35 4.71 -6.61 -15.50
C GLY A 35 5.04 -5.23 -16.03
N SER A 36 5.31 -5.15 -17.34
CA SER A 36 5.65 -3.88 -17.96
C SER A 36 4.73 -3.59 -19.15
N PRO A 37 4.51 -2.31 -19.43
CA PRO A 37 5.10 -1.21 -18.65
C PRO A 37 4.51 -1.10 -17.25
N GLN A 38 5.18 -0.34 -16.39
CA GLN A 38 4.72 -0.15 -15.03
C GLN A 38 3.25 0.24 -14.99
N GLY A 39 2.68 0.29 -13.79
CA GLY A 39 1.28 0.65 -13.63
C GLY A 39 0.85 0.71 -12.18
N GLU A 40 -0.46 0.60 -11.95
CA GLU A 40 -1.00 0.65 -10.61
C GLU A 40 -1.56 -0.71 -10.20
N GLY A 41 -1.45 -1.03 -8.91
CA GLY A 41 -1.96 -2.29 -8.41
C GLY A 41 -3.17 -2.13 -7.53
N THR A 42 -3.51 -3.18 -6.79
CA THR A 42 -4.66 -3.15 -5.90
C THR A 42 -4.47 -4.08 -4.71
N VAL A 43 -4.37 -3.49 -3.53
CA VAL A 43 -4.18 -4.27 -2.30
C VAL A 43 -5.21 -5.39 -2.20
N THR A 44 -4.77 -6.55 -1.70
CA THR A 44 -5.66 -7.70 -1.56
C THR A 44 -5.62 -8.24 -0.14
N GLY A 45 -4.66 -7.76 0.65
CA GLY A 45 -4.54 -8.21 2.02
C GLY A 45 -4.37 -7.06 2.99
N GLU A 46 -4.69 -7.31 4.26
CA GLU A 46 -4.58 -6.28 5.30
C GLU A 46 -3.18 -6.25 5.87
N LEU A 47 -2.63 -5.05 6.04
CA LEU A 47 -1.29 -4.88 6.59
C LEU A 47 -1.16 -5.58 7.94
N HIS A 48 -0.59 -6.78 7.93
CA HIS A 48 -0.41 -7.55 9.16
C HIS A 48 1.04 -7.50 9.62
N ASN A 49 1.26 -7.08 10.86
CA ASN A 49 2.60 -6.98 11.42
C ASN A 49 3.52 -6.20 10.50
N GLY A 50 2.95 -5.23 9.78
CA GLY A 50 3.74 -4.43 8.86
C GLY A 50 3.97 -5.11 7.52
N TRP A 51 2.99 -5.91 7.11
CA TRP A 51 3.10 -6.63 5.84
C TRP A 51 1.72 -6.77 5.17
N ILE A 52 1.54 -6.08 4.05
CA ILE A 52 0.28 -6.13 3.32
C ILE A 52 0.47 -6.73 1.94
N ASP A 53 -0.50 -7.54 1.53
CA ASP A 53 -0.45 -8.19 0.21
C ASP A 53 -1.20 -7.36 -0.83
N VAL A 54 -0.71 -7.40 -2.07
CA VAL A 54 -1.34 -6.66 -3.16
C VAL A 54 -1.34 -7.47 -4.45
N THR A 55 -2.50 -7.50 -5.12
CA THR A 55 -2.64 -8.24 -6.36
C THR A 55 -2.60 -7.31 -7.56
N TRP A 56 -1.42 -7.20 -8.17
CA TRP A 56 -1.26 -6.33 -9.34
C TRP A 56 -2.04 -6.87 -10.53
N ASP A 57 -2.37 -5.99 -11.47
CA ASP A 57 -3.11 -6.38 -12.66
C ASP A 57 -2.31 -7.36 -13.51
N ALA A 58 -1.06 -7.00 -13.79
CA ALA A 58 -0.19 -7.85 -14.60
C ALA A 58 -0.40 -9.32 -14.27
N GLY A 59 -0.44 -9.64 -12.97
CA GLY A 59 -0.64 -11.00 -12.55
C GLY A 59 0.37 -11.44 -11.51
N GLY A 60 0.29 -10.84 -10.32
CA GLY A 60 1.21 -11.18 -9.26
C GLY A 60 0.75 -10.67 -7.91
N SER A 61 0.84 -11.52 -6.89
CA SER A 61 0.42 -11.15 -5.54
C SER A 61 1.50 -11.48 -4.52
N ASN A 62 1.85 -10.51 -3.70
CA ASN A 62 2.87 -10.70 -2.67
C ASN A 62 2.78 -9.62 -1.60
N SER A 63 3.46 -9.83 -0.49
CA SER A 63 3.44 -8.88 0.62
C SER A 63 4.64 -7.93 0.52
N TYR A 64 4.36 -6.63 0.67
CA TYR A 64 5.40 -5.62 0.60
C TYR A 64 5.60 -4.94 1.95
N ARG A 65 6.86 -4.75 2.33
CA ARG A 65 7.19 -4.11 3.60
C ARG A 65 6.51 -2.75 3.71
N MET A 66 5.54 -2.64 4.61
CA MET A 66 4.82 -1.39 4.81
C MET A 66 4.92 -0.93 6.26
N GLY A 67 6.07 -1.18 6.87
CA GLY A 67 6.28 -0.80 8.26
C GLY A 67 7.07 -1.82 9.04
N ALA A 68 6.97 -3.08 8.63
CA ALA A 68 7.67 -4.16 9.31
C ALA A 68 9.07 -3.71 9.75
N GLU A 69 9.87 -3.26 8.80
CA GLU A 69 11.22 -2.80 9.09
C GLU A 69 11.34 -1.30 8.89
N GLY A 70 10.23 -0.59 9.09
CA GLY A 70 10.24 0.85 8.93
C GLY A 70 10.47 1.27 7.49
N LYS A 71 9.97 0.48 6.56
CA LYS A 71 10.11 0.77 5.14
C LYS A 71 8.77 0.68 4.42
N PHE A 72 8.46 1.71 3.64
CA PHE A 72 7.20 1.76 2.89
C PHE A 72 7.44 1.48 1.41
N ASP A 73 7.24 0.23 1.01
CA ASP A 73 7.43 -0.16 -0.38
C ASP A 73 6.22 0.23 -1.23
N LEU A 74 5.04 0.18 -0.63
CA LEU A 74 3.81 0.54 -1.32
C LEU A 74 3.27 1.88 -0.83
N LYS A 75 2.36 2.46 -1.61
CA LYS A 75 1.77 3.74 -1.25
C LYS A 75 0.41 3.92 -1.93
N LEU A 76 -0.30 4.98 -1.56
CA LEU A 76 -1.61 5.25 -2.13
C LEU A 76 -1.50 5.61 -3.61
N ALA A 77 -2.53 5.27 -4.37
CA ALA A 77 -2.54 5.56 -5.81
C ALA A 77 -2.87 7.02 -6.07
N PRO A 78 -2.43 7.52 -7.24
CA PRO A 78 -2.67 8.91 -7.64
C PRO A 78 -4.14 9.18 -7.96
N GLY A 79 -4.91 9.49 -6.92
CA GLY A 79 -6.32 9.77 -7.12
C GLY A 79 -7.21 8.87 -6.27
N TYR A 80 -6.65 8.31 -5.21
CA TYR A 80 -7.39 7.42 -4.33
C TYR A 80 -8.05 8.21 -3.20
N SER A 81 -7.22 8.89 -2.40
CA SER A 81 -7.72 9.68 -1.28
C SER A 81 -8.85 8.95 -0.55
N GLY A 82 -8.58 7.70 -0.16
CA GLY A 82 -9.58 6.92 0.53
C GLY A 82 -10.69 6.45 -0.38
N PRO A 83 -11.36 5.35 0.00
CA PRO A 83 -12.45 4.78 -0.79
C PRO A 83 -13.70 5.65 -0.76
N SER A 84 -14.62 5.37 -1.68
CA SER A 84 -15.86 6.14 -1.78
C SER A 84 -17.06 5.31 -1.32
N SER A 85 -17.23 5.21 0.00
CA SER A 85 -18.33 4.44 0.56
C SER A 85 -19.67 5.14 0.32
N GLY A 86 -20.26 4.91 -0.84
CA GLY A 86 -21.53 5.53 -1.18
C GLY A 86 -21.77 5.60 -2.67
N GLY A 1 5.08 20.33 30.22
CA GLY A 1 5.94 19.61 29.30
C GLY A 1 5.25 18.38 28.71
N SER A 2 4.36 18.60 27.75
CA SER A 2 3.63 17.52 27.11
C SER A 2 3.44 17.79 25.62
N SER A 3 3.74 16.80 24.80
CA SER A 3 3.59 16.94 23.35
C SER A 3 2.12 16.99 22.96
N GLY A 4 1.32 16.10 23.55
CA GLY A 4 -0.09 16.06 23.24
C GLY A 4 -0.40 15.32 21.95
N SER A 5 -0.02 15.93 20.83
CA SER A 5 -0.26 15.34 19.52
C SER A 5 1.01 14.68 18.98
N SER A 6 1.23 13.43 19.39
CA SER A 6 2.41 12.69 18.96
C SER A 6 2.38 12.45 17.45
N GLY A 7 3.36 13.02 16.74
CA GLY A 7 3.42 12.86 15.30
C GLY A 7 3.87 11.47 14.90
N VAL A 8 3.12 10.85 13.99
CA VAL A 8 3.45 9.51 13.51
C VAL A 8 3.56 9.48 11.99
N ARG A 9 4.14 8.41 11.47
CA ARG A 9 4.29 8.25 10.02
C ARG A 9 3.56 7.01 9.52
N SER A 10 2.37 6.78 10.07
CA SER A 10 1.56 5.63 9.68
C SER A 10 0.13 6.05 9.36
N GLN A 11 -0.01 6.93 8.37
CA GLN A 11 -1.31 7.41 7.96
C GLN A 11 -1.86 6.59 6.80
N VAL A 12 -0.96 6.03 6.01
CA VAL A 12 -1.35 5.21 4.86
C VAL A 12 -1.81 3.82 5.30
N LEU A 13 -1.17 3.31 6.34
CA LEU A 13 -1.52 1.98 6.86
C LEU A 13 -3.00 1.90 7.18
N LYS A 14 -3.63 3.05 7.41
CA LYS A 14 -5.05 3.09 7.71
C LYS A 14 -5.89 2.84 6.46
N TYR A 15 -5.31 3.11 5.30
CA TYR A 15 -6.00 2.91 4.03
C TYR A 15 -5.57 1.59 3.37
N MET A 16 -4.46 1.04 3.85
CA MET A 16 -3.93 -0.21 3.31
C MET A 16 -4.91 -1.36 3.55
N VAL A 17 -5.96 -1.42 2.73
CA VAL A 17 -6.96 -2.46 2.86
C VAL A 17 -7.09 -3.27 1.57
N PRO A 18 -7.57 -4.51 1.69
CA PRO A 18 -7.75 -5.40 0.54
C PRO A 18 -8.87 -4.95 -0.38
N GLY A 19 -8.51 -4.33 -1.50
CA GLY A 19 -9.51 -3.86 -2.44
C GLY A 19 -9.30 -2.40 -2.82
N ALA A 20 -8.32 -1.77 -2.20
CA ALA A 20 -8.02 -0.37 -2.48
C ALA A 20 -6.94 -0.24 -3.55
N ARG A 21 -6.59 1.00 -3.87
CA ARG A 21 -5.57 1.26 -4.89
C ARG A 21 -4.25 1.67 -4.23
N VAL A 22 -3.15 1.24 -4.84
CA VAL A 22 -1.82 1.56 -4.33
C VAL A 22 -0.77 1.48 -5.43
N ILE A 23 0.40 2.05 -5.16
CA ILE A 23 1.49 2.04 -6.12
C ILE A 23 2.84 1.98 -5.42
N ARG A 24 3.88 1.67 -6.19
CA ARG A 24 5.23 1.57 -5.64
C ARG A 24 5.59 2.83 -4.86
N GLY A 25 6.39 2.66 -3.81
CA GLY A 25 6.79 3.78 -2.98
C GLY A 25 8.27 4.10 -3.12
N LEU A 26 8.83 4.74 -2.10
CA LEU A 26 10.24 5.11 -2.11
C LEU A 26 11.11 3.90 -1.80
N ASP A 27 10.59 3.00 -0.97
CA ASP A 27 11.32 1.79 -0.60
C ASP A 27 11.08 0.67 -1.61
N TRP A 28 10.76 1.05 -2.85
CA TRP A 28 10.50 0.08 -3.90
C TRP A 28 11.81 -0.45 -4.49
N LYS A 29 12.38 -1.46 -3.84
CA LYS A 29 13.63 -2.05 -4.30
C LYS A 29 13.37 -3.11 -5.36
N TRP A 30 12.45 -2.82 -6.27
CA TRP A 30 12.11 -3.75 -7.34
C TRP A 30 12.11 -3.04 -8.70
N ARG A 31 12.48 -3.77 -9.74
CA ARG A 31 12.53 -3.22 -11.09
C ARG A 31 11.14 -3.26 -11.73
N ASP A 32 10.73 -4.46 -12.14
CA ASP A 32 9.43 -4.64 -12.78
C ASP A 32 8.67 -5.79 -12.13
N GLN A 33 7.85 -5.46 -11.14
CA GLN A 33 7.06 -6.47 -10.43
C GLN A 33 5.67 -6.59 -11.03
N ASP A 34 5.14 -5.47 -11.52
CA ASP A 34 3.81 -5.45 -12.12
C ASP A 34 3.90 -5.15 -13.62
N GLY A 35 4.79 -5.85 -14.31
CA GLY A 35 4.95 -5.65 -15.73
C GLY A 35 5.35 -4.22 -16.07
N SER A 36 5.85 -4.02 -17.28
CA SER A 36 6.28 -2.70 -17.73
C SER A 36 5.49 -2.26 -18.95
N PRO A 37 5.36 -0.93 -19.13
CA PRO A 37 5.94 0.05 -18.21
C PRO A 37 5.23 0.07 -16.87
N GLN A 38 5.78 0.83 -15.92
CA GLN A 38 5.20 0.92 -14.59
C GLN A 38 3.72 1.32 -14.66
N GLY A 39 2.94 0.85 -13.70
CA GLY A 39 1.52 1.16 -13.69
C GLY A 39 0.97 1.26 -12.28
N GLU A 40 -0.16 0.61 -12.03
CA GLU A 40 -0.79 0.64 -10.72
C GLU A 40 -1.30 -0.74 -10.34
N GLY A 41 -1.29 -1.04 -9.04
CA GLY A 41 -1.76 -2.33 -8.57
C GLY A 41 -3.05 -2.23 -7.76
N THR A 42 -3.31 -3.24 -6.93
CA THR A 42 -4.51 -3.25 -6.11
C THR A 42 -4.33 -4.16 -4.90
N VAL A 43 -4.38 -3.57 -3.71
CA VAL A 43 -4.22 -4.34 -2.47
C VAL A 43 -5.24 -5.47 -2.39
N THR A 44 -4.81 -6.61 -1.89
CA THR A 44 -5.68 -7.78 -1.77
C THR A 44 -5.66 -8.33 -0.34
N GLY A 45 -4.71 -7.83 0.46
CA GLY A 45 -4.60 -8.29 1.84
C GLY A 45 -4.49 -7.15 2.82
N GLU A 46 -4.81 -7.41 4.08
CA GLU A 46 -4.75 -6.39 5.12
C GLU A 46 -3.36 -6.35 5.75
N LEU A 47 -2.79 -5.15 5.84
CA LEU A 47 -1.47 -4.96 6.43
C LEU A 47 -1.37 -5.67 7.77
N HIS A 48 -0.71 -6.83 7.78
CA HIS A 48 -0.54 -7.59 9.01
C HIS A 48 0.92 -7.57 9.47
N ASN A 49 1.13 -7.21 10.72
CA ASN A 49 2.47 -7.15 11.29
C ASN A 49 3.39 -6.30 10.40
N GLY A 50 2.81 -5.33 9.72
CA GLY A 50 3.58 -4.46 8.84
C GLY A 50 3.85 -5.09 7.49
N TRP A 51 2.92 -5.94 7.05
CA TRP A 51 3.05 -6.60 5.76
C TRP A 51 1.70 -6.74 5.07
N ILE A 52 1.54 -6.05 3.94
CA ILE A 52 0.29 -6.09 3.20
C ILE A 52 0.51 -6.67 1.80
N ASP A 53 -0.43 -7.48 1.34
CA ASP A 53 -0.35 -8.09 0.02
C ASP A 53 -1.10 -7.25 -1.02
N VAL A 54 -0.68 -7.38 -2.28
CA VAL A 54 -1.31 -6.64 -3.36
C VAL A 54 -1.29 -7.44 -4.66
N THR A 55 -2.47 -7.68 -5.21
CA THR A 55 -2.60 -8.43 -6.45
C THR A 55 -2.56 -7.51 -7.67
N TRP A 56 -1.37 -7.30 -8.21
CA TRP A 56 -1.19 -6.44 -9.38
C TRP A 56 -2.01 -6.95 -10.56
N ASP A 57 -2.16 -6.11 -11.57
CA ASP A 57 -2.92 -6.48 -12.76
C ASP A 57 -2.02 -7.17 -13.78
N ALA A 58 -0.75 -6.77 -13.81
CA ALA A 58 0.21 -7.35 -14.75
C ALA A 58 0.87 -8.60 -14.16
N GLY A 59 1.15 -8.55 -12.86
CA GLY A 59 1.77 -9.68 -12.20
C GLY A 59 0.81 -10.44 -11.31
N GLY A 60 1.32 -11.01 -10.22
CA GLY A 60 0.48 -11.77 -9.30
C GLY A 60 0.21 -11.02 -8.02
N SER A 61 0.66 -11.58 -6.90
CA SER A 61 0.46 -10.96 -5.59
C SER A 61 1.64 -11.26 -4.67
N ASN A 62 1.93 -10.30 -3.79
CA ASN A 62 3.04 -10.45 -2.85
C ASN A 62 2.97 -9.40 -1.75
N SER A 63 3.56 -9.70 -0.60
CA SER A 63 3.56 -8.78 0.52
C SER A 63 4.76 -7.82 0.44
N TYR A 64 4.52 -6.56 0.79
CA TYR A 64 5.57 -5.55 0.75
C TYR A 64 5.71 -4.86 2.11
N ARG A 65 6.95 -4.59 2.50
CA ARG A 65 7.22 -3.92 3.77
C ARG A 65 6.51 -2.58 3.85
N MET A 66 5.53 -2.47 4.75
CA MET A 66 4.79 -1.23 4.92
C MET A 66 4.86 -0.76 6.36
N GLY A 67 5.98 -1.02 7.02
CA GLY A 67 6.16 -0.60 8.39
C GLY A 67 6.90 -1.63 9.22
N ALA A 68 6.88 -2.89 8.77
CA ALA A 68 7.57 -3.96 9.47
C ALA A 68 8.91 -3.50 10.01
N GLU A 69 9.75 -3.00 9.11
CA GLU A 69 11.08 -2.54 9.50
C GLU A 69 11.19 -1.02 9.32
N GLY A 70 10.04 -0.35 9.35
CA GLY A 70 10.04 1.10 9.20
C GLY A 70 10.29 1.53 7.77
N LYS A 71 9.87 0.71 6.82
CA LYS A 71 10.05 1.01 5.41
C LYS A 71 8.75 0.85 4.64
N PHE A 72 8.35 1.90 3.93
CA PHE A 72 7.12 1.89 3.15
C PHE A 72 7.41 1.60 1.68
N ASP A 73 7.13 0.36 1.26
CA ASP A 73 7.37 -0.04 -0.12
C ASP A 73 6.19 0.36 -1.01
N LEU A 74 4.99 0.31 -0.44
CA LEU A 74 3.78 0.66 -1.17
C LEU A 74 3.22 2.00 -0.70
N LYS A 75 2.29 2.55 -1.47
CA LYS A 75 1.67 3.83 -1.13
C LYS A 75 0.34 3.99 -1.84
N LEU A 76 -0.36 5.08 -1.53
CA LEU A 76 -1.66 5.35 -2.14
C LEU A 76 -1.50 5.74 -3.61
N ALA A 77 -2.41 5.26 -4.45
CA ALA A 77 -2.37 5.57 -5.87
C ALA A 77 -2.63 7.04 -6.13
N PRO A 78 -2.13 7.54 -7.26
CA PRO A 78 -2.30 8.95 -7.65
C PRO A 78 -3.74 9.26 -8.04
N GLY A 79 -4.53 9.68 -7.06
CA GLY A 79 -5.93 10.01 -7.32
C GLY A 79 -6.89 9.10 -6.60
N TYR A 80 -6.44 8.55 -5.46
CA TYR A 80 -7.27 7.65 -4.67
C TYR A 80 -7.56 8.24 -3.29
N SER A 81 -8.84 8.29 -2.94
CA SER A 81 -9.25 8.83 -1.65
C SER A 81 -10.01 7.78 -0.83
N GLY A 82 -9.26 6.99 -0.06
CA GLY A 82 -9.88 5.96 0.75
C GLY A 82 -10.82 5.08 -0.05
N PRO A 83 -11.48 4.13 0.65
CA PRO A 83 -12.42 3.21 0.02
C PRO A 83 -13.70 3.90 -0.44
N SER A 84 -14.17 4.86 0.36
CA SER A 84 -15.38 5.60 0.03
C SER A 84 -15.55 6.79 0.95
N SER A 85 -15.76 7.97 0.36
CA SER A 85 -15.93 9.20 1.13
C SER A 85 -16.94 8.98 2.26
N GLY A 86 -16.55 9.41 3.47
CA GLY A 86 -17.43 9.26 4.62
C GLY A 86 -16.98 10.10 5.80
N GLY A 1 -16.03 17.03 23.21
CA GLY A 1 -15.88 16.11 22.10
C GLY A 1 -14.65 16.38 21.26
N SER A 2 -14.40 17.65 20.98
CA SER A 2 -13.24 18.04 20.18
C SER A 2 -11.99 17.28 20.63
N SER A 3 -11.01 17.18 19.73
CA SER A 3 -9.77 16.48 20.04
C SER A 3 -8.70 16.81 19.01
N GLY A 4 -7.55 17.28 19.49
CA GLY A 4 -6.46 17.64 18.60
C GLY A 4 -5.58 16.45 18.26
N SER A 5 -5.52 16.11 16.97
CA SER A 5 -4.71 14.98 16.52
C SER A 5 -3.41 15.46 15.89
N SER A 6 -2.31 15.22 16.58
CA SER A 6 -0.99 15.64 16.10
C SER A 6 -0.55 14.77 14.92
N GLY A 7 0.47 15.23 14.20
CA GLY A 7 0.97 14.48 13.06
C GLY A 7 1.75 13.25 13.48
N VAL A 8 1.30 12.08 13.01
CA VAL A 8 1.95 10.83 13.33
C VAL A 8 2.14 9.96 12.08
N ARG A 9 3.31 9.33 11.98
CA ARG A 9 3.62 8.49 10.83
C ARG A 9 2.55 7.41 10.66
N SER A 10 2.77 6.50 9.72
CA SER A 10 1.83 5.42 9.45
C SER A 10 0.49 5.96 8.99
N GLN A 11 0.54 7.04 8.20
CA GLN A 11 -0.67 7.66 7.69
C GLN A 11 -1.31 6.82 6.59
N VAL A 12 -0.48 6.34 5.67
CA VAL A 12 -0.96 5.51 4.57
C VAL A 12 -1.35 4.12 5.06
N LEU A 13 -0.67 3.64 6.09
CA LEU A 13 -0.95 2.33 6.66
C LEU A 13 -2.41 2.23 7.10
N LYS A 14 -3.07 3.38 7.21
CA LYS A 14 -4.47 3.42 7.62
C LYS A 14 -5.39 3.14 6.45
N TYR A 15 -4.90 3.39 5.23
CA TYR A 15 -5.69 3.15 4.02
C TYR A 15 -5.35 1.80 3.41
N MET A 16 -4.21 1.24 3.82
CA MET A 16 -3.77 -0.05 3.31
C MET A 16 -4.81 -1.14 3.61
N VAL A 17 -5.82 -1.23 2.77
CA VAL A 17 -6.87 -2.22 2.95
C VAL A 17 -7.05 -3.07 1.68
N PRO A 18 -7.57 -4.30 1.87
CA PRO A 18 -7.80 -5.22 0.75
C PRO A 18 -8.95 -4.76 -0.15
N GLY A 19 -8.59 -4.15 -1.27
CA GLY A 19 -9.60 -3.68 -2.20
C GLY A 19 -9.37 -2.24 -2.62
N ALA A 20 -8.38 -1.60 -2.02
CA ALA A 20 -8.06 -0.21 -2.34
C ALA A 20 -6.99 -0.13 -3.41
N ARG A 21 -6.64 1.09 -3.81
CA ARG A 21 -5.63 1.31 -4.84
C ARG A 21 -4.30 1.73 -4.22
N VAL A 22 -3.21 1.23 -4.79
CA VAL A 22 -1.87 1.55 -4.29
C VAL A 22 -0.85 1.55 -5.43
N ILE A 23 0.30 2.15 -5.17
CA ILE A 23 1.36 2.21 -6.16
C ILE A 23 2.74 2.12 -5.51
N ARG A 24 3.75 1.82 -6.32
CA ARG A 24 5.12 1.70 -5.82
C ARG A 24 5.55 2.96 -5.10
N GLY A 25 6.29 2.80 -4.01
CA GLY A 25 6.76 3.94 -3.24
C GLY A 25 8.23 4.25 -3.49
N LEU A 26 8.85 4.94 -2.54
CA LEU A 26 10.26 5.29 -2.67
C LEU A 26 11.15 4.10 -2.33
N ASP A 27 10.64 3.20 -1.50
CA ASP A 27 11.38 2.01 -1.10
C ASP A 27 11.17 0.87 -2.10
N TRP A 28 10.95 1.23 -3.35
CA TRP A 28 10.72 0.24 -4.40
C TRP A 28 12.05 -0.29 -4.95
N LYS A 29 12.62 -1.26 -4.24
CA LYS A 29 13.89 -1.86 -4.65
C LYS A 29 13.66 -3.02 -5.62
N TRP A 30 12.55 -2.97 -6.35
CA TRP A 30 12.22 -4.02 -7.30
C TRP A 30 12.09 -3.45 -8.71
N ARG A 31 11.68 -4.30 -9.65
CA ARG A 31 11.52 -3.87 -11.03
C ARG A 31 10.04 -3.65 -11.37
N ASP A 32 9.76 -3.36 -12.63
CA ASP A 32 8.39 -3.12 -13.07
C ASP A 32 7.54 -4.38 -12.91
N GLN A 33 7.04 -4.60 -11.70
CA GLN A 33 6.21 -5.76 -11.42
C GLN A 33 4.74 -5.45 -11.64
N ASP A 34 4.30 -4.30 -11.12
CA ASP A 34 2.90 -3.89 -11.27
C ASP A 34 2.47 -3.95 -12.72
N GLY A 35 3.31 -3.45 -13.62
CA GLY A 35 2.99 -3.45 -15.03
C GLY A 35 3.41 -2.17 -15.73
N SER A 36 3.89 -2.31 -16.96
CA SER A 36 4.34 -1.17 -17.74
C SER A 36 3.34 -0.84 -18.86
N PRO A 37 3.23 0.46 -19.19
CA PRO A 37 3.99 1.51 -18.52
C PRO A 37 3.54 1.73 -17.07
N GLN A 38 4.27 2.57 -16.35
CA GLN A 38 3.93 2.87 -14.96
C GLN A 38 2.43 2.84 -14.74
N GLY A 39 1.96 1.84 -13.99
CA GLY A 39 0.54 1.72 -13.71
C GLY A 39 0.23 1.80 -12.23
N GLU A 40 -0.83 1.12 -11.81
CA GLU A 40 -1.24 1.14 -10.41
C GLU A 40 -1.69 -0.26 -9.97
N GLY A 41 -1.49 -0.55 -8.69
CA GLY A 41 -1.86 -1.85 -8.16
C GLY A 41 -3.14 -1.79 -7.33
N THR A 42 -3.49 -2.91 -6.70
CA THR A 42 -4.69 -2.98 -5.88
C THR A 42 -4.48 -3.92 -4.70
N VAL A 43 -4.42 -3.35 -3.50
CA VAL A 43 -4.23 -4.14 -2.29
C VAL A 43 -5.28 -5.24 -2.18
N THR A 44 -4.87 -6.40 -1.68
CA THR A 44 -5.77 -7.53 -1.53
C THR A 44 -5.74 -8.08 -0.10
N GLY A 45 -4.78 -7.61 0.69
CA GLY A 45 -4.65 -8.05 2.05
C GLY A 45 -4.51 -6.91 3.03
N GLU A 46 -4.84 -7.15 4.29
CA GLU A 46 -4.76 -6.13 5.33
C GLU A 46 -3.37 -6.11 5.97
N LEU A 47 -2.73 -4.95 5.95
CA LEU A 47 -1.40 -4.80 6.52
C LEU A 47 -1.32 -5.46 7.90
N HIS A 48 -0.62 -6.59 7.96
CA HIS A 48 -0.46 -7.32 9.21
C HIS A 48 0.99 -7.27 9.69
N ASN A 49 1.19 -6.78 10.90
CA ASN A 49 2.52 -6.68 11.48
C ASN A 49 3.46 -5.93 10.55
N GLY A 50 2.90 -5.06 9.71
CA GLY A 50 3.70 -4.29 8.79
C GLY A 50 3.91 -5.01 7.47
N TRP A 51 2.94 -5.80 7.06
CA TRP A 51 3.02 -6.55 5.82
C TRP A 51 1.66 -6.66 5.14
N ILE A 52 1.50 -5.96 4.02
CA ILE A 52 0.25 -5.97 3.28
C ILE A 52 0.43 -6.61 1.91
N ASP A 53 -0.55 -7.41 1.50
CA ASP A 53 -0.50 -8.09 0.20
C ASP A 53 -1.21 -7.26 -0.86
N VAL A 54 -0.71 -7.35 -2.09
CA VAL A 54 -1.29 -6.60 -3.20
C VAL A 54 -1.23 -7.41 -4.50
N THR A 55 -2.37 -7.58 -5.15
CA THR A 55 -2.45 -8.32 -6.40
C THR A 55 -2.50 -7.39 -7.59
N TRP A 56 -1.35 -7.14 -8.19
CA TRP A 56 -1.27 -6.26 -9.36
C TRP A 56 -2.06 -6.84 -10.53
N ASP A 57 -2.49 -5.96 -11.42
CA ASP A 57 -3.26 -6.38 -12.59
C ASP A 57 -2.44 -7.33 -13.47
N ALA A 58 -1.15 -7.03 -13.60
CA ALA A 58 -0.27 -7.85 -14.41
C ALA A 58 -0.46 -9.33 -14.10
N GLY A 59 -0.51 -9.66 -12.82
CA GLY A 59 -0.70 -11.05 -12.41
C GLY A 59 0.41 -11.53 -11.49
N GLY A 60 0.22 -11.33 -10.19
CA GLY A 60 1.21 -11.75 -9.22
C GLY A 60 1.10 -10.99 -7.91
N SER A 61 0.50 -11.63 -6.91
CA SER A 61 0.33 -11.02 -5.60
C SER A 61 1.49 -11.37 -4.67
N ASN A 62 1.80 -10.46 -3.76
CA ASN A 62 2.89 -10.68 -2.81
C ASN A 62 2.86 -9.64 -1.69
N SER A 63 3.51 -9.96 -0.58
CA SER A 63 3.55 -9.06 0.57
C SER A 63 4.72 -8.09 0.45
N TYR A 64 4.45 -6.80 0.66
CA TYR A 64 5.48 -5.78 0.57
C TYR A 64 5.68 -5.11 1.93
N ARG A 65 6.93 -4.75 2.22
CA ARG A 65 7.26 -4.09 3.48
C ARG A 65 6.61 -2.72 3.57
N MET A 66 5.66 -2.59 4.50
CA MET A 66 4.97 -1.31 4.68
C MET A 66 5.11 -0.83 6.12
N GLY A 67 6.20 -1.20 6.77
CA GLY A 67 6.44 -0.79 8.14
C GLY A 67 7.20 -1.84 8.94
N ALA A 68 7.08 -3.09 8.52
CA ALA A 68 7.76 -4.19 9.20
C ALA A 68 9.18 -3.79 9.62
N GLU A 69 9.92 -3.22 8.67
CA GLU A 69 11.28 -2.79 8.94
C GLU A 69 11.42 -1.27 8.76
N GLY A 70 10.32 -0.56 8.92
CA GLY A 70 10.33 0.88 8.78
C GLY A 70 10.57 1.32 7.36
N LYS A 71 10.08 0.54 6.41
CA LYS A 71 10.24 0.85 4.99
C LYS A 71 8.91 0.73 4.24
N PHE A 72 8.43 1.86 3.73
CA PHE A 72 7.17 1.88 2.99
C PHE A 72 7.40 1.64 1.50
N ASP A 73 7.23 0.39 1.08
CA ASP A 73 7.42 0.03 -0.33
C ASP A 73 6.19 0.41 -1.16
N LEU A 74 5.02 0.32 -0.54
CA LEU A 74 3.77 0.66 -1.22
C LEU A 74 3.22 1.98 -0.72
N LYS A 75 2.32 2.58 -1.50
CA LYS A 75 1.70 3.85 -1.13
C LYS A 75 0.37 4.04 -1.84
N LEU A 76 -0.30 5.15 -1.58
CA LEU A 76 -1.58 5.45 -2.20
C LEU A 76 -1.41 5.79 -3.67
N ALA A 77 -2.40 5.41 -4.47
CA ALA A 77 -2.36 5.67 -5.91
C ALA A 77 -2.63 7.15 -6.20
N PRO A 78 -2.16 7.61 -7.36
CA PRO A 78 -2.34 9.00 -7.79
C PRO A 78 -3.79 9.32 -8.13
N GLY A 79 -4.59 9.63 -7.10
CA GLY A 79 -5.98 9.96 -7.30
C GLY A 79 -6.90 9.07 -6.49
N TYR A 80 -6.42 8.60 -5.35
CA TYR A 80 -7.21 7.74 -4.48
C TYR A 80 -7.38 8.37 -3.10
N SER A 81 -8.62 8.44 -2.64
CA SER A 81 -8.92 9.03 -1.34
C SER A 81 -9.14 7.93 -0.30
N GLY A 82 -10.15 7.10 -0.51
CA GLY A 82 -10.44 6.02 0.42
C GLY A 82 -11.82 5.43 0.20
N PRO A 83 -12.15 4.39 0.99
CA PRO A 83 -13.45 3.72 0.90
C PRO A 83 -14.60 4.59 1.40
N SER A 84 -15.74 4.51 0.71
CA SER A 84 -16.91 5.30 1.07
C SER A 84 -18.03 4.39 1.58
N SER A 85 -18.26 4.44 2.89
CA SER A 85 -19.30 3.63 3.50
C SER A 85 -20.69 4.19 3.20
N GLY A 86 -21.60 3.31 2.82
CA GLY A 86 -22.96 3.73 2.49
C GLY A 86 -24.01 2.87 3.16
N GLY A 1 -20.07 11.52 17.05
CA GLY A 1 -18.73 11.09 16.71
C GLY A 1 -17.70 12.17 16.93
N SER A 2 -16.43 11.82 16.80
CA SER A 2 -15.34 12.78 16.99
C SER A 2 -14.14 12.42 16.11
N SER A 3 -13.34 13.43 15.77
CA SER A 3 -12.17 13.22 14.93
C SER A 3 -10.99 14.04 15.45
N GLY A 4 -9.79 13.69 14.99
CA GLY A 4 -8.60 14.40 15.42
C GLY A 4 -7.52 14.41 14.35
N SER A 5 -7.84 14.98 13.19
CA SER A 5 -6.89 15.04 12.09
C SER A 5 -5.47 15.24 12.61
N SER A 6 -4.57 14.36 12.17
CA SER A 6 -3.17 14.44 12.59
C SER A 6 -2.24 14.22 11.40
N GLY A 7 -0.94 14.36 11.65
CA GLY A 7 0.04 14.19 10.59
C GLY A 7 1.17 13.26 11.00
N VAL A 8 0.87 11.99 11.16
CA VAL A 8 1.86 11.00 11.56
C VAL A 8 2.50 10.34 10.33
N ARG A 9 3.42 9.42 10.58
CA ARG A 9 4.11 8.72 9.50
C ARG A 9 3.35 7.46 9.09
N SER A 10 2.68 6.84 10.07
CA SER A 10 1.91 5.63 9.82
C SER A 10 0.46 5.95 9.51
N GLN A 11 0.26 6.83 8.53
CA GLN A 11 -1.08 7.23 8.14
C GLN A 11 -1.60 6.36 6.99
N VAL A 12 -0.78 6.19 5.97
CA VAL A 12 -1.14 5.38 4.81
C VAL A 12 -1.62 4.00 5.24
N LEU A 13 -1.02 3.48 6.31
CA LEU A 13 -1.38 2.16 6.82
C LEU A 13 -2.88 2.09 7.14
N LYS A 14 -3.48 3.24 7.37
CA LYS A 14 -4.90 3.32 7.68
C LYS A 14 -5.75 3.06 6.43
N TYR A 15 -5.13 3.25 5.27
CA TYR A 15 -5.82 3.04 4.00
C TYR A 15 -5.38 1.74 3.34
N MET A 16 -4.37 1.10 3.92
CA MET A 16 -3.84 -0.15 3.39
C MET A 16 -4.84 -1.29 3.64
N VAL A 17 -5.98 -1.24 2.96
CA VAL A 17 -7.01 -2.26 3.11
C VAL A 17 -7.13 -3.08 1.84
N PRO A 18 -7.60 -4.34 1.99
CA PRO A 18 -7.78 -5.25 0.86
C PRO A 18 -8.94 -4.83 -0.05
N GLY A 19 -8.60 -4.14 -1.13
CA GLY A 19 -9.62 -3.68 -2.06
C GLY A 19 -9.40 -2.26 -2.51
N ALA A 20 -8.35 -1.62 -1.98
CA ALA A 20 -8.03 -0.24 -2.34
C ALA A 20 -7.01 -0.19 -3.47
N ARG A 21 -6.58 1.02 -3.81
CA ARG A 21 -5.61 1.22 -4.88
C ARG A 21 -4.26 1.65 -4.31
N VAL A 22 -3.19 1.05 -4.83
CA VAL A 22 -1.84 1.37 -4.38
C VAL A 22 -0.85 1.34 -5.54
N ILE A 23 0.32 1.92 -5.32
CA ILE A 23 1.36 1.95 -6.35
C ILE A 23 2.74 1.78 -5.73
N ARG A 24 3.74 1.56 -6.58
CA ARG A 24 5.11 1.39 -6.13
C ARG A 24 5.58 2.59 -5.32
N GLY A 25 6.02 2.33 -4.08
CA GLY A 25 6.48 3.40 -3.23
C GLY A 25 7.93 3.77 -3.48
N LEU A 26 8.58 4.36 -2.49
CA LEU A 26 9.98 4.77 -2.62
C LEU A 26 10.91 3.59 -2.33
N ASP A 27 10.50 2.73 -1.39
CA ASP A 27 11.30 1.56 -1.03
C ASP A 27 10.98 0.38 -1.95
N TRP A 28 10.91 0.64 -3.24
CA TRP A 28 10.62 -0.39 -4.22
C TRP A 28 11.89 -0.94 -4.85
N LYS A 29 12.63 -1.74 -4.09
CA LYS A 29 13.88 -2.32 -4.56
C LYS A 29 13.60 -3.53 -5.46
N TRP A 30 12.34 -3.71 -5.85
CA TRP A 30 11.95 -4.81 -6.70
C TRP A 30 11.75 -4.34 -8.14
N ARG A 31 11.98 -5.24 -9.09
CA ARG A 31 11.82 -4.91 -10.51
C ARG A 31 10.35 -4.92 -10.91
N ASP A 32 10.08 -4.59 -12.17
CA ASP A 32 8.72 -4.56 -12.68
C ASP A 32 7.99 -5.87 -12.38
N GLN A 33 7.26 -5.90 -11.27
CA GLN A 33 6.53 -7.09 -10.86
C GLN A 33 5.13 -7.10 -11.47
N ASP A 34 4.55 -5.91 -11.61
CA ASP A 34 3.21 -5.78 -12.17
C ASP A 34 3.28 -5.54 -13.68
N GLY A 35 4.21 -6.21 -14.34
CA GLY A 35 4.37 -6.07 -15.78
C GLY A 35 4.87 -4.70 -16.16
N SER A 36 5.09 -4.49 -17.45
CA SER A 36 5.58 -3.21 -17.95
C SER A 36 4.77 -2.75 -19.17
N PRO A 37 4.55 -1.43 -19.26
CA PRO A 37 5.04 -0.47 -18.27
C PRO A 37 4.32 -0.59 -16.92
N GLN A 38 4.86 0.07 -15.91
CA GLN A 38 4.26 0.04 -14.58
C GLN A 38 3.10 1.01 -14.47
N GLY A 39 2.06 0.60 -13.75
CA GLY A 39 0.90 1.44 -13.58
C GLY A 39 0.44 1.54 -12.14
N GLU A 40 -0.67 0.88 -11.83
CA GLU A 40 -1.20 0.89 -10.48
C GLU A 40 -1.70 -0.50 -10.07
N GLY A 41 -1.63 -0.79 -8.77
CA GLY A 41 -2.07 -2.09 -8.28
C GLY A 41 -3.34 -1.99 -7.47
N THR A 42 -3.55 -2.96 -6.58
CA THR A 42 -4.74 -2.99 -5.74
C THR A 42 -4.56 -3.93 -4.55
N VAL A 43 -4.46 -3.35 -3.36
CA VAL A 43 -4.28 -4.14 -2.14
C VAL A 43 -5.31 -5.26 -2.06
N THR A 44 -4.89 -6.41 -1.56
CA THR A 44 -5.78 -7.56 -1.42
C THR A 44 -5.76 -8.11 0.00
N GLY A 45 -4.80 -7.64 0.79
CA GLY A 45 -4.68 -8.09 2.16
C GLY A 45 -4.54 -6.95 3.14
N GLU A 46 -4.82 -7.21 4.41
CA GLU A 46 -4.72 -6.19 5.44
C GLU A 46 -3.31 -6.15 6.04
N LEU A 47 -2.73 -4.96 6.11
CA LEU A 47 -1.39 -4.79 6.66
C LEU A 47 -1.26 -5.50 8.01
N HIS A 48 -0.56 -6.62 8.02
CA HIS A 48 -0.34 -7.39 9.24
C HIS A 48 1.12 -7.33 9.68
N ASN A 49 1.35 -6.94 10.92
CA ASN A 49 2.69 -6.84 11.46
C ASN A 49 3.59 -6.03 10.53
N GLY A 50 2.98 -5.13 9.76
CA GLY A 50 3.75 -4.31 8.84
C GLY A 50 3.97 -4.99 7.50
N TRP A 51 3.02 -5.86 7.11
CA TRP A 51 3.12 -6.58 5.85
C TRP A 51 1.74 -6.70 5.20
N ILE A 52 1.56 -6.00 4.09
CA ILE A 52 0.29 -6.04 3.36
C ILE A 52 0.48 -6.62 1.96
N ASP A 53 -0.50 -7.42 1.53
CA ASP A 53 -0.45 -8.03 0.21
C ASP A 53 -1.18 -7.18 -0.82
N VAL A 54 -0.74 -7.26 -2.06
CA VAL A 54 -1.36 -6.49 -3.14
C VAL A 54 -1.31 -7.26 -4.46
N THR A 55 -2.48 -7.43 -5.08
CA THR A 55 -2.57 -8.15 -6.34
C THR A 55 -2.67 -7.18 -7.52
N TRP A 56 -1.56 -6.98 -8.22
CA TRP A 56 -1.52 -6.08 -9.36
C TRP A 56 -2.25 -6.69 -10.55
N ASP A 57 -2.92 -5.85 -11.33
CA ASP A 57 -3.65 -6.31 -12.50
C ASP A 57 -2.80 -7.26 -13.34
N ALA A 58 -1.59 -6.82 -13.67
CA ALA A 58 -0.68 -7.64 -14.47
C ALA A 58 -0.80 -9.11 -14.11
N GLY A 59 -0.73 -9.41 -12.81
CA GLY A 59 -0.83 -10.77 -12.36
C GLY A 59 0.36 -11.19 -11.51
N GLY A 60 0.26 -10.96 -10.20
CA GLY A 60 1.34 -11.33 -9.30
C GLY A 60 1.24 -10.64 -7.96
N SER A 61 0.59 -11.30 -7.01
CA SER A 61 0.41 -10.73 -5.67
C SER A 61 1.55 -11.17 -4.75
N ASN A 62 1.86 -10.32 -3.77
CA ASN A 62 2.92 -10.62 -2.81
C ASN A 62 2.89 -9.64 -1.65
N SER A 63 3.60 -9.98 -0.57
CA SER A 63 3.65 -9.13 0.61
C SER A 63 4.78 -8.12 0.49
N TYR A 64 4.50 -6.87 0.86
CA TYR A 64 5.49 -5.80 0.80
C TYR A 64 5.59 -5.08 2.14
N ARG A 65 6.80 -4.66 2.49
CA ARG A 65 7.03 -3.96 3.73
C ARG A 65 6.34 -2.60 3.74
N MET A 66 5.59 -2.31 4.79
CA MET A 66 4.88 -1.05 4.91
C MET A 66 5.05 -0.45 6.30
N GLY A 67 6.11 -0.87 6.98
CA GLY A 67 6.37 -0.36 8.33
C GLY A 67 7.05 -1.39 9.21
N ALA A 68 6.95 -2.65 8.82
CA ALA A 68 7.57 -3.73 9.59
C ALA A 68 9.01 -3.38 9.98
N GLU A 69 9.77 -2.88 9.01
CA GLU A 69 11.16 -2.51 9.25
C GLU A 69 11.38 -1.02 8.99
N GLY A 70 10.29 -0.26 9.00
CA GLY A 70 10.38 1.17 8.76
C GLY A 70 10.62 1.50 7.30
N LYS A 71 10.08 0.66 6.41
CA LYS A 71 10.24 0.87 4.98
C LYS A 71 8.90 0.78 4.27
N PHE A 72 8.55 1.84 3.53
CA PHE A 72 7.29 1.88 2.80
C PHE A 72 7.50 1.49 1.33
N ASP A 73 7.24 0.22 1.03
CA ASP A 73 7.39 -0.29 -0.32
C ASP A 73 6.18 0.08 -1.18
N LEU A 74 5.02 0.21 -0.55
CA LEU A 74 3.80 0.56 -1.26
C LEU A 74 3.24 1.89 -0.76
N LYS A 75 2.41 2.53 -1.57
CA LYS A 75 1.81 3.80 -1.21
C LYS A 75 0.50 4.03 -1.97
N LEU A 76 -0.34 4.91 -1.45
CA LEU A 76 -1.62 5.22 -2.08
C LEU A 76 -1.42 5.59 -3.55
N ALA A 77 -2.39 5.21 -4.39
CA ALA A 77 -2.32 5.51 -5.81
C ALA A 77 -2.52 7.00 -6.07
N PRO A 78 -1.99 7.48 -7.20
CA PRO A 78 -2.08 8.89 -7.58
C PRO A 78 -3.50 9.29 -7.97
N GLY A 79 -4.33 9.57 -6.96
CA GLY A 79 -5.71 9.95 -7.22
C GLY A 79 -6.70 9.12 -6.43
N TYR A 80 -6.21 8.44 -5.39
CA TYR A 80 -7.06 7.60 -4.56
C TYR A 80 -7.16 8.16 -3.15
N SER A 81 -8.38 8.40 -2.69
CA SER A 81 -8.62 8.94 -1.36
C SER A 81 -8.96 7.82 -0.37
N GLY A 82 -10.01 7.08 -0.68
CA GLY A 82 -10.42 5.99 0.19
C GLY A 82 -11.83 5.52 -0.10
N PRO A 83 -12.26 4.45 0.57
CA PRO A 83 -13.59 3.88 0.40
C PRO A 83 -14.68 4.77 0.98
N SER A 84 -15.86 4.74 0.37
CA SER A 84 -16.99 5.55 0.83
C SER A 84 -17.84 4.79 1.84
N SER A 85 -18.28 5.50 2.87
CA SER A 85 -19.10 4.90 3.93
C SER A 85 -20.46 4.47 3.37
N GLY A 86 -21.27 3.86 4.23
CA GLY A 86 -22.59 3.42 3.81
C GLY A 86 -22.53 2.19 2.92
N GLY A 1 -10.03 -5.97 14.13
CA GLY A 1 -9.48 -4.62 14.13
C GLY A 1 -8.04 -4.58 14.59
N SER A 2 -7.47 -3.39 14.63
CA SER A 2 -6.09 -3.21 15.06
C SER A 2 -6.02 -2.66 16.47
N SER A 3 -4.82 -2.65 17.05
CA SER A 3 -4.62 -2.15 18.40
C SER A 3 -5.26 -0.78 18.57
N GLY A 4 -4.95 0.12 17.64
CA GLY A 4 -5.49 1.47 17.71
C GLY A 4 -4.51 2.46 18.29
N SER A 5 -3.67 3.02 17.42
CA SER A 5 -2.66 3.98 17.86
C SER A 5 -2.60 5.17 16.89
N SER A 6 -2.28 6.34 17.42
CA SER A 6 -2.19 7.55 16.62
C SER A 6 -0.74 7.84 16.23
N GLY A 7 -0.52 8.03 14.93
CA GLY A 7 0.83 8.30 14.45
C GLY A 7 0.84 9.22 13.24
N VAL A 8 2.01 9.72 12.88
CA VAL A 8 2.14 10.62 11.75
C VAL A 8 2.87 9.95 10.59
N ARG A 9 3.42 8.76 10.86
CA ARG A 9 4.15 8.01 9.84
C ARG A 9 3.32 6.85 9.32
N SER A 10 2.40 6.36 10.15
CA SER A 10 1.54 5.25 9.77
C SER A 10 0.20 5.76 9.24
N GLN A 11 0.25 6.78 8.39
CA GLN A 11 -0.95 7.36 7.82
C GLN A 11 -1.51 6.47 6.72
N VAL A 12 -0.69 6.18 5.72
CA VAL A 12 -1.10 5.34 4.61
C VAL A 12 -1.54 3.95 5.09
N LEU A 13 -0.88 3.47 6.14
CA LEU A 13 -1.20 2.16 6.70
C LEU A 13 -2.67 2.07 7.08
N LYS A 14 -3.29 3.22 7.31
CA LYS A 14 -4.69 3.28 7.68
C LYS A 14 -5.57 3.04 6.46
N TYR A 15 -5.02 3.24 5.28
CA TYR A 15 -5.76 3.04 4.03
C TYR A 15 -5.35 1.74 3.35
N MET A 16 -4.28 1.13 3.85
CA MET A 16 -3.78 -0.12 3.29
C MET A 16 -4.77 -1.25 3.56
N VAL A 17 -5.86 -1.28 2.80
CA VAL A 17 -6.87 -2.32 2.96
C VAL A 17 -7.01 -3.16 1.70
N PRO A 18 -7.48 -4.41 1.86
CA PRO A 18 -7.67 -5.33 0.75
C PRO A 18 -8.80 -4.92 -0.18
N GLY A 19 -8.46 -4.25 -1.28
CA GLY A 19 -9.47 -3.80 -2.21
C GLY A 19 -9.27 -2.36 -2.63
N ALA A 20 -8.27 -1.70 -2.04
CA ALA A 20 -7.99 -0.30 -2.35
C ALA A 20 -6.91 -0.19 -3.42
N ARG A 21 -6.62 1.04 -3.84
CA ARG A 21 -5.62 1.28 -4.87
C ARG A 21 -4.29 1.66 -4.23
N VAL A 22 -3.20 1.15 -4.79
CA VAL A 22 -1.86 1.43 -4.28
C VAL A 22 -0.82 1.36 -5.39
N ILE A 23 0.31 2.02 -5.18
CA ILE A 23 1.39 2.03 -6.17
C ILE A 23 2.76 1.93 -5.49
N ARG A 24 3.81 1.89 -6.30
CA ARG A 24 5.16 1.80 -5.78
C ARG A 24 5.45 2.94 -4.81
N GLY A 25 6.27 2.65 -3.80
CA GLY A 25 6.61 3.66 -2.81
C GLY A 25 8.04 4.16 -2.95
N LEU A 26 8.67 4.46 -1.83
CA LEU A 26 10.04 4.95 -1.82
C LEU A 26 11.03 3.80 -1.70
N ASP A 27 10.72 2.86 -0.81
CA ASP A 27 11.58 1.71 -0.58
C ASP A 27 11.24 0.58 -1.56
N TRP A 28 10.90 0.95 -2.79
CA TRP A 28 10.56 -0.03 -3.81
C TRP A 28 11.79 -0.82 -4.26
N LYS A 29 11.97 -2.00 -3.69
CA LYS A 29 13.11 -2.85 -4.03
C LYS A 29 12.70 -3.92 -5.05
N TRP A 30 11.41 -4.24 -5.07
CA TRP A 30 10.90 -5.25 -6.00
C TRP A 30 10.81 -4.70 -7.41
N ARG A 31 11.77 -5.08 -8.25
CA ARG A 31 11.79 -4.62 -9.63
C ARG A 31 10.41 -4.75 -10.27
N ASP A 32 10.28 -4.22 -11.49
CA ASP A 32 9.02 -4.27 -12.21
C ASP A 32 8.27 -5.57 -11.92
N GLN A 33 7.39 -5.52 -10.93
CA GLN A 33 6.61 -6.70 -10.54
C GLN A 33 5.27 -6.73 -11.28
N ASP A 34 4.63 -5.58 -11.37
CA ASP A 34 3.34 -5.48 -12.05
C ASP A 34 3.53 -5.17 -13.54
N GLY A 35 4.51 -5.82 -14.15
CA GLY A 35 4.78 -5.61 -15.56
C GLY A 35 5.44 -4.26 -15.83
N SER A 36 5.71 -3.98 -17.09
CA SER A 36 6.36 -2.73 -17.47
C SER A 36 5.68 -2.12 -18.70
N PRO A 37 5.68 -0.78 -18.77
CA PRO A 37 6.30 0.07 -17.74
C PRO A 37 5.53 0.04 -16.43
N GLN A 38 6.12 0.62 -15.39
CA GLN A 38 5.49 0.67 -14.07
C GLN A 38 4.00 0.97 -14.20
N GLY A 39 3.20 0.36 -13.33
CA GLY A 39 1.76 0.57 -13.37
C GLY A 39 1.16 0.67 -11.97
N GLU A 40 -0.16 0.68 -11.90
CA GLU A 40 -0.86 0.76 -10.62
C GLU A 40 -1.27 -0.63 -10.13
N GLY A 41 -1.45 -0.74 -8.82
CA GLY A 41 -1.84 -2.02 -8.24
C GLY A 41 -3.09 -1.91 -7.39
N THR A 42 -3.43 -3.00 -6.71
CA THR A 42 -4.62 -3.03 -5.85
C THR A 42 -4.41 -3.97 -4.67
N VAL A 43 -4.32 -3.40 -3.48
CA VAL A 43 -4.14 -4.20 -2.27
C VAL A 43 -5.18 -5.31 -2.17
N THR A 44 -4.75 -6.48 -1.70
CA THR A 44 -5.64 -7.63 -1.56
C THR A 44 -5.58 -8.21 -0.16
N GLY A 45 -4.62 -7.74 0.63
CA GLY A 45 -4.47 -8.22 1.99
C GLY A 45 -4.35 -7.10 3.00
N GLU A 46 -4.72 -7.39 4.24
CA GLU A 46 -4.66 -6.39 5.30
C GLU A 46 -3.27 -6.31 5.92
N LEU A 47 -2.73 -5.11 6.02
CA LEU A 47 -1.41 -4.91 6.58
C LEU A 47 -1.29 -5.59 7.95
N HIS A 48 -0.62 -6.74 7.97
CA HIS A 48 -0.43 -7.49 9.21
C HIS A 48 1.03 -7.45 9.65
N ASN A 49 1.25 -7.07 10.90
CA ASN A 49 2.60 -6.99 11.45
C ASN A 49 3.52 -6.18 10.53
N GLY A 50 2.93 -5.22 9.82
CA GLY A 50 3.69 -4.39 8.91
C GLY A 50 3.93 -5.06 7.57
N TRP A 51 2.97 -5.85 7.13
CA TRP A 51 3.06 -6.55 5.85
C TRP A 51 1.70 -6.68 5.19
N ILE A 52 1.54 -6.03 4.05
CA ILE A 52 0.28 -6.08 3.32
C ILE A 52 0.48 -6.66 1.92
N ASP A 53 -0.49 -7.46 1.47
CA ASP A 53 -0.42 -8.08 0.15
C ASP A 53 -1.19 -7.26 -0.87
N VAL A 54 -0.79 -7.36 -2.13
CA VAL A 54 -1.45 -6.63 -3.20
C VAL A 54 -1.45 -7.43 -4.50
N THR A 55 -2.61 -7.53 -5.13
CA THR A 55 -2.74 -8.27 -6.38
C THR A 55 -2.68 -7.35 -7.59
N TRP A 56 -1.48 -7.21 -8.16
CA TRP A 56 -1.28 -6.35 -9.32
C TRP A 56 -2.06 -6.87 -10.52
N ASP A 57 -2.27 -6.00 -11.50
CA ASP A 57 -3.01 -6.37 -12.71
C ASP A 57 -2.22 -7.37 -13.55
N ALA A 58 -0.96 -7.03 -13.82
CA ALA A 58 -0.09 -7.90 -14.61
C ALA A 58 -0.28 -9.36 -14.22
N GLY A 59 -0.35 -9.62 -12.92
CA GLY A 59 -0.53 -10.97 -12.44
C GLY A 59 0.59 -11.41 -11.52
N GLY A 60 0.34 -11.32 -10.21
CA GLY A 60 1.34 -11.70 -9.23
C GLY A 60 1.20 -10.94 -7.94
N SER A 61 0.50 -11.53 -6.97
CA SER A 61 0.29 -10.90 -5.68
C SER A 61 1.40 -11.29 -4.70
N ASN A 62 1.82 -10.33 -3.87
CA ASN A 62 2.87 -10.58 -2.89
C ASN A 62 2.80 -9.55 -1.76
N SER A 63 3.51 -9.83 -0.67
CA SER A 63 3.53 -8.94 0.48
C SER A 63 4.71 -7.98 0.40
N TYR A 64 4.47 -6.71 0.70
CA TYR A 64 5.51 -5.70 0.66
C TYR A 64 5.70 -5.06 2.04
N ARG A 65 6.93 -4.63 2.32
CA ARG A 65 7.25 -4.00 3.60
C ARG A 65 6.54 -2.67 3.74
N MET A 66 5.64 -2.59 4.72
CA MET A 66 4.88 -1.37 4.96
C MET A 66 5.05 -0.91 6.41
N GLY A 67 6.20 -1.21 6.99
CA GLY A 67 6.45 -0.82 8.37
C GLY A 67 7.20 -1.90 9.14
N ALA A 68 7.07 -3.14 8.69
CA ALA A 68 7.74 -4.26 9.35
C ALA A 68 9.11 -3.86 9.87
N GLU A 69 9.89 -3.20 9.02
CA GLU A 69 11.23 -2.76 9.40
C GLU A 69 11.36 -1.25 9.26
N GLY A 70 10.22 -0.56 9.23
CA GLY A 70 10.23 0.89 9.10
C GLY A 70 10.46 1.34 7.67
N LYS A 71 10.11 0.48 6.72
CA LYS A 71 10.27 0.80 5.30
C LYS A 71 8.96 0.66 4.55
N PHE A 72 8.57 1.70 3.85
CA PHE A 72 7.33 1.69 3.08
C PHE A 72 7.60 1.44 1.60
N ASP A 73 7.21 0.27 1.13
CA ASP A 73 7.42 -0.11 -0.27
C ASP A 73 6.20 0.26 -1.12
N LEU A 74 5.03 0.25 -0.50
CA LEU A 74 3.79 0.59 -1.19
C LEU A 74 3.26 1.94 -0.73
N LYS A 75 2.37 2.51 -1.52
CA LYS A 75 1.77 3.80 -1.18
C LYS A 75 0.42 3.97 -1.87
N LEU A 76 -0.22 5.11 -1.63
CA LEU A 76 -1.53 5.39 -2.22
C LEU A 76 -1.39 5.77 -3.68
N ALA A 77 -2.32 5.30 -4.51
CA ALA A 77 -2.29 5.60 -5.94
C ALA A 77 -2.48 7.09 -6.19
N PRO A 78 -2.02 7.56 -7.36
CA PRO A 78 -2.12 8.97 -7.74
C PRO A 78 -3.56 9.39 -8.03
N GLY A 79 -4.31 9.67 -6.97
CA GLY A 79 -5.69 10.08 -7.12
C GLY A 79 -6.62 9.39 -6.14
N TYR A 80 -6.08 8.43 -5.40
CA TYR A 80 -6.87 7.69 -4.42
C TYR A 80 -6.80 8.37 -3.05
N SER A 81 -7.93 8.94 -2.64
CA SER A 81 -8.00 9.62 -1.35
C SER A 81 -8.42 8.66 -0.24
N GLY A 82 -9.55 8.00 -0.44
CA GLY A 82 -10.04 7.04 0.55
C GLY A 82 -11.50 6.71 0.36
N PRO A 83 -11.99 5.73 1.13
CA PRO A 83 -13.39 5.30 1.05
C PRO A 83 -14.36 6.34 1.61
N SER A 84 -15.38 6.67 0.83
CA SER A 84 -16.37 7.65 1.24
C SER A 84 -17.75 7.02 1.37
N SER A 85 -18.41 7.27 2.50
CA SER A 85 -19.74 6.72 2.74
C SER A 85 -20.79 7.83 2.78
N GLY A 86 -20.53 8.85 3.59
CA GLY A 86 -21.46 9.96 3.70
C GLY A 86 -21.33 10.70 5.03
N GLY A 1 -4.38 0.90 18.85
CA GLY A 1 -4.19 2.09 19.64
C GLY A 1 -4.99 2.06 20.93
N SER A 2 -4.40 2.58 22.00
CA SER A 2 -5.06 2.61 23.31
C SER A 2 -5.51 4.02 23.66
N SER A 3 -4.62 4.98 23.49
CA SER A 3 -4.93 6.38 23.78
C SER A 3 -5.01 7.21 22.51
N GLY A 4 -5.66 6.65 21.49
CA GLY A 4 -5.79 7.36 20.22
C GLY A 4 -4.45 7.81 19.66
N SER A 5 -3.55 6.85 19.47
CA SER A 5 -2.22 7.17 18.93
C SER A 5 -2.33 7.86 17.58
N SER A 6 -1.71 9.03 17.47
CA SER A 6 -1.73 9.80 16.23
C SER A 6 -0.87 9.13 15.16
N GLY A 7 -1.24 9.35 13.89
CA GLY A 7 -0.51 8.75 12.80
C GLY A 7 0.34 9.77 12.06
N VAL A 8 1.46 10.15 12.66
CA VAL A 8 2.36 11.13 12.05
C VAL A 8 3.14 10.51 10.88
N ARG A 9 3.41 9.21 10.99
CA ARG A 9 4.14 8.50 9.95
C ARG A 9 3.31 7.36 9.38
N SER A 10 2.62 6.64 10.26
CA SER A 10 1.79 5.52 9.84
C SER A 10 0.37 5.98 9.53
N GLN A 11 0.25 6.87 8.55
CA GLN A 11 -1.06 7.40 8.16
C GLN A 11 -1.62 6.61 6.98
N VAL A 12 -0.74 6.18 6.08
CA VAL A 12 -1.16 5.42 4.91
C VAL A 12 -1.64 4.03 5.31
N LEU A 13 -1.03 3.47 6.34
CA LEU A 13 -1.40 2.13 6.82
C LEU A 13 -2.89 2.05 7.10
N LYS A 14 -3.50 3.20 7.40
CA LYS A 14 -4.93 3.26 7.68
C LYS A 14 -5.74 3.01 6.43
N TYR A 15 -5.16 3.33 5.28
CA TYR A 15 -5.84 3.14 3.99
C TYR A 15 -5.42 1.83 3.35
N MET A 16 -4.35 1.23 3.87
CA MET A 16 -3.83 -0.03 3.35
C MET A 16 -4.83 -1.17 3.60
N VAL A 17 -5.93 -1.16 2.86
CA VAL A 17 -6.96 -2.19 3.01
C VAL A 17 -7.07 -3.04 1.75
N PRO A 18 -7.54 -4.28 1.92
CA PRO A 18 -7.71 -5.22 0.80
C PRO A 18 -8.84 -4.81 -0.14
N GLY A 19 -8.48 -4.13 -1.21
CA GLY A 19 -9.48 -3.68 -2.18
C GLY A 19 -9.28 -2.24 -2.60
N ALA A 20 -8.23 -1.62 -2.08
CA ALA A 20 -7.94 -0.23 -2.41
C ALA A 20 -6.90 -0.13 -3.51
N ARG A 21 -6.53 1.10 -3.87
CA ARG A 21 -5.54 1.33 -4.92
C ARG A 21 -4.19 1.73 -4.31
N VAL A 22 -3.12 1.15 -4.83
CA VAL A 22 -1.78 1.45 -4.35
C VAL A 22 -0.76 1.35 -5.47
N ILE A 23 0.42 1.94 -5.26
CA ILE A 23 1.47 1.93 -6.25
C ILE A 23 2.85 1.89 -5.59
N ARG A 24 3.87 1.54 -6.37
CA ARG A 24 5.23 1.47 -5.86
C ARG A 24 5.60 2.75 -5.11
N GLY A 25 6.23 2.59 -3.94
CA GLY A 25 6.62 3.74 -3.15
C GLY A 25 8.04 4.18 -3.43
N LEU A 26 8.76 4.58 -2.39
CA LEU A 26 10.14 5.02 -2.53
C LEU A 26 11.11 3.91 -2.15
N ASP A 27 10.61 2.91 -1.43
CA ASP A 27 11.44 1.78 -1.00
C ASP A 27 11.25 0.59 -1.94
N TRP A 28 11.03 0.88 -3.21
CA TRP A 28 10.84 -0.18 -4.20
C TRP A 28 12.18 -0.71 -4.70
N LYS A 29 12.85 -1.49 -3.87
CA LYS A 29 14.14 -2.07 -4.22
C LYS A 29 13.96 -3.30 -5.10
N TRP A 30 12.72 -3.61 -5.43
CA TRP A 30 12.42 -4.76 -6.28
C TRP A 30 12.22 -4.34 -7.73
N ARG A 31 12.21 -5.32 -8.63
CA ARG A 31 12.03 -5.05 -10.06
C ARG A 31 10.58 -4.69 -10.36
N ASP A 32 10.29 -4.48 -11.64
CA ASP A 32 8.94 -4.13 -12.08
C ASP A 32 8.03 -5.36 -12.07
N GLN A 33 7.61 -5.77 -10.88
CA GLN A 33 6.74 -6.92 -10.73
C GLN A 33 5.36 -6.66 -11.34
N ASP A 34 4.76 -5.53 -10.95
CA ASP A 34 3.45 -5.15 -11.47
C ASP A 34 3.38 -5.33 -12.97
N GLY A 35 4.21 -4.56 -13.69
CA GLY A 35 4.22 -4.65 -15.14
C GLY A 35 4.54 -3.32 -15.80
N SER A 36 5.46 -3.34 -16.75
CA SER A 36 5.86 -2.12 -17.46
C SER A 36 4.96 -1.86 -18.66
N PRO A 37 4.69 -0.58 -18.93
CA PRO A 37 5.20 0.52 -18.13
C PRO A 37 4.58 0.59 -16.74
N GLN A 38 5.34 1.13 -15.78
CA GLN A 38 4.85 1.24 -14.41
C GLN A 38 3.41 1.73 -14.38
N GLY A 39 2.52 0.92 -13.82
CA GLY A 39 1.12 1.30 -13.73
C GLY A 39 0.64 1.42 -12.30
N GLU A 40 -0.51 0.83 -12.01
CA GLU A 40 -1.09 0.89 -10.67
C GLU A 40 -1.55 -0.50 -10.22
N GLY A 41 -1.50 -0.72 -8.91
CA GLY A 41 -1.92 -2.01 -8.37
C GLY A 41 -3.16 -1.91 -7.50
N THR A 42 -3.37 -2.90 -6.65
CA THR A 42 -4.52 -2.92 -5.76
C THR A 42 -4.31 -3.88 -4.60
N VAL A 43 -4.32 -3.34 -3.38
CA VAL A 43 -4.12 -4.13 -2.18
C VAL A 43 -5.19 -5.22 -2.07
N THR A 44 -4.79 -6.39 -1.59
CA THR A 44 -5.71 -7.51 -1.43
C THR A 44 -5.66 -8.07 -0.02
N GLY A 45 -4.68 -7.64 0.75
CA GLY A 45 -4.54 -8.10 2.11
C GLY A 45 -4.37 -6.96 3.10
N GLU A 46 -4.79 -7.19 4.34
CA GLU A 46 -4.69 -6.16 5.38
C GLU A 46 -3.29 -6.14 5.99
N LEU A 47 -2.72 -4.94 6.09
CA LEU A 47 -1.38 -4.79 6.65
C LEU A 47 -1.28 -5.46 8.02
N HIS A 48 -0.71 -6.66 8.03
CA HIS A 48 -0.55 -7.42 9.27
C HIS A 48 0.89 -7.36 9.76
N ASN A 49 1.10 -6.77 10.93
CA ASN A 49 2.43 -6.65 11.51
C ASN A 49 3.36 -5.90 10.56
N GLY A 50 2.79 -5.00 9.76
CA GLY A 50 3.58 -4.23 8.83
C GLY A 50 3.81 -4.97 7.52
N TRP A 51 2.87 -5.83 7.15
CA TRP A 51 2.98 -6.60 5.92
C TRP A 51 1.62 -6.71 5.23
N ILE A 52 1.48 -6.03 4.09
CA ILE A 52 0.23 -6.07 3.34
C ILE A 52 0.44 -6.66 1.95
N ASP A 53 -0.54 -7.43 1.49
CA ASP A 53 -0.46 -8.07 0.18
C ASP A 53 -1.19 -7.24 -0.86
N VAL A 54 -0.74 -7.33 -2.12
CA VAL A 54 -1.34 -6.58 -3.20
C VAL A 54 -1.32 -7.39 -4.49
N THR A 55 -2.50 -7.64 -5.05
CA THR A 55 -2.62 -8.41 -6.28
C THR A 55 -2.60 -7.48 -7.50
N TRP A 56 -1.41 -7.31 -8.08
CA TRP A 56 -1.25 -6.45 -9.25
C TRP A 56 -2.08 -6.96 -10.42
N ASP A 57 -2.69 -6.04 -11.15
CA ASP A 57 -3.52 -6.40 -12.30
C ASP A 57 -2.66 -6.91 -13.45
N ALA A 58 -1.45 -6.36 -13.56
CA ALA A 58 -0.54 -6.76 -14.63
C ALA A 58 0.29 -7.97 -14.21
N GLY A 59 0.68 -8.01 -12.95
CA GLY A 59 1.48 -9.12 -12.45
C GLY A 59 0.69 -10.02 -11.51
N GLY A 60 1.30 -10.40 -10.40
CA GLY A 60 0.63 -11.27 -9.44
C GLY A 60 0.42 -10.60 -8.10
N SER A 61 0.71 -11.33 -7.02
CA SER A 61 0.54 -10.80 -5.68
C SER A 61 1.75 -11.13 -4.81
N ASN A 62 2.02 -10.29 -3.82
CA ASN A 62 3.15 -10.49 -2.92
C ASN A 62 3.08 -9.53 -1.74
N SER A 63 3.77 -9.89 -0.66
CA SER A 63 3.78 -9.07 0.55
C SER A 63 4.90 -8.03 0.48
N TYR A 64 4.55 -6.77 0.74
CA TYR A 64 5.51 -5.68 0.72
C TYR A 64 5.63 -5.01 2.08
N ARG A 65 6.83 -4.57 2.41
CA ARG A 65 7.08 -3.91 3.69
C ARG A 65 6.39 -2.56 3.75
N MET A 66 5.55 -2.36 4.75
CA MET A 66 4.83 -1.10 4.92
C MET A 66 4.93 -0.61 6.36
N GLY A 67 6.04 -0.90 7.01
CA GLY A 67 6.24 -0.47 8.38
C GLY A 67 7.01 -1.49 9.20
N ALA A 68 6.87 -2.77 8.84
CA ALA A 68 7.56 -3.84 9.55
C ALA A 68 8.96 -3.41 9.97
N GLU A 69 9.77 -3.00 8.99
CA GLU A 69 11.14 -2.57 9.26
C GLU A 69 11.30 -1.07 8.99
N GLY A 70 10.20 -0.34 9.14
CA GLY A 70 10.24 1.10 8.91
C GLY A 70 10.50 1.44 7.47
N LYS A 71 9.99 0.62 6.55
CA LYS A 71 10.17 0.85 5.13
C LYS A 71 8.83 0.76 4.39
N PHE A 72 8.48 1.85 3.70
CA PHE A 72 7.22 1.90 2.95
C PHE A 72 7.46 1.57 1.48
N ASP A 73 7.18 0.33 1.10
CA ASP A 73 7.35 -0.11 -0.28
C ASP A 73 6.14 0.23 -1.12
N LEU A 74 4.98 0.30 -0.47
CA LEU A 74 3.73 0.61 -1.17
C LEU A 74 3.20 1.98 -0.74
N LYS A 75 2.28 2.53 -1.52
CA LYS A 75 1.69 3.83 -1.22
C LYS A 75 0.37 4.01 -1.96
N LEU A 76 -0.39 5.03 -1.57
CA LEU A 76 -1.68 5.31 -2.19
C LEU A 76 -1.49 5.69 -3.66
N ALA A 77 -2.47 5.33 -4.49
CA ALA A 77 -2.42 5.64 -5.91
C ALA A 77 -2.63 7.13 -6.15
N PRO A 78 -2.12 7.62 -7.30
CA PRO A 78 -2.24 9.03 -7.67
C PRO A 78 -3.67 9.42 -8.03
N GLY A 79 -4.44 9.81 -7.02
CA GLY A 79 -5.82 10.20 -7.24
C GLY A 79 -6.80 9.27 -6.56
N TYR A 80 -6.42 8.75 -5.40
CA TYR A 80 -7.27 7.84 -4.65
C TYR A 80 -7.60 8.40 -3.27
N SER A 81 -8.79 8.09 -2.77
CA SER A 81 -9.22 8.56 -1.46
C SER A 81 -9.78 7.42 -0.62
N GLY A 82 -9.44 7.42 0.67
CA GLY A 82 -9.92 6.37 1.56
C GLY A 82 -11.37 6.01 1.29
N PRO A 83 -11.77 4.81 1.74
CA PRO A 83 -13.14 4.32 1.57
C PRO A 83 -14.14 5.08 2.43
N SER A 84 -15.43 4.87 2.16
CA SER A 84 -16.48 5.54 2.91
C SER A 84 -16.83 4.75 4.17
N SER A 85 -16.41 5.27 5.32
CA SER A 85 -16.67 4.62 6.59
C SER A 85 -17.63 5.46 7.44
N GLY A 86 -18.88 5.04 7.50
CA GLY A 86 -19.88 5.77 8.28
C GLY A 86 -21.04 4.89 8.71
N GLY A 1 -13.15 0.08 23.74
CA GLY A 1 -11.88 0.63 23.31
C GLY A 1 -11.83 2.14 23.40
N SER A 2 -10.63 2.69 23.46
CA SER A 2 -10.45 4.13 23.54
C SER A 2 -9.45 4.63 22.51
N SER A 3 -9.94 5.36 21.51
CA SER A 3 -9.09 5.89 20.46
C SER A 3 -8.77 7.36 20.70
N GLY A 4 -7.53 7.74 20.43
CA GLY A 4 -7.11 9.12 20.62
C GLY A 4 -5.60 9.26 20.76
N SER A 5 -4.88 8.91 19.71
CA SER A 5 -3.43 8.99 19.71
C SER A 5 -2.92 9.79 18.52
N SER A 6 -2.48 11.02 18.78
CA SER A 6 -1.97 11.89 17.72
C SER A 6 -0.70 11.31 17.10
N GLY A 7 -0.79 10.91 15.84
CA GLY A 7 0.35 10.35 15.15
C GLY A 7 0.74 11.15 13.93
N VAL A 8 2.04 11.26 13.68
CA VAL A 8 2.55 12.00 12.53
C VAL A 8 2.69 11.09 11.31
N ARG A 9 3.26 9.91 11.53
CA ARG A 9 3.44 8.96 10.43
C ARG A 9 2.49 7.77 10.58
N SER A 10 2.65 6.79 9.70
CA SER A 10 1.80 5.60 9.73
C SER A 10 0.36 5.95 9.39
N GLN A 11 0.19 6.85 8.42
CA GLN A 11 -1.15 7.27 8.00
C GLN A 11 -1.69 6.38 6.89
N VAL A 12 -0.88 6.21 5.84
CA VAL A 12 -1.28 5.37 4.71
C VAL A 12 -1.73 3.99 5.18
N LEU A 13 -1.10 3.50 6.24
CA LEU A 13 -1.43 2.19 6.79
C LEU A 13 -2.92 2.10 7.14
N LYS A 14 -3.54 3.26 7.36
CA LYS A 14 -4.95 3.32 7.69
C LYS A 14 -5.82 3.05 6.46
N TYR A 15 -5.22 3.21 5.29
CA TYR A 15 -5.94 2.98 4.04
C TYR A 15 -5.50 1.67 3.39
N MET A 16 -4.44 1.07 3.93
CA MET A 16 -3.93 -0.19 3.41
C MET A 16 -4.92 -1.32 3.66
N VAL A 17 -5.99 -1.35 2.86
CA VAL A 17 -7.01 -2.38 2.99
C VAL A 17 -7.12 -3.22 1.73
N PRO A 18 -7.58 -4.47 1.88
CA PRO A 18 -7.73 -5.40 0.75
C PRO A 18 -8.86 -4.98 -0.19
N GLY A 19 -8.50 -4.27 -1.26
CA GLY A 19 -9.49 -3.83 -2.22
C GLY A 19 -9.29 -2.39 -2.64
N ALA A 20 -8.29 -1.74 -2.06
CA ALA A 20 -7.99 -0.35 -2.38
C ALA A 20 -6.91 -0.26 -3.47
N ARG A 21 -6.59 0.96 -3.87
CA ARG A 21 -5.58 1.18 -4.90
C ARG A 21 -4.24 1.56 -4.28
N VAL A 22 -3.16 1.12 -4.90
CA VAL A 22 -1.82 1.42 -4.40
C VAL A 22 -0.79 1.34 -5.52
N ILE A 23 0.37 1.94 -5.31
CA ILE A 23 1.44 1.94 -6.30
C ILE A 23 2.81 1.83 -5.62
N ARG A 24 3.86 1.80 -6.45
CA ARG A 24 5.22 1.71 -5.94
C ARG A 24 5.61 2.97 -5.17
N GLY A 25 6.26 2.79 -4.02
CA GLY A 25 6.67 3.92 -3.22
C GLY A 25 8.11 4.31 -3.45
N LEU A 26 8.77 4.82 -2.41
CA LEU A 26 10.17 5.22 -2.52
C LEU A 26 11.10 4.08 -2.14
N ASP A 27 10.62 3.18 -1.29
CA ASP A 27 11.40 2.04 -0.85
C ASP A 27 11.16 0.84 -1.76
N TRP A 28 10.98 1.10 -3.05
CA TRP A 28 10.73 0.04 -4.02
C TRP A 28 12.04 -0.51 -4.56
N LYS A 29 12.56 -1.54 -3.91
CA LYS A 29 13.82 -2.16 -4.33
C LYS A 29 13.56 -3.45 -5.11
N TRP A 30 12.49 -3.45 -5.90
CA TRP A 30 12.13 -4.62 -6.70
C TRP A 30 12.07 -4.27 -8.19
N ARG A 31 11.73 -5.26 -9.00
CA ARG A 31 11.64 -5.05 -10.45
C ARG A 31 10.20 -4.78 -10.87
N ASP A 32 9.98 -4.62 -12.17
CA ASP A 32 8.66 -4.37 -12.70
C ASP A 32 7.79 -5.61 -12.62
N GLN A 33 7.22 -5.87 -11.44
CA GLN A 33 6.37 -7.03 -11.23
C GLN A 33 5.00 -6.83 -11.89
N ASP A 34 4.45 -5.63 -11.73
CA ASP A 34 3.15 -5.32 -12.31
C ASP A 34 3.31 -4.76 -13.73
N GLY A 35 4.17 -5.39 -14.52
CA GLY A 35 4.40 -4.95 -15.88
C GLY A 35 5.29 -3.72 -15.95
N SER A 36 5.68 -3.35 -17.16
CA SER A 36 6.56 -2.20 -17.35
C SER A 36 5.98 -1.26 -18.41
N PRO A 37 6.01 0.05 -18.14
CA PRO A 37 6.57 0.57 -16.88
C PRO A 37 5.70 0.23 -15.68
N GLN A 38 6.32 0.15 -14.50
CA GLN A 38 5.60 -0.17 -13.28
C GLN A 38 4.26 0.56 -13.24
N GLY A 39 3.18 -0.21 -13.34
CA GLY A 39 1.85 0.36 -13.31
C GLY A 39 1.31 0.49 -11.91
N GLU A 40 -0.02 0.42 -11.78
CA GLU A 40 -0.67 0.51 -10.48
C GLU A 40 -1.19 -0.85 -10.02
N GLY A 41 -1.14 -1.08 -8.72
CA GLY A 41 -1.61 -2.35 -8.17
C GLY A 41 -2.88 -2.19 -7.36
N THR A 42 -3.23 -3.23 -6.61
CA THR A 42 -4.43 -3.21 -5.79
C THR A 42 -4.28 -4.11 -4.57
N VAL A 43 -4.26 -3.50 -3.39
CA VAL A 43 -4.12 -4.25 -2.14
C VAL A 43 -5.19 -5.33 -2.03
N THR A 44 -4.78 -6.51 -1.58
CA THR A 44 -5.70 -7.63 -1.43
C THR A 44 -5.64 -8.20 -0.02
N GLY A 45 -4.70 -7.70 0.78
CA GLY A 45 -4.55 -8.17 2.15
C GLY A 45 -4.44 -7.04 3.14
N GLU A 46 -4.81 -7.31 4.39
CA GLU A 46 -4.76 -6.31 5.45
C GLU A 46 -3.36 -6.24 6.05
N LEU A 47 -2.78 -5.05 6.06
CA LEU A 47 -1.44 -4.84 6.62
C LEU A 47 -1.32 -5.54 7.98
N HIS A 48 -0.70 -6.72 7.97
CA HIS A 48 -0.50 -7.50 9.19
C HIS A 48 0.95 -7.42 9.65
N ASN A 49 1.16 -6.92 10.85
CA ASN A 49 2.51 -6.80 11.41
C ASN A 49 3.41 -5.99 10.48
N GLY A 50 2.81 -5.06 9.75
CA GLY A 50 3.58 -4.24 8.83
C GLY A 50 3.82 -4.93 7.50
N TRP A 51 2.91 -5.82 7.13
CA TRP A 51 3.03 -6.55 5.87
C TRP A 51 1.67 -6.70 5.19
N ILE A 52 1.48 -5.97 4.09
CA ILE A 52 0.23 -6.01 3.35
C ILE A 52 0.43 -6.63 1.96
N ASP A 53 -0.53 -7.44 1.54
CA ASP A 53 -0.45 -8.09 0.23
C ASP A 53 -1.19 -7.25 -0.83
N VAL A 54 -0.72 -7.34 -2.07
CA VAL A 54 -1.33 -6.60 -3.17
C VAL A 54 -1.30 -7.41 -4.45
N THR A 55 -2.45 -7.56 -5.08
CA THR A 55 -2.57 -8.31 -6.33
C THR A 55 -2.54 -7.38 -7.53
N TRP A 56 -1.37 -7.22 -8.13
CA TRP A 56 -1.21 -6.36 -9.30
C TRP A 56 -1.95 -6.93 -10.50
N ASP A 57 -2.51 -6.04 -11.32
CA ASP A 57 -3.24 -6.47 -12.51
C ASP A 57 -2.29 -7.04 -13.56
N ALA A 58 -1.14 -6.41 -13.72
CA ALA A 58 -0.15 -6.85 -14.69
C ALA A 58 0.64 -8.03 -14.16
N GLY A 59 0.98 -7.98 -12.87
CA GLY A 59 1.73 -9.07 -12.27
C GLY A 59 0.86 -9.99 -11.44
N GLY A 60 1.39 -10.45 -10.31
CA GLY A 60 0.63 -11.35 -9.45
C GLY A 60 0.33 -10.74 -8.10
N SER A 61 0.76 -11.41 -7.04
CA SER A 61 0.53 -10.93 -5.68
C SER A 61 1.69 -11.27 -4.77
N ASN A 62 1.98 -10.38 -3.82
CA ASN A 62 3.07 -10.60 -2.88
C ASN A 62 3.00 -9.61 -1.72
N SER A 63 3.70 -9.91 -0.64
CA SER A 63 3.70 -9.06 0.54
C SER A 63 4.82 -8.02 0.45
N TYR A 64 4.49 -6.78 0.79
CA TYR A 64 5.47 -5.69 0.74
C TYR A 64 5.59 -5.01 2.11
N ARG A 65 6.81 -4.62 2.45
CA ARG A 65 7.06 -3.95 3.73
C ARG A 65 6.37 -2.60 3.79
N MET A 66 5.51 -2.41 4.77
CA MET A 66 4.78 -1.16 4.94
C MET A 66 4.92 -0.64 6.37
N GLY A 67 6.03 -0.96 7.01
CA GLY A 67 6.28 -0.52 8.37
C GLY A 67 7.00 -1.54 9.20
N ALA A 68 6.91 -2.81 8.79
CA ALA A 68 7.57 -3.90 9.51
C ALA A 68 8.95 -3.46 10.00
N GLU A 69 9.75 -2.90 9.10
CA GLU A 69 11.09 -2.45 9.45
C GLU A 69 11.22 -0.94 9.25
N GLY A 70 10.09 -0.26 9.19
CA GLY A 70 10.10 1.19 9.01
C GLY A 70 10.34 1.59 7.57
N LYS A 71 9.93 0.73 6.64
CA LYS A 71 10.12 0.99 5.22
C LYS A 71 8.80 0.85 4.46
N PHE A 72 8.34 1.95 3.87
CA PHE A 72 7.09 1.95 3.12
C PHE A 72 7.35 1.69 1.64
N ASP A 73 7.18 0.43 1.23
CA ASP A 73 7.39 0.05 -0.17
C ASP A 73 6.18 0.41 -1.02
N LEU A 74 5.00 0.32 -0.42
CA LEU A 74 3.76 0.64 -1.13
C LEU A 74 3.19 1.97 -0.67
N LYS A 75 2.42 2.62 -1.54
CA LYS A 75 1.81 3.90 -1.21
C LYS A 75 0.51 4.09 -1.98
N LEU A 76 -0.35 4.98 -1.48
CA LEU A 76 -1.63 5.26 -2.11
C LEU A 76 -1.43 5.69 -3.57
N ALA A 77 -2.36 5.29 -4.42
CA ALA A 77 -2.30 5.63 -5.84
C ALA A 77 -2.51 7.13 -6.05
N PRO A 78 -1.98 7.66 -7.15
CA PRO A 78 -2.09 9.07 -7.49
C PRO A 78 -3.52 9.46 -7.88
N GLY A 79 -4.34 9.76 -6.89
CA GLY A 79 -5.72 10.13 -7.14
C GLY A 79 -6.72 9.20 -6.49
N TYR A 80 -6.28 8.54 -5.40
CA TYR A 80 -7.14 7.61 -4.69
C TYR A 80 -7.54 8.19 -3.32
N SER A 81 -8.72 7.80 -2.85
CA SER A 81 -9.22 8.27 -1.57
C SER A 81 -9.76 7.11 -0.73
N GLY A 82 -9.54 7.17 0.57
CA GLY A 82 -10.01 6.11 1.46
C GLY A 82 -11.44 5.71 1.17
N PRO A 83 -11.78 4.46 1.51
CA PRO A 83 -13.13 3.92 1.28
C PRO A 83 -14.17 4.56 2.19
N SER A 84 -15.29 4.99 1.61
CA SER A 84 -16.35 5.63 2.37
C SER A 84 -16.76 4.77 3.57
N SER A 85 -16.45 5.25 4.77
CA SER A 85 -16.77 4.53 5.99
C SER A 85 -18.26 4.65 6.32
N GLY A 86 -18.86 3.54 6.74
CA GLY A 86 -20.28 3.55 7.08
C GLY A 86 -21.06 2.53 6.29
N GLY A 1 -14.97 2.72 13.90
CA GLY A 1 -13.83 3.59 13.69
C GLY A 1 -13.91 4.85 14.53
N SER A 2 -12.86 5.09 15.32
CA SER A 2 -12.81 6.28 16.17
C SER A 2 -11.38 6.79 16.30
N SER A 3 -11.25 8.11 16.47
CA SER A 3 -9.93 8.72 16.60
C SER A 3 -9.29 8.36 17.94
N GLY A 4 -7.96 8.37 17.96
CA GLY A 4 -7.25 8.05 19.18
C GLY A 4 -5.77 8.42 19.11
N SER A 5 -5.05 7.75 18.22
CA SER A 5 -3.62 8.01 18.05
C SER A 5 -3.36 8.79 16.77
N SER A 6 -2.87 10.02 16.92
CA SER A 6 -2.58 10.88 15.78
C SER A 6 -1.28 10.45 15.11
N GLY A 7 -1.39 9.60 14.09
CA GLY A 7 -0.22 9.14 13.37
C GLY A 7 0.14 10.02 12.20
N VAL A 8 1.43 10.32 12.05
CA VAL A 8 1.91 11.16 10.97
C VAL A 8 2.54 10.33 9.85
N ARG A 9 3.31 9.31 10.25
CA ARG A 9 3.97 8.44 9.28
C ARG A 9 3.11 7.23 8.98
N SER A 10 2.56 6.61 10.02
CA SER A 10 1.72 5.42 9.86
C SER A 10 0.30 5.83 9.47
N GLN A 11 0.18 6.78 8.56
CA GLN A 11 -1.12 7.26 8.11
C GLN A 11 -1.66 6.38 6.99
N VAL A 12 -0.83 6.14 5.99
CA VAL A 12 -1.22 5.31 4.85
C VAL A 12 -1.70 3.94 5.31
N LEU A 13 -1.06 3.41 6.35
CA LEU A 13 -1.41 2.10 6.89
C LEU A 13 -2.89 2.04 7.22
N LYS A 14 -3.50 3.20 7.45
CA LYS A 14 -4.92 3.28 7.77
C LYS A 14 -5.77 2.96 6.55
N TYR A 15 -5.23 3.21 5.37
CA TYR A 15 -5.94 2.96 4.13
C TYR A 15 -5.55 1.60 3.54
N MET A 16 -4.38 1.11 3.95
CA MET A 16 -3.89 -0.17 3.47
C MET A 16 -4.91 -1.28 3.72
N VAL A 17 -5.88 -1.39 2.84
CA VAL A 17 -6.93 -2.41 2.96
C VAL A 17 -7.05 -3.23 1.68
N PRO A 18 -7.53 -4.47 1.82
CA PRO A 18 -7.71 -5.38 0.69
C PRO A 18 -8.84 -4.95 -0.23
N GLY A 19 -8.48 -4.27 -1.32
CA GLY A 19 -9.48 -3.81 -2.27
C GLY A 19 -9.31 -2.34 -2.61
N ALA A 20 -8.21 -1.75 -2.17
CA ALA A 20 -7.93 -0.34 -2.44
C ALA A 20 -6.92 -0.19 -3.57
N ARG A 21 -6.53 1.05 -3.85
CA ARG A 21 -5.57 1.33 -4.91
C ARG A 21 -4.23 1.76 -4.33
N VAL A 22 -3.15 1.18 -4.86
CA VAL A 22 -1.81 1.51 -4.40
C VAL A 22 -0.80 1.45 -5.53
N ILE A 23 0.33 2.13 -5.37
CA ILE A 23 1.36 2.15 -6.38
C ILE A 23 2.75 1.99 -5.75
N ARG A 24 3.76 1.84 -6.59
CA ARG A 24 5.13 1.67 -6.12
C ARG A 24 5.53 2.82 -5.18
N GLY A 25 5.76 2.48 -3.92
CA GLY A 25 6.15 3.48 -2.95
C GLY A 25 7.57 3.94 -3.11
N LEU A 26 8.08 4.68 -2.12
CA LEU A 26 9.44 5.19 -2.17
C LEU A 26 10.44 4.08 -1.90
N ASP A 27 10.08 3.15 -1.02
CA ASP A 27 10.94 2.04 -0.68
C ASP A 27 10.81 0.91 -1.70
N TRP A 28 10.68 1.28 -2.96
CA TRP A 28 10.55 0.31 -4.04
C TRP A 28 11.91 -0.07 -4.60
N LYS A 29 12.58 -1.00 -3.93
CA LYS A 29 13.89 -1.46 -4.37
C LYS A 29 13.77 -2.49 -5.49
N TRP A 30 12.55 -2.69 -5.97
CA TRP A 30 12.30 -3.64 -7.04
C TRP A 30 12.18 -2.93 -8.39
N ARG A 31 12.07 -3.71 -9.46
CA ARG A 31 11.95 -3.15 -10.80
C ARG A 31 10.64 -3.57 -11.45
N ASP A 32 10.51 -4.85 -11.76
CA ASP A 32 9.30 -5.38 -12.37
C ASP A 32 8.69 -6.50 -11.53
N GLN A 33 7.85 -6.13 -10.57
CA GLN A 33 7.22 -7.10 -9.70
C GLN A 33 5.82 -7.45 -10.20
N ASP A 34 5.01 -6.43 -10.44
CA ASP A 34 3.66 -6.62 -10.91
C ASP A 34 3.65 -7.20 -12.32
N GLY A 35 4.40 -6.57 -13.22
CA GLY A 35 4.47 -7.04 -14.59
C GLY A 35 4.93 -5.96 -15.55
N SER A 36 5.09 -6.33 -16.82
CA SER A 36 5.53 -5.38 -17.84
C SER A 36 4.57 -5.37 -19.02
N PRO A 37 4.06 -4.18 -19.36
CA PRO A 37 4.39 -2.94 -18.63
C PRO A 37 3.80 -2.91 -17.23
N GLN A 38 4.38 -2.08 -16.36
CA GLN A 38 3.90 -1.97 -14.99
C GLN A 38 3.05 -0.71 -14.81
N GLY A 39 2.08 -0.78 -13.91
CA GLY A 39 1.21 0.35 -13.67
C GLY A 39 0.82 0.47 -12.21
N GLU A 40 -0.48 0.56 -11.95
CA GLU A 40 -0.98 0.68 -10.58
C GLU A 40 -1.37 -0.68 -10.02
N GLY A 41 -1.32 -0.80 -8.70
CA GLY A 41 -1.66 -2.06 -8.05
C GLY A 41 -2.95 -1.96 -7.26
N THR A 42 -3.31 -3.06 -6.60
CA THR A 42 -4.52 -3.10 -5.80
C THR A 42 -4.36 -4.03 -4.60
N VAL A 43 -4.26 -3.44 -3.41
CA VAL A 43 -4.11 -4.21 -2.19
C VAL A 43 -5.16 -5.32 -2.10
N THR A 44 -4.73 -6.50 -1.63
CA THR A 44 -5.63 -7.63 -1.50
C THR A 44 -5.59 -8.21 -0.09
N GLY A 45 -4.61 -7.77 0.69
CA GLY A 45 -4.47 -8.26 2.06
C GLY A 45 -4.35 -7.13 3.05
N GLU A 46 -4.76 -7.39 4.30
CA GLU A 46 -4.70 -6.38 5.35
C GLU A 46 -3.30 -6.33 5.97
N LEU A 47 -2.76 -5.12 6.10
CA LEU A 47 -1.43 -4.94 6.68
C LEU A 47 -1.34 -5.59 8.06
N HIS A 48 -0.75 -6.77 8.11
CA HIS A 48 -0.60 -7.50 9.37
C HIS A 48 0.84 -7.42 9.87
N ASN A 49 1.02 -6.90 11.08
CA ASN A 49 2.35 -6.77 11.67
C ASN A 49 3.28 -5.98 10.74
N GLY A 50 2.71 -5.08 9.96
CA GLY A 50 3.50 -4.29 9.04
C GLY A 50 3.77 -5.01 7.73
N TRP A 51 2.80 -5.78 7.27
CA TRP A 51 2.93 -6.52 6.02
C TRP A 51 1.58 -6.66 5.32
N ILE A 52 1.49 -6.07 4.13
CA ILE A 52 0.25 -6.14 3.35
C ILE A 52 0.51 -6.70 1.96
N ASP A 53 -0.46 -7.46 1.45
CA ASP A 53 -0.34 -8.06 0.13
C ASP A 53 -1.12 -7.26 -0.90
N VAL A 54 -0.63 -7.24 -2.13
CA VAL A 54 -1.28 -6.51 -3.21
C VAL A 54 -1.27 -7.32 -4.51
N THR A 55 -2.44 -7.48 -5.11
CA THR A 55 -2.57 -8.23 -6.35
C THR A 55 -2.69 -7.29 -7.55
N TRP A 56 -1.56 -6.98 -8.17
CA TRP A 56 -1.54 -6.09 -9.32
C TRP A 56 -2.32 -6.70 -10.49
N ASP A 57 -3.03 -5.85 -11.22
CA ASP A 57 -3.82 -6.31 -12.37
C ASP A 57 -3.02 -7.30 -13.21
N ALA A 58 -1.74 -7.00 -13.41
CA ALA A 58 -0.87 -7.88 -14.20
C ALA A 58 -1.06 -9.33 -13.82
N GLY A 59 -0.99 -9.62 -12.52
CA GLY A 59 -1.15 -10.98 -12.04
C GLY A 59 0.03 -11.45 -11.21
N GLY A 60 0.16 -10.89 -10.02
CA GLY A 60 1.26 -11.26 -9.13
C GLY A 60 1.13 -10.67 -7.75
N SER A 61 0.51 -11.43 -6.84
CA SER A 61 0.32 -10.96 -5.47
C SER A 61 1.52 -11.31 -4.60
N ASN A 62 1.92 -10.38 -3.75
CA ASN A 62 3.07 -10.58 -2.86
C ASN A 62 3.01 -9.62 -1.68
N SER A 63 3.68 -9.99 -0.59
CA SER A 63 3.71 -9.16 0.61
C SER A 63 4.85 -8.15 0.54
N TYR A 64 4.51 -6.88 0.73
CA TYR A 64 5.50 -5.81 0.68
C TYR A 64 5.64 -5.14 2.05
N ARG A 65 6.87 -4.79 2.41
CA ARG A 65 7.13 -4.14 3.69
C ARG A 65 6.49 -2.77 3.75
N MET A 66 5.55 -2.60 4.68
CA MET A 66 4.84 -1.33 4.84
C MET A 66 4.91 -0.86 6.29
N GLY A 67 6.02 -1.16 6.96
CA GLY A 67 6.18 -0.76 8.35
C GLY A 67 6.97 -1.77 9.15
N ALA A 68 6.85 -3.04 8.78
CA ALA A 68 7.57 -4.10 9.48
C ALA A 68 8.96 -3.64 9.91
N GLU A 69 9.76 -3.20 8.93
CA GLU A 69 11.11 -2.74 9.21
C GLU A 69 11.23 -1.24 8.95
N GLY A 70 10.14 -0.51 9.16
CA GLY A 70 10.15 0.92 8.95
C GLY A 70 10.41 1.29 7.51
N LYS A 71 9.92 0.46 6.59
CA LYS A 71 10.10 0.70 5.16
C LYS A 71 8.78 0.61 4.42
N PHE A 72 8.38 1.71 3.78
CA PHE A 72 7.13 1.75 3.03
C PHE A 72 7.37 1.43 1.56
N ASP A 73 7.10 0.18 1.18
CA ASP A 73 7.28 -0.25 -0.21
C ASP A 73 6.12 0.20 -1.08
N LEU A 74 4.90 0.05 -0.55
CA LEU A 74 3.70 0.44 -1.28
C LEU A 74 3.21 1.81 -0.83
N LYS A 75 2.29 2.38 -1.60
CA LYS A 75 1.74 3.69 -1.27
C LYS A 75 0.39 3.89 -1.96
N LEU A 76 -0.34 4.93 -1.54
CA LEU A 76 -1.64 5.23 -2.12
C LEU A 76 -1.52 5.59 -3.59
N ALA A 77 -2.54 5.22 -4.37
CA ALA A 77 -2.54 5.50 -5.80
C ALA A 77 -2.81 6.98 -6.07
N PRO A 78 -2.38 7.46 -7.25
CA PRO A 78 -2.56 8.86 -7.65
C PRO A 78 -4.02 9.18 -7.94
N GLY A 79 -4.78 9.47 -6.90
CA GLY A 79 -6.19 9.80 -7.06
C GLY A 79 -7.10 8.86 -6.29
N TYR A 80 -6.62 8.38 -5.14
CA TYR A 80 -7.40 7.47 -4.31
C TYR A 80 -8.11 8.23 -3.20
N SER A 81 -7.35 8.96 -2.40
CA SER A 81 -7.90 9.73 -1.30
C SER A 81 -9.01 8.95 -0.59
N GLY A 82 -8.69 7.72 -0.17
CA GLY A 82 -9.67 6.90 0.51
C GLY A 82 -10.81 6.49 -0.40
N PRO A 83 -11.47 5.38 -0.06
CA PRO A 83 -12.61 4.85 -0.85
C PRO A 83 -13.84 5.75 -0.74
N SER A 84 -14.22 6.07 0.49
CA SER A 84 -15.39 6.92 0.72
C SER A 84 -15.50 7.28 2.21
N SER A 85 -15.63 8.58 2.48
CA SER A 85 -15.75 9.05 3.85
C SER A 85 -17.21 9.29 4.22
N GLY A 86 -17.52 9.13 5.51
CA GLY A 86 -18.88 9.32 5.97
C GLY A 86 -18.96 10.28 7.15
N GLY A 1 -2.60 8.13 28.27
CA GLY A 1 -2.22 6.73 28.37
C GLY A 1 -2.28 6.01 27.05
N SER A 2 -3.04 4.92 27.00
CA SER A 2 -3.17 4.13 25.78
C SER A 2 -4.12 4.82 24.79
N SER A 3 -5.29 5.22 25.28
CA SER A 3 -6.29 5.89 24.45
C SER A 3 -5.60 6.76 23.40
N GLY A 4 -6.09 6.66 22.16
CA GLY A 4 -5.52 7.45 21.08
C GLY A 4 -4.23 6.87 20.55
N SER A 5 -4.27 6.40 19.30
CA SER A 5 -3.09 5.80 18.68
C SER A 5 -2.86 6.37 17.29
N SER A 6 -2.97 7.70 17.18
CA SER A 6 -2.78 8.38 15.90
C SER A 6 -1.30 8.58 15.60
N GLY A 7 -0.98 8.83 14.33
CA GLY A 7 0.40 9.03 13.94
C GLY A 7 0.53 9.94 12.73
N VAL A 8 1.74 10.05 12.21
CA VAL A 8 2.00 10.89 11.04
C VAL A 8 2.47 10.05 9.85
N ARG A 9 3.50 9.25 10.08
CA ARG A 9 4.05 8.39 9.03
C ARG A 9 3.19 7.16 8.82
N SER A 10 2.61 6.66 9.91
CA SER A 10 1.76 5.48 9.84
C SER A 10 0.32 5.86 9.50
N GLN A 11 0.17 6.80 8.57
CA GLN A 11 -1.15 7.25 8.14
C GLN A 11 -1.68 6.39 7.00
N VAL A 12 -0.88 6.26 5.94
CA VAL A 12 -1.28 5.45 4.79
C VAL A 12 -1.69 4.05 5.20
N LEU A 13 -1.06 3.54 6.26
CA LEU A 13 -1.36 2.20 6.76
C LEU A 13 -2.85 2.07 7.08
N LYS A 14 -3.51 3.20 7.31
CA LYS A 14 -4.93 3.21 7.63
C LYS A 14 -5.77 2.94 6.38
N TYR A 15 -5.18 3.17 5.21
CA TYR A 15 -5.86 2.95 3.95
C TYR A 15 -5.40 1.65 3.29
N MET A 16 -4.37 1.04 3.87
CA MET A 16 -3.83 -0.21 3.34
C MET A 16 -4.79 -1.37 3.60
N VAL A 17 -5.92 -1.35 2.90
CA VAL A 17 -6.92 -2.41 3.06
C VAL A 17 -7.05 -3.24 1.79
N PRO A 18 -7.51 -4.48 1.93
CA PRO A 18 -7.70 -5.41 0.81
C PRO A 18 -8.83 -4.98 -0.12
N GLY A 19 -8.49 -4.27 -1.18
CA GLY A 19 -9.48 -3.81 -2.13
C GLY A 19 -9.25 -2.37 -2.57
N ALA A 20 -8.25 -1.74 -1.99
CA ALA A 20 -7.93 -0.36 -2.33
C ALA A 20 -6.91 -0.29 -3.46
N ARG A 21 -6.46 0.92 -3.79
CA ARG A 21 -5.49 1.11 -4.86
C ARG A 21 -4.16 1.59 -4.29
N VAL A 22 -3.07 1.01 -4.78
CA VAL A 22 -1.74 1.39 -4.33
C VAL A 22 -0.72 1.29 -5.46
N ILE A 23 0.45 1.89 -5.26
CA ILE A 23 1.50 1.86 -6.27
C ILE A 23 2.88 1.81 -5.62
N ARG A 24 3.90 1.57 -6.43
CA ARG A 24 5.27 1.49 -5.93
C ARG A 24 5.64 2.75 -5.16
N GLY A 25 6.20 2.56 -3.96
CA GLY A 25 6.59 3.68 -3.14
C GLY A 25 8.02 4.13 -3.39
N LEU A 26 8.79 4.26 -2.32
CA LEU A 26 10.18 4.68 -2.43
C LEU A 26 11.12 3.51 -2.18
N ASP A 27 10.77 2.66 -1.22
CA ASP A 27 11.59 1.50 -0.90
C ASP A 27 11.28 0.33 -1.83
N TRP A 28 11.04 0.65 -3.09
CA TRP A 28 10.72 -0.37 -4.09
C TRP A 28 11.99 -0.93 -4.71
N LYS A 29 12.61 -1.90 -4.02
CA LYS A 29 13.83 -2.52 -4.50
C LYS A 29 13.52 -3.75 -5.35
N TRP A 30 12.45 -3.68 -6.12
CA TRP A 30 12.04 -4.77 -6.98
C TRP A 30 11.85 -4.31 -8.41
N ARG A 31 11.99 -5.23 -9.36
CA ARG A 31 11.82 -4.92 -10.77
C ARG A 31 10.42 -4.40 -11.06
N ASP A 32 10.11 -4.17 -12.33
CA ASP A 32 8.80 -3.69 -12.74
C ASP A 32 7.76 -4.80 -12.66
N GLN A 33 7.33 -5.10 -11.44
CA GLN A 33 6.34 -6.15 -11.23
C GLN A 33 4.95 -5.67 -11.64
N ASP A 34 4.71 -4.37 -11.54
CA ASP A 34 3.42 -3.79 -11.91
C ASP A 34 3.43 -3.33 -13.37
N GLY A 35 4.15 -4.07 -14.21
CA GLY A 35 4.23 -3.71 -15.62
C GLY A 35 5.18 -2.58 -15.88
N SER A 36 5.85 -2.60 -17.04
CA SER A 36 6.80 -1.57 -17.40
C SER A 36 6.25 -0.70 -18.54
N PRO A 37 6.31 0.62 -18.35
CA PRO A 37 6.86 1.23 -17.14
C PRO A 37 5.97 1.00 -15.92
N GLN A 38 6.49 1.33 -14.75
CA GLN A 38 5.74 1.17 -13.51
C GLN A 38 4.26 1.46 -13.72
N GLY A 39 3.41 0.63 -13.14
CA GLY A 39 1.96 0.81 -13.28
C GLY A 39 1.28 0.96 -11.94
N GLU A 40 0.12 0.30 -11.80
CA GLU A 40 -0.64 0.37 -10.56
C GLU A 40 -1.20 -1.00 -10.20
N GLY A 41 -1.35 -1.25 -8.89
CA GLY A 41 -1.87 -2.51 -8.43
C GLY A 41 -3.13 -2.36 -7.60
N THR A 42 -3.35 -3.29 -6.68
CA THR A 42 -4.52 -3.26 -5.82
C THR A 42 -4.32 -4.15 -4.59
N VAL A 43 -4.34 -3.52 -3.42
CA VAL A 43 -4.16 -4.25 -2.17
C VAL A 43 -5.23 -5.34 -2.01
N THR A 44 -4.80 -6.52 -1.57
CA THR A 44 -5.71 -7.64 -1.38
C THR A 44 -5.61 -8.20 0.03
N GLY A 45 -4.63 -7.71 0.78
CA GLY A 45 -4.45 -8.17 2.15
C GLY A 45 -4.32 -7.03 3.14
N GLU A 46 -4.78 -7.25 4.36
CA GLU A 46 -4.71 -6.23 5.40
C GLU A 46 -3.32 -6.18 6.03
N LEU A 47 -2.74 -4.99 6.07
CA LEU A 47 -1.41 -4.80 6.64
C LEU A 47 -1.30 -5.49 8.00
N HIS A 48 -0.63 -6.63 8.01
CA HIS A 48 -0.44 -7.40 9.25
C HIS A 48 1.00 -7.28 9.73
N ASN A 49 1.17 -6.82 10.96
CA ASN A 49 2.50 -6.67 11.55
C ASN A 49 3.42 -5.88 10.61
N GLY A 50 2.83 -4.99 9.82
CA GLY A 50 3.61 -4.19 8.89
C GLY A 50 3.85 -4.91 7.58
N TRP A 51 2.91 -5.75 7.18
CA TRP A 51 3.02 -6.50 5.93
C TRP A 51 1.67 -6.62 5.24
N ILE A 52 1.51 -5.94 4.12
CA ILE A 52 0.26 -5.97 3.37
C ILE A 52 0.47 -6.58 1.99
N ASP A 53 -0.50 -7.38 1.55
CA ASP A 53 -0.42 -8.02 0.24
C ASP A 53 -1.17 -7.21 -0.81
N VAL A 54 -0.73 -7.32 -2.06
CA VAL A 54 -1.36 -6.59 -3.16
C VAL A 54 -1.30 -7.40 -4.45
N THR A 55 -2.43 -7.48 -5.14
CA THR A 55 -2.52 -8.22 -6.40
C THR A 55 -2.50 -7.27 -7.59
N TRP A 56 -1.30 -7.03 -8.13
CA TRP A 56 -1.15 -6.14 -9.27
C TRP A 56 -1.90 -6.69 -10.49
N ASP A 57 -2.22 -5.81 -11.43
CA ASP A 57 -2.93 -6.20 -12.63
C ASP A 57 -1.98 -6.85 -13.64
N ALA A 58 -0.80 -6.27 -13.77
CA ALA A 58 0.21 -6.78 -14.70
C ALA A 58 0.93 -7.99 -14.11
N GLY A 59 1.24 -7.92 -12.81
CA GLY A 59 1.92 -9.02 -12.15
C GLY A 59 0.98 -9.87 -11.33
N GLY A 60 1.49 -10.42 -10.23
CA GLY A 60 0.68 -11.26 -9.37
C GLY A 60 0.50 -10.66 -7.98
N SER A 61 0.51 -11.52 -6.97
CA SER A 61 0.33 -11.07 -5.58
C SER A 61 1.61 -11.30 -4.78
N ASN A 62 1.90 -10.38 -3.87
CA ASN A 62 3.09 -10.47 -3.02
C ASN A 62 3.01 -9.50 -1.85
N SER A 63 3.70 -9.84 -0.77
CA SER A 63 3.70 -9.00 0.42
C SER A 63 4.83 -7.98 0.36
N TYR A 64 4.52 -6.74 0.73
CA TYR A 64 5.51 -5.67 0.71
C TYR A 64 5.65 -5.03 2.09
N ARG A 65 6.86 -4.58 2.41
CA ARG A 65 7.13 -3.96 3.70
C ARG A 65 6.45 -2.59 3.79
N MET A 66 5.55 -2.45 4.76
CA MET A 66 4.83 -1.20 4.96
C MET A 66 4.99 -0.70 6.39
N GLY A 67 6.11 -1.05 7.02
CA GLY A 67 6.36 -0.63 8.39
C GLY A 67 7.13 -1.67 9.17
N ALA A 68 6.97 -2.94 8.81
CA ALA A 68 7.64 -4.03 9.49
C ALA A 68 9.06 -3.63 9.90
N GLU A 69 9.85 -3.17 8.93
CA GLU A 69 11.22 -2.75 9.20
C GLU A 69 11.37 -1.24 9.02
N GLY A 70 10.25 -0.53 9.07
CA GLY A 70 10.28 0.91 8.91
C GLY A 70 10.51 1.33 7.48
N LYS A 71 10.02 0.53 6.54
CA LYS A 71 10.17 0.82 5.12
C LYS A 71 8.84 0.68 4.39
N PHE A 72 8.40 1.77 3.76
CA PHE A 72 7.14 1.77 3.03
C PHE A 72 7.38 1.51 1.54
N ASP A 73 7.10 0.28 1.11
CA ASP A 73 7.29 -0.10 -0.28
C ASP A 73 6.04 0.22 -1.10
N LEU A 74 4.89 0.25 -0.42
CA LEU A 74 3.63 0.55 -1.09
C LEU A 74 3.09 1.90 -0.67
N LYS A 75 2.22 2.48 -1.50
CA LYS A 75 1.63 3.78 -1.21
C LYS A 75 0.33 3.97 -1.99
N LEU A 76 -0.45 4.95 -1.58
CA LEU A 76 -1.72 5.24 -2.23
C LEU A 76 -1.51 5.57 -3.71
N ALA A 77 -2.47 5.20 -4.55
CA ALA A 77 -2.39 5.46 -5.98
C ALA A 77 -2.64 6.93 -6.29
N PRO A 78 -2.14 7.39 -7.44
CA PRO A 78 -2.30 8.78 -7.88
C PRO A 78 -3.74 9.11 -8.26
N GLY A 79 -4.57 9.39 -7.27
CA GLY A 79 -5.96 9.70 -7.53
C GLY A 79 -6.91 8.86 -6.70
N TYR A 80 -6.38 8.20 -5.68
CA TYR A 80 -7.19 7.36 -4.81
C TYR A 80 -7.36 8.00 -3.44
N SER A 81 -8.60 8.11 -2.99
CA SER A 81 -8.91 8.71 -1.70
C SER A 81 -8.98 7.64 -0.61
N GLY A 82 -10.00 6.79 -0.68
CA GLY A 82 -10.17 5.74 0.30
C GLY A 82 -11.58 5.17 0.32
N PRO A 83 -11.85 4.29 1.29
CA PRO A 83 -13.17 3.66 1.43
C PRO A 83 -14.24 4.65 1.89
N SER A 84 -13.85 5.91 2.03
CA SER A 84 -14.77 6.94 2.48
C SER A 84 -15.30 6.64 3.87
N SER A 85 -14.38 6.38 4.80
CA SER A 85 -14.77 6.07 6.17
C SER A 85 -14.30 7.18 7.13
N GLY A 86 -14.79 7.12 8.36
CA GLY A 86 -14.41 8.12 9.34
C GLY A 86 -15.03 7.85 10.71
N GLY A 1 -10.23 18.66 12.83
CA GLY A 1 -10.68 19.30 14.05
C GLY A 1 -10.85 18.33 15.20
N SER A 2 -9.74 17.97 15.83
CA SER A 2 -9.77 17.04 16.95
C SER A 2 -8.44 17.07 17.71
N SER A 3 -8.52 16.98 19.03
CA SER A 3 -7.33 16.99 19.88
C SER A 3 -6.60 15.65 19.81
N GLY A 4 -5.37 15.67 19.30
CA GLY A 4 -4.59 14.44 19.21
C GLY A 4 -3.49 14.55 18.17
N SER A 5 -2.94 13.40 17.79
CA SER A 5 -1.86 13.37 16.80
C SER A 5 -2.40 13.64 15.40
N SER A 6 -2.27 14.89 14.95
CA SER A 6 -2.75 15.29 13.64
C SER A 6 -2.02 14.52 12.54
N GLY A 7 -0.70 14.40 12.67
CA GLY A 7 0.08 13.69 11.69
C GLY A 7 0.77 12.46 12.27
N VAL A 8 0.84 11.40 11.48
CA VAL A 8 1.47 10.16 11.92
C VAL A 8 1.99 9.34 10.73
N ARG A 9 3.28 9.07 10.74
CA ARG A 9 3.90 8.30 9.66
C ARG A 9 3.00 7.15 9.22
N SER A 10 2.31 6.54 10.19
CA SER A 10 1.42 5.42 9.91
C SER A 10 0.07 5.93 9.43
N GLN A 11 0.08 6.79 8.43
CA GLN A 11 -1.14 7.35 7.87
C GLN A 11 -1.70 6.45 6.77
N VAL A 12 -0.92 6.28 5.70
CA VAL A 12 -1.33 5.44 4.58
C VAL A 12 -1.78 4.06 5.05
N LEU A 13 -1.12 3.56 6.10
CA LEU A 13 -1.45 2.26 6.65
C LEU A 13 -2.93 2.18 7.03
N LYS A 14 -3.52 3.34 7.28
CA LYS A 14 -4.93 3.41 7.66
C LYS A 14 -5.82 3.08 6.47
N TYR A 15 -5.29 3.25 5.27
CA TYR A 15 -6.03 2.97 4.05
C TYR A 15 -5.60 1.65 3.43
N MET A 16 -4.47 1.13 3.89
CA MET A 16 -3.95 -0.14 3.39
C MET A 16 -4.93 -1.27 3.65
N VAL A 17 -5.95 -1.37 2.80
CA VAL A 17 -6.96 -2.41 2.93
C VAL A 17 -7.08 -3.24 1.66
N PRO A 18 -7.55 -4.48 1.81
CA PRO A 18 -7.72 -5.41 0.67
C PRO A 18 -8.84 -4.99 -0.27
N GLY A 19 -8.48 -4.34 -1.36
CA GLY A 19 -9.46 -3.89 -2.33
C GLY A 19 -9.24 -2.44 -2.75
N ALA A 20 -8.28 -1.78 -2.12
CA ALA A 20 -7.97 -0.39 -2.43
C ALA A 20 -6.87 -0.30 -3.49
N ARG A 21 -6.56 0.91 -3.90
CA ARG A 21 -5.53 1.13 -4.92
C ARG A 21 -4.20 1.52 -4.25
N VAL A 22 -3.10 1.11 -4.88
CA VAL A 22 -1.77 1.40 -4.35
C VAL A 22 -0.71 1.28 -5.44
N ILE A 23 0.45 1.89 -5.19
CA ILE A 23 1.55 1.85 -6.15
C ILE A 23 2.89 1.79 -5.44
N ARG A 24 3.97 1.67 -6.22
CA ARG A 24 5.31 1.60 -5.67
C ARG A 24 5.71 2.93 -5.04
N GLY A 25 6.00 2.91 -3.74
CA GLY A 25 6.38 4.12 -3.04
C GLY A 25 7.83 4.49 -3.30
N LEU A 26 8.48 5.10 -2.31
CA LEU A 26 9.87 5.51 -2.43
C LEU A 26 10.81 4.41 -1.95
N ASP A 27 10.44 3.76 -0.85
CA ASP A 27 11.26 2.68 -0.30
C ASP A 27 11.45 1.57 -1.32
N TRP A 28 10.57 1.52 -2.31
CA TRP A 28 10.66 0.51 -3.36
C TRP A 28 12.09 0.35 -3.85
N LYS A 29 12.77 -0.70 -3.40
CA LYS A 29 14.14 -0.97 -3.81
C LYS A 29 14.22 -2.19 -4.70
N TRP A 30 13.07 -2.62 -5.22
CA TRP A 30 13.01 -3.78 -6.09
C TRP A 30 12.79 -3.37 -7.54
N ARG A 31 12.81 -4.34 -8.45
CA ARG A 31 12.61 -4.08 -9.87
C ARG A 31 11.12 -3.95 -10.19
N ASP A 32 10.82 -3.80 -11.48
CA ASP A 32 9.43 -3.67 -11.92
C ASP A 32 8.71 -5.00 -11.86
N GLN A 33 8.10 -5.29 -10.71
CA GLN A 33 7.38 -6.54 -10.53
C GLN A 33 5.90 -6.39 -10.90
N ASP A 34 5.29 -5.31 -10.43
CA ASP A 34 3.89 -5.03 -10.71
C ASP A 34 3.60 -5.20 -12.20
N GLY A 35 4.56 -4.84 -13.04
CA GLY A 35 4.39 -4.95 -14.47
C GLY A 35 4.75 -3.68 -15.21
N SER A 36 5.27 -3.82 -16.42
CA SER A 36 5.67 -2.67 -17.23
C SER A 36 4.75 -2.53 -18.45
N PRO A 37 4.60 -1.28 -18.92
CA PRO A 37 5.25 -0.12 -18.32
C PRO A 37 4.68 0.22 -16.95
N GLN A 38 5.36 1.10 -16.22
CA GLN A 38 4.91 1.52 -14.90
C GLN A 38 3.39 1.56 -14.83
N GLY A 39 2.82 0.77 -13.93
CA GLY A 39 1.37 0.74 -13.77
C GLY A 39 0.94 0.88 -12.33
N GLU A 40 -0.29 0.47 -12.04
CA GLU A 40 -0.82 0.55 -10.70
C GLU A 40 -1.33 -0.81 -10.23
N GLY A 41 -1.32 -1.02 -8.91
CA GLY A 41 -1.78 -2.28 -8.35
C GLY A 41 -3.01 -2.11 -7.48
N THR A 42 -3.32 -3.13 -6.69
CA THR A 42 -4.47 -3.10 -5.81
C THR A 42 -4.29 -4.04 -4.62
N VAL A 43 -4.25 -3.46 -3.43
CA VAL A 43 -4.07 -4.25 -2.21
C VAL A 43 -5.10 -5.37 -2.13
N THR A 44 -4.66 -6.53 -1.65
CA THR A 44 -5.53 -7.70 -1.53
C THR A 44 -5.49 -8.26 -0.12
N GLY A 45 -4.59 -7.73 0.71
CA GLY A 45 -4.48 -8.19 2.08
C GLY A 45 -4.37 -7.06 3.08
N GLU A 46 -4.82 -7.31 4.30
CA GLU A 46 -4.78 -6.29 5.35
C GLU A 46 -3.38 -6.23 5.99
N LEU A 47 -2.82 -5.03 6.03
CA LEU A 47 -1.49 -4.84 6.62
C LEU A 47 -1.41 -5.48 8.00
N HIS A 48 -0.76 -6.64 8.06
CA HIS A 48 -0.62 -7.37 9.32
C HIS A 48 0.85 -7.37 9.77
N ASN A 49 1.09 -6.87 10.97
CA ASN A 49 2.44 -6.81 11.51
C ASN A 49 3.37 -6.03 10.59
N GLY A 50 2.79 -5.12 9.82
CA GLY A 50 3.58 -4.30 8.90
C GLY A 50 3.84 -5.01 7.59
N TRP A 51 2.88 -5.83 7.16
CA TRP A 51 3.01 -6.57 5.91
C TRP A 51 1.67 -6.71 5.21
N ILE A 52 1.51 -6.01 4.10
CA ILE A 52 0.26 -6.05 3.34
C ILE A 52 0.49 -6.63 1.95
N ASP A 53 -0.45 -7.46 1.49
CA ASP A 53 -0.36 -8.07 0.18
C ASP A 53 -1.11 -7.26 -0.87
N VAL A 54 -0.63 -7.29 -2.11
CA VAL A 54 -1.26 -6.56 -3.19
C VAL A 54 -1.23 -7.35 -4.49
N THR A 55 -2.37 -7.44 -5.16
CA THR A 55 -2.47 -8.17 -6.42
C THR A 55 -2.50 -7.22 -7.61
N TRP A 56 -1.35 -7.06 -8.26
CA TRP A 56 -1.25 -6.18 -9.42
C TRP A 56 -2.07 -6.72 -10.58
N ASP A 57 -2.65 -5.81 -11.36
CA ASP A 57 -3.46 -6.19 -12.52
C ASP A 57 -2.69 -7.17 -13.41
N ALA A 58 -1.45 -6.83 -13.72
CA ALA A 58 -0.61 -7.68 -14.57
C ALA A 58 -0.91 -9.15 -14.33
N GLY A 59 -0.90 -9.56 -13.07
CA GLY A 59 -1.16 -10.95 -12.73
C GLY A 59 -0.19 -11.50 -11.71
N GLY A 60 -0.42 -11.16 -10.44
CA GLY A 60 0.46 -11.63 -9.38
C GLY A 60 0.20 -10.93 -8.07
N SER A 61 0.62 -11.55 -6.97
CA SER A 61 0.43 -10.98 -5.64
C SER A 61 1.60 -11.32 -4.72
N ASN A 62 1.91 -10.42 -3.80
CA ASN A 62 3.02 -10.62 -2.87
C ASN A 62 2.92 -9.65 -1.70
N SER A 63 3.77 -9.85 -0.70
CA SER A 63 3.78 -8.99 0.48
C SER A 63 4.87 -7.94 0.36
N TYR A 64 4.54 -6.71 0.75
CA TYR A 64 5.48 -5.59 0.68
C TYR A 64 5.63 -4.93 2.05
N ARG A 65 6.87 -4.57 2.39
CA ARG A 65 7.15 -3.93 3.67
C ARG A 65 6.46 -2.57 3.75
N MET A 66 5.52 -2.45 4.68
CA MET A 66 4.78 -1.20 4.87
C MET A 66 4.86 -0.72 6.31
N GLY A 67 5.98 -1.04 6.97
CA GLY A 67 6.16 -0.65 8.35
C GLY A 67 6.95 -1.67 9.15
N ALA A 68 6.89 -2.92 8.71
CA ALA A 68 7.60 -4.00 9.40
C ALA A 68 8.96 -3.53 9.92
N GLU A 69 9.73 -2.90 9.04
CA GLU A 69 11.05 -2.40 9.41
C GLU A 69 11.11 -0.88 9.27
N GLY A 70 9.95 -0.25 9.18
CA GLY A 70 9.89 1.19 9.04
C GLY A 70 10.10 1.65 7.61
N LYS A 71 9.82 0.76 6.67
CA LYS A 71 9.99 1.08 5.25
C LYS A 71 8.66 0.94 4.51
N PHE A 72 8.31 1.98 3.75
CA PHE A 72 7.06 1.97 3.00
C PHE A 72 7.32 1.69 1.52
N ASP A 73 7.13 0.44 1.12
CA ASP A 73 7.36 0.03 -0.26
C ASP A 73 6.13 0.34 -1.12
N LEU A 74 4.97 0.43 -0.48
CA LEU A 74 3.73 0.72 -1.18
C LEU A 74 3.15 2.05 -0.72
N LYS A 75 2.22 2.59 -1.51
CA LYS A 75 1.58 3.86 -1.17
C LYS A 75 0.25 4.00 -1.90
N LEU A 76 -0.46 5.09 -1.61
CA LEU A 76 -1.75 5.34 -2.24
C LEU A 76 -1.58 5.69 -3.73
N ALA A 77 -2.48 5.17 -4.55
CA ALA A 77 -2.42 5.43 -5.99
C ALA A 77 -2.70 6.91 -6.29
N PRO A 78 -2.13 7.39 -7.41
CA PRO A 78 -2.30 8.79 -7.83
C PRO A 78 -3.72 9.09 -8.29
N GLY A 79 -4.58 9.45 -7.34
CA GLY A 79 -5.96 9.76 -7.67
C GLY A 79 -6.95 8.96 -6.84
N TYR A 80 -6.43 8.21 -5.87
CA TYR A 80 -7.27 7.40 -5.00
C TYR A 80 -7.57 8.12 -3.69
N SER A 81 -8.77 7.89 -3.16
CA SER A 81 -9.18 8.53 -1.91
C SER A 81 -9.61 7.47 -0.89
N GLY A 82 -9.46 7.81 0.39
CA GLY A 82 -9.83 6.89 1.44
C GLY A 82 -11.29 6.48 1.37
N PRO A 83 -11.61 5.29 1.92
CA PRO A 83 -12.98 4.77 1.92
C PRO A 83 -13.90 5.55 2.85
N SER A 84 -14.74 6.40 2.26
CA SER A 84 -15.68 7.21 3.03
C SER A 84 -14.96 7.94 4.15
N SER A 85 -13.71 8.33 3.90
CA SER A 85 -12.91 9.04 4.89
C SER A 85 -12.61 10.46 4.44
N GLY A 86 -12.27 10.60 3.16
CA GLY A 86 -11.97 11.91 2.61
C GLY A 86 -13.17 12.83 2.62
N GLY A 1 -16.79 9.41 24.19
CA GLY A 1 -15.58 9.11 23.43
C GLY A 1 -14.50 10.15 23.63
N SER A 2 -13.31 9.87 23.11
CA SER A 2 -12.19 10.78 23.24
C SER A 2 -11.32 10.75 21.99
N SER A 3 -10.95 11.93 21.50
CA SER A 3 -10.12 12.04 20.31
C SER A 3 -8.67 12.32 20.68
N GLY A 4 -7.75 11.95 19.78
CA GLY A 4 -6.34 12.16 20.03
C GLY A 4 -5.47 11.11 19.37
N SER A 5 -4.49 11.57 18.59
CA SER A 5 -3.59 10.66 17.90
C SER A 5 -2.16 11.18 17.93
N SER A 6 -1.20 10.30 17.63
CA SER A 6 0.21 10.67 17.64
C SER A 6 0.96 9.96 16.52
N GLY A 7 2.20 10.38 16.29
CA GLY A 7 3.01 9.77 15.25
C GLY A 7 2.60 10.23 13.86
N VAL A 8 3.48 11.00 13.22
CA VAL A 8 3.20 11.51 11.88
C VAL A 8 3.22 10.38 10.85
N ARG A 9 4.07 9.38 11.09
CA ARG A 9 4.18 8.25 10.18
C ARG A 9 3.01 7.28 10.38
N SER A 10 3.06 6.17 9.65
CA SER A 10 2.01 5.16 9.75
C SER A 10 0.65 5.75 9.36
N GLN A 11 0.67 6.69 8.42
CA GLN A 11 -0.55 7.33 7.96
C GLN A 11 -1.20 6.53 6.84
N VAL A 12 -0.40 6.09 5.88
CA VAL A 12 -0.91 5.31 4.75
C VAL A 12 -1.50 3.99 5.24
N LEU A 13 -0.92 3.43 6.29
CA LEU A 13 -1.39 2.17 6.85
C LEU A 13 -2.88 2.24 7.18
N LYS A 14 -3.38 3.45 7.38
CA LYS A 14 -4.78 3.66 7.70
C LYS A 14 -5.67 3.39 6.48
N TYR A 15 -5.08 3.52 5.29
CA TYR A 15 -5.81 3.28 4.05
C TYR A 15 -5.45 1.92 3.46
N MET A 16 -4.34 1.35 3.92
CA MET A 16 -3.89 0.05 3.43
C MET A 16 -4.92 -1.03 3.76
N VAL A 17 -5.83 -1.29 2.83
CA VAL A 17 -6.86 -2.30 3.02
C VAL A 17 -7.03 -3.16 1.78
N PRO A 18 -7.53 -4.39 1.97
CA PRO A 18 -7.76 -5.32 0.87
C PRO A 18 -8.90 -4.90 -0.04
N GLY A 19 -8.58 -4.21 -1.13
CA GLY A 19 -9.59 -3.75 -2.06
C GLY A 19 -9.35 -2.32 -2.51
N ALA A 20 -8.33 -1.69 -1.96
CA ALA A 20 -8.00 -0.31 -2.32
C ALA A 20 -6.97 -0.27 -3.44
N ARG A 21 -6.54 0.94 -3.80
CA ARG A 21 -5.56 1.12 -4.87
C ARG A 21 -4.22 1.58 -4.29
N VAL A 22 -3.14 1.07 -4.87
CA VAL A 22 -1.79 1.44 -4.41
C VAL A 22 -0.79 1.36 -5.55
N ILE A 23 0.38 1.96 -5.35
CA ILE A 23 1.42 1.95 -6.36
C ILE A 23 2.81 1.85 -5.72
N ARG A 24 3.84 1.83 -6.56
CA ARG A 24 5.21 1.73 -6.08
C ARG A 24 5.62 3.00 -5.34
N GLY A 25 6.13 2.83 -4.12
CA GLY A 25 6.55 3.97 -3.34
C GLY A 25 8.02 4.29 -3.52
N LEU A 26 8.71 4.56 -2.41
CA LEU A 26 10.13 4.89 -2.45
C LEU A 26 10.97 3.66 -2.17
N ASP A 27 10.51 2.83 -1.24
CA ASP A 27 11.24 1.61 -0.88
C ASP A 27 10.90 0.48 -1.84
N TRP A 28 10.79 0.81 -3.12
CA TRP A 28 10.47 -0.18 -4.14
C TRP A 28 11.72 -0.93 -4.59
N LYS A 29 12.06 -1.99 -3.85
CA LYS A 29 13.23 -2.79 -4.16
C LYS A 29 12.88 -3.89 -5.17
N TRP A 30 11.96 -3.58 -6.07
CA TRP A 30 11.54 -4.55 -7.08
C TRP A 30 11.87 -4.03 -8.48
N ARG A 31 11.70 -4.89 -9.48
CA ARG A 31 11.97 -4.53 -10.86
C ARG A 31 10.68 -4.24 -11.62
N ASP A 32 9.92 -5.29 -11.89
CA ASP A 32 8.66 -5.16 -12.61
C ASP A 32 7.56 -5.98 -11.92
N GLN A 33 7.72 -6.23 -10.64
CA GLN A 33 6.75 -6.99 -9.87
C GLN A 33 5.33 -6.58 -10.24
N ASP A 34 5.05 -5.29 -10.16
CA ASP A 34 3.73 -4.77 -10.49
C ASP A 34 3.25 -5.29 -11.84
N GLY A 35 4.14 -5.24 -12.83
CA GLY A 35 3.79 -5.72 -14.16
C GLY A 35 3.99 -4.66 -15.22
N SER A 36 4.52 -5.07 -16.37
CA SER A 36 4.77 -4.15 -17.47
C SER A 36 3.67 -4.24 -18.52
N PRO A 37 3.28 -3.09 -19.09
CA PRO A 37 3.87 -1.79 -18.72
C PRO A 37 3.48 -1.36 -17.31
N GLN A 38 4.34 -0.56 -16.69
CA GLN A 38 4.08 -0.07 -15.34
C GLN A 38 2.64 0.44 -15.21
N GLY A 39 2.02 0.15 -14.07
CA GLY A 39 0.66 0.59 -13.84
C GLY A 39 0.35 0.80 -12.37
N GLU A 40 -0.76 0.24 -11.91
CA GLU A 40 -1.16 0.38 -10.52
C GLU A 40 -1.66 -0.96 -9.96
N GLY A 41 -1.37 -1.21 -8.69
CA GLY A 41 -1.78 -2.45 -8.06
C GLY A 41 -3.07 -2.30 -7.28
N THR A 42 -3.47 -3.37 -6.58
CA THR A 42 -4.69 -3.35 -5.80
C THR A 42 -4.56 -4.23 -4.56
N VAL A 43 -4.42 -3.60 -3.40
CA VAL A 43 -4.28 -4.33 -2.14
C VAL A 43 -5.39 -5.36 -1.99
N THR A 44 -5.01 -6.56 -1.55
CA THR A 44 -5.97 -7.64 -1.36
C THR A 44 -5.87 -8.23 0.04
N GLY A 45 -4.83 -7.82 0.78
CA GLY A 45 -4.64 -8.32 2.13
C GLY A 45 -4.48 -7.20 3.14
N GLU A 46 -4.82 -7.49 4.40
CA GLU A 46 -4.72 -6.50 5.46
C GLU A 46 -3.28 -6.40 5.97
N LEU A 47 -2.83 -5.17 6.23
CA LEU A 47 -1.48 -4.95 6.72
C LEU A 47 -1.32 -5.51 8.13
N HIS A 48 -0.72 -6.69 8.23
CA HIS A 48 -0.50 -7.34 9.51
C HIS A 48 0.98 -7.29 9.90
N ASN A 49 1.27 -6.69 11.05
CA ASN A 49 2.65 -6.58 11.52
C ASN A 49 3.52 -5.89 10.49
N GLY A 50 2.96 -4.90 9.80
CA GLY A 50 3.71 -4.17 8.80
C GLY A 50 3.91 -4.97 7.53
N TRP A 51 2.91 -5.76 7.16
CA TRP A 51 2.97 -6.58 5.96
C TRP A 51 1.60 -6.74 5.33
N ILE A 52 1.42 -6.15 4.15
CA ILE A 52 0.14 -6.24 3.45
C ILE A 52 0.33 -6.79 2.04
N ASP A 53 -0.61 -7.63 1.62
CA ASP A 53 -0.55 -8.23 0.28
C ASP A 53 -1.23 -7.34 -0.75
N VAL A 54 -0.80 -7.46 -2.00
CA VAL A 54 -1.37 -6.66 -3.08
C VAL A 54 -1.30 -7.41 -4.40
N THR A 55 -2.46 -7.65 -5.01
CA THR A 55 -2.53 -8.35 -6.28
C THR A 55 -2.63 -7.37 -7.45
N TRP A 56 -1.52 -7.19 -8.15
CA TRP A 56 -1.48 -6.28 -9.30
C TRP A 56 -2.30 -6.83 -10.46
N ASP A 57 -2.86 -5.93 -11.26
CA ASP A 57 -3.67 -6.33 -12.40
C ASP A 57 -2.90 -7.29 -13.30
N ALA A 58 -1.67 -6.92 -13.64
CA ALA A 58 -0.82 -7.74 -14.49
C ALA A 58 -1.08 -9.23 -14.25
N GLY A 59 -0.94 -9.64 -12.99
CA GLY A 59 -1.17 -11.04 -12.65
C GLY A 59 -0.19 -11.54 -11.61
N GLY A 60 0.01 -10.76 -10.55
CA GLY A 60 0.92 -11.15 -9.49
C GLY A 60 0.56 -10.53 -8.15
N SER A 61 0.90 -11.23 -7.07
CA SER A 61 0.60 -10.75 -5.73
C SER A 61 1.68 -11.20 -4.74
N ASN A 62 1.98 -10.34 -3.77
CA ASN A 62 2.99 -10.65 -2.77
C ASN A 62 2.94 -9.64 -1.63
N SER A 63 3.67 -9.93 -0.55
CA SER A 63 3.71 -9.05 0.60
C SER A 63 4.80 -7.99 0.45
N TYR A 64 4.47 -6.76 0.83
CA TYR A 64 5.41 -5.66 0.73
C TYR A 64 5.57 -4.95 2.07
N ARG A 65 6.80 -4.64 2.43
CA ARG A 65 7.08 -3.96 3.70
C ARG A 65 6.38 -2.61 3.76
N MET A 66 5.55 -2.43 4.78
CA MET A 66 4.82 -1.17 4.95
C MET A 66 4.91 -0.67 6.39
N GLY A 67 6.06 -0.92 7.01
CA GLY A 67 6.26 -0.48 8.38
C GLY A 67 7.05 -1.49 9.20
N ALA A 68 6.97 -2.76 8.81
CA ALA A 68 7.68 -3.82 9.50
C ALA A 68 9.07 -3.35 9.96
N GLU A 69 9.84 -2.83 9.00
CA GLU A 69 11.18 -2.35 9.30
C GLU A 69 11.29 -0.84 9.04
N GLY A 70 10.16 -0.16 9.13
CA GLY A 70 10.14 1.27 8.91
C GLY A 70 10.42 1.65 7.47
N LYS A 71 10.00 0.77 6.56
CA LYS A 71 10.19 1.01 5.13
C LYS A 71 8.88 0.89 4.37
N PHE A 72 8.46 1.97 3.74
CA PHE A 72 7.22 1.99 2.97
C PHE A 72 7.47 1.67 1.51
N ASP A 73 7.24 0.41 1.14
CA ASP A 73 7.44 -0.04 -0.23
C ASP A 73 6.27 0.38 -1.11
N LEU A 74 5.06 0.30 -0.57
CA LEU A 74 3.86 0.66 -1.31
C LEU A 74 3.28 1.96 -0.79
N LYS A 75 2.50 2.64 -1.63
CA LYS A 75 1.87 3.90 -1.26
C LYS A 75 0.57 4.12 -2.02
N LEU A 76 -0.27 5.00 -1.50
CA LEU A 76 -1.55 5.30 -2.14
C LEU A 76 -1.36 5.67 -3.61
N ALA A 77 -2.33 5.30 -4.44
CA ALA A 77 -2.27 5.60 -5.87
C ALA A 77 -2.53 7.08 -6.13
N PRO A 78 -2.04 7.57 -7.27
CA PRO A 78 -2.20 8.97 -7.67
C PRO A 78 -3.64 9.31 -8.02
N GLY A 79 -4.43 9.65 -7.02
CA GLY A 79 -5.83 9.99 -7.25
C GLY A 79 -6.78 9.04 -6.55
N TYR A 80 -6.38 8.56 -5.38
CA TYR A 80 -7.21 7.63 -4.62
C TYR A 80 -7.49 8.18 -3.21
N SER A 81 -8.75 8.16 -2.82
CA SER A 81 -9.15 8.66 -1.51
C SER A 81 -9.60 7.50 -0.61
N GLY A 82 -9.26 7.60 0.68
CA GLY A 82 -9.65 6.55 1.62
C GLY A 82 -11.11 6.16 1.49
N PRO A 83 -11.44 4.96 1.95
CA PRO A 83 -12.81 4.43 1.89
C PRO A 83 -13.75 5.16 2.84
N SER A 84 -14.36 6.24 2.35
CA SER A 84 -15.29 7.03 3.16
C SER A 84 -16.54 6.22 3.52
N SER A 85 -16.66 5.88 4.79
CA SER A 85 -17.80 5.10 5.26
C SER A 85 -18.67 5.93 6.20
N GLY A 86 -19.96 5.99 5.89
CA GLY A 86 -20.89 6.75 6.71
C GLY A 86 -20.97 6.23 8.13
N GLY A 1 -12.43 11.03 18.59
CA GLY A 1 -12.40 12.30 17.89
C GLY A 1 -11.63 13.36 18.64
N SER A 2 -10.50 12.96 19.22
CA SER A 2 -9.66 13.89 19.97
C SER A 2 -8.24 13.89 19.43
N SER A 3 -7.98 14.74 18.43
CA SER A 3 -6.67 14.83 17.82
C SER A 3 -5.58 14.85 18.89
N GLY A 4 -4.61 13.95 18.76
CA GLY A 4 -3.52 13.87 19.71
C GLY A 4 -2.28 13.24 19.13
N SER A 5 -1.92 13.66 17.92
CA SER A 5 -0.74 13.12 17.24
C SER A 5 -0.37 13.98 16.03
N SER A 6 0.77 14.65 16.12
CA SER A 6 1.23 15.51 15.04
C SER A 6 2.44 14.88 14.34
N GLY A 7 2.47 15.02 13.01
CA GLY A 7 3.57 14.46 12.24
C GLY A 7 3.64 12.95 12.33
N VAL A 8 2.58 12.28 11.92
CA VAL A 8 2.52 10.82 11.96
C VAL A 8 3.10 10.21 10.69
N ARG A 9 3.72 9.05 10.83
CA ARG A 9 4.32 8.36 9.69
C ARG A 9 3.44 7.19 9.23
N SER A 10 2.66 6.65 10.16
CA SER A 10 1.77 5.54 9.85
C SER A 10 0.37 6.02 9.52
N GLN A 11 0.28 6.92 8.53
CA GLN A 11 -1.01 7.46 8.11
C GLN A 11 -1.57 6.68 6.94
N VAL A 12 -0.69 6.12 6.13
CA VAL A 12 -1.10 5.33 4.97
C VAL A 12 -1.51 3.93 5.37
N LEU A 13 -0.84 3.38 6.38
CA LEU A 13 -1.14 2.04 6.86
C LEU A 13 -2.61 1.91 7.24
N LYS A 14 -3.26 3.05 7.46
CA LYS A 14 -4.67 3.06 7.83
C LYS A 14 -5.55 2.81 6.61
N TYR A 15 -5.02 3.13 5.43
CA TYR A 15 -5.77 2.94 4.19
C TYR A 15 -5.35 1.63 3.51
N MET A 16 -4.26 1.04 3.97
CA MET A 16 -3.77 -0.20 3.41
C MET A 16 -4.74 -1.34 3.66
N VAL A 17 -5.84 -1.35 2.92
CA VAL A 17 -6.86 -2.38 3.06
C VAL A 17 -6.99 -3.21 1.79
N PRO A 18 -7.46 -4.46 1.94
CA PRO A 18 -7.64 -5.38 0.81
C PRO A 18 -8.78 -4.95 -0.10
N GLY A 19 -8.44 -4.24 -1.18
CA GLY A 19 -9.44 -3.78 -2.13
C GLY A 19 -9.26 -2.33 -2.50
N ALA A 20 -8.20 -1.71 -1.99
CA ALA A 20 -7.91 -0.32 -2.28
C ALA A 20 -6.82 -0.18 -3.34
N ARG A 21 -6.60 1.04 -3.81
CA ARG A 21 -5.59 1.31 -4.83
C ARG A 21 -4.25 1.67 -4.17
N VAL A 22 -3.17 1.21 -4.78
CA VAL A 22 -1.83 1.48 -4.28
C VAL A 22 -0.79 1.40 -5.38
N ILE A 23 0.31 2.13 -5.21
CA ILE A 23 1.38 2.14 -6.19
C ILE A 23 2.75 2.07 -5.52
N ARG A 24 3.77 1.73 -6.30
CA ARG A 24 5.14 1.63 -5.77
C ARG A 24 5.51 2.89 -4.99
N GLY A 25 6.27 2.70 -3.93
CA GLY A 25 6.69 3.83 -3.11
C GLY A 25 8.15 4.18 -3.32
N LEU A 26 8.77 4.75 -2.29
CA LEU A 26 10.18 5.14 -2.36
C LEU A 26 11.09 3.96 -2.04
N ASP A 27 10.60 3.07 -1.18
CA ASP A 27 11.37 1.89 -0.79
C ASP A 27 11.17 0.76 -1.79
N TRP A 28 11.05 1.10 -3.06
CA TRP A 28 10.86 0.11 -4.11
C TRP A 28 12.17 -0.18 -4.83
N LYS A 29 12.74 -1.34 -4.56
CA LYS A 29 13.99 -1.74 -5.19
C LYS A 29 13.74 -2.74 -6.32
N TRP A 30 12.55 -3.32 -6.34
CA TRP A 30 12.18 -4.29 -7.37
C TRP A 30 12.16 -3.63 -8.75
N ARG A 31 12.31 -4.44 -9.79
CA ARG A 31 12.31 -3.95 -11.15
C ARG A 31 10.88 -3.81 -11.69
N ASP A 32 10.26 -4.95 -12.01
CA ASP A 32 8.91 -4.97 -12.53
C ASP A 32 8.08 -6.04 -11.84
N GLN A 33 7.77 -5.81 -10.56
CA GLN A 33 6.98 -6.75 -9.78
C GLN A 33 5.49 -6.47 -9.94
N ASP A 34 5.14 -5.20 -10.10
CA ASP A 34 3.75 -4.81 -10.26
C ASP A 34 3.23 -5.19 -11.65
N GLY A 35 3.93 -4.74 -12.68
CA GLY A 35 3.52 -5.05 -14.04
C GLY A 35 4.11 -4.09 -15.06
N SER A 36 4.35 -4.59 -16.26
CA SER A 36 4.92 -3.76 -17.32
C SER A 36 3.99 -3.73 -18.53
N PRO A 37 3.84 -2.52 -19.13
CA PRO A 37 4.50 -1.32 -18.64
C PRO A 37 3.94 -0.84 -17.29
N GLN A 38 4.55 0.19 -16.74
CA GLN A 38 4.12 0.73 -15.46
C GLN A 38 2.61 0.64 -15.31
N GLY A 39 2.14 0.52 -14.07
CA GLY A 39 0.71 0.43 -13.82
C GLY A 39 0.38 0.50 -12.34
N GLU A 40 -0.89 0.74 -12.04
CA GLU A 40 -1.34 0.84 -10.66
C GLU A 40 -1.72 -0.53 -10.10
N GLY A 41 -1.55 -0.71 -8.80
CA GLY A 41 -1.88 -1.97 -8.18
C GLY A 41 -3.15 -1.90 -7.35
N THR A 42 -3.44 -2.97 -6.61
CA THR A 42 -4.63 -3.02 -5.78
C THR A 42 -4.43 -3.96 -4.59
N VAL A 43 -4.33 -3.39 -3.40
CA VAL A 43 -4.14 -4.18 -2.18
C VAL A 43 -5.19 -5.28 -2.08
N THR A 44 -4.76 -6.46 -1.62
CA THR A 44 -5.67 -7.59 -1.47
C THR A 44 -5.58 -8.18 -0.07
N GLY A 45 -4.61 -7.70 0.71
CA GLY A 45 -4.44 -8.19 2.07
C GLY A 45 -4.32 -7.08 3.08
N GLU A 46 -4.68 -7.36 4.33
CA GLU A 46 -4.62 -6.37 5.39
C GLU A 46 -3.22 -6.32 6.00
N LEU A 47 -2.62 -5.13 5.99
CA LEU A 47 -1.29 -4.94 6.54
C LEU A 47 -1.17 -5.60 7.92
N HIS A 48 -0.58 -6.78 7.95
CA HIS A 48 -0.40 -7.51 9.20
C HIS A 48 1.05 -7.44 9.67
N ASN A 49 1.25 -7.08 10.93
CA ASN A 49 2.58 -6.97 11.50
C ASN A 49 3.50 -6.17 10.58
N GLY A 50 2.92 -5.26 9.81
CA GLY A 50 3.71 -4.46 8.90
C GLY A 50 3.95 -5.14 7.56
N TRP A 51 2.94 -5.87 7.10
CA TRP A 51 3.05 -6.59 5.83
C TRP A 51 1.69 -6.68 5.14
N ILE A 52 1.57 -6.02 3.98
CA ILE A 52 0.32 -6.02 3.23
C ILE A 52 0.53 -6.61 1.84
N ASP A 53 -0.45 -7.37 1.37
CA ASP A 53 -0.38 -7.98 0.04
C ASP A 53 -1.13 -7.15 -0.98
N VAL A 54 -0.75 -7.29 -2.25
CA VAL A 54 -1.38 -6.55 -3.33
C VAL A 54 -1.39 -7.36 -4.63
N THR A 55 -2.58 -7.66 -5.13
CA THR A 55 -2.71 -8.42 -6.36
C THR A 55 -2.65 -7.51 -7.59
N TRP A 56 -1.45 -7.32 -8.12
CA TRP A 56 -1.26 -6.47 -9.29
C TRP A 56 -2.03 -7.02 -10.49
N ASP A 57 -2.35 -6.14 -11.43
CA ASP A 57 -3.09 -6.54 -12.63
C ASP A 57 -2.28 -7.51 -13.47
N ALA A 58 -1.00 -7.20 -13.65
CA ALA A 58 -0.11 -8.05 -14.44
C ALA A 58 -0.42 -9.53 -14.21
N GLY A 59 -0.33 -9.97 -12.96
CA GLY A 59 -0.61 -11.35 -12.63
C GLY A 59 0.31 -11.88 -11.54
N GLY A 60 0.40 -11.15 -10.44
CA GLY A 60 1.24 -11.56 -9.34
C GLY A 60 0.92 -10.84 -8.05
N SER A 61 0.77 -11.59 -6.96
CA SER A 61 0.46 -11.00 -5.67
C SER A 61 1.52 -11.38 -4.63
N ASN A 62 1.79 -10.45 -3.73
CA ASN A 62 2.79 -10.67 -2.68
C ASN A 62 2.73 -9.57 -1.62
N SER A 63 3.39 -9.81 -0.50
CA SER A 63 3.41 -8.84 0.60
C SER A 63 4.63 -7.93 0.49
N TYR A 64 4.41 -6.64 0.69
CA TYR A 64 5.48 -5.65 0.62
C TYR A 64 5.68 -4.96 1.96
N ARG A 65 6.95 -4.72 2.30
CA ARG A 65 7.28 -4.06 3.56
C ARG A 65 6.61 -2.68 3.66
N MET A 66 5.65 -2.56 4.57
CA MET A 66 4.94 -1.31 4.76
C MET A 66 5.09 -0.81 6.20
N GLY A 67 6.22 -1.13 6.81
CA GLY A 67 6.47 -0.71 8.18
C GLY A 67 7.24 -1.75 8.99
N ALA A 68 7.10 -3.01 8.60
CA ALA A 68 7.79 -4.10 9.28
C ALA A 68 9.20 -3.68 9.68
N GLU A 69 9.99 -3.23 8.71
CA GLU A 69 11.36 -2.80 8.96
C GLU A 69 11.50 -1.30 8.77
N GLY A 70 10.40 -0.57 8.94
CA GLY A 70 10.43 0.87 8.78
C GLY A 70 10.65 1.29 7.34
N LYS A 71 10.11 0.51 6.41
CA LYS A 71 10.25 0.80 4.99
C LYS A 71 8.90 0.71 4.27
N PHE A 72 8.54 1.77 3.56
CA PHE A 72 7.28 1.81 2.83
C PHE A 72 7.49 1.51 1.35
N ASP A 73 7.26 0.27 0.96
CA ASP A 73 7.43 -0.15 -0.42
C ASP A 73 6.20 0.22 -1.26
N LEU A 74 5.04 0.29 -0.60
CA LEU A 74 3.80 0.63 -1.27
C LEU A 74 3.24 1.95 -0.75
N LYS A 75 2.38 2.57 -1.55
CA LYS A 75 1.78 3.84 -1.17
C LYS A 75 0.43 4.03 -1.86
N LEU A 76 -0.29 5.07 -1.46
CA LEU A 76 -1.60 5.36 -2.04
C LEU A 76 -1.47 5.76 -3.51
N ALA A 77 -2.43 5.31 -4.33
CA ALA A 77 -2.41 5.62 -5.75
C ALA A 77 -2.68 7.11 -5.99
N PRO A 78 -2.24 7.61 -7.15
CA PRO A 78 -2.43 9.01 -7.53
C PRO A 78 -3.89 9.35 -7.82
N GLY A 79 -4.65 9.65 -6.77
CA GLY A 79 -6.05 9.99 -6.93
C GLY A 79 -6.95 9.14 -6.06
N TYR A 80 -6.39 8.56 -5.00
CA TYR A 80 -7.14 7.72 -4.09
C TYR A 80 -7.18 8.33 -2.70
N SER A 81 -8.39 8.47 -2.15
CA SER A 81 -8.56 9.03 -0.82
C SER A 81 -8.82 7.95 0.22
N GLY A 82 -9.91 7.21 0.05
CA GLY A 82 -10.24 6.14 0.97
C GLY A 82 -11.62 5.57 0.74
N PRO A 83 -11.94 4.46 1.41
CA PRO A 83 -13.24 3.80 1.29
C PRO A 83 -14.37 4.61 1.93
N SER A 84 -14.03 5.33 2.99
CA SER A 84 -15.02 6.14 3.70
C SER A 84 -16.33 5.39 3.87
N SER A 85 -16.23 4.17 4.40
CA SER A 85 -17.42 3.34 4.62
C SER A 85 -17.89 3.44 6.05
N GLY A 86 -19.19 3.20 6.27
CA GLY A 86 -19.75 3.27 7.60
C GLY A 86 -18.97 2.44 8.60
N GLY A 1 -14.15 20.55 4.13
CA GLY A 1 -12.79 20.57 4.63
C GLY A 1 -12.70 20.22 6.10
N SER A 2 -12.51 18.93 6.40
CA SER A 2 -12.42 18.47 7.77
C SER A 2 -11.16 19.01 8.44
N SER A 3 -11.25 19.25 9.75
CA SER A 3 -10.11 19.75 10.50
C SER A 3 -9.04 18.68 10.68
N GLY A 4 -8.17 18.55 9.68
CA GLY A 4 -7.12 17.56 9.74
C GLY A 4 -5.87 18.00 9.00
N SER A 5 -4.71 17.67 9.55
CA SER A 5 -3.43 18.03 8.93
C SER A 5 -2.45 16.88 8.98
N SER A 6 -1.87 16.56 7.83
CA SER A 6 -0.90 15.46 7.73
C SER A 6 0.25 15.67 8.70
N GLY A 7 0.82 14.55 9.17
CA GLY A 7 1.92 14.63 10.11
C GLY A 7 2.37 13.26 10.59
N VAL A 8 1.40 12.39 10.88
CA VAL A 8 1.71 11.05 11.35
C VAL A 8 2.22 10.17 10.22
N ARG A 9 3.32 9.47 10.47
CA ARG A 9 3.91 8.59 9.47
C ARG A 9 2.95 7.48 9.08
N SER A 10 2.31 6.87 10.07
CA SER A 10 1.36 5.79 9.84
C SER A 10 0.03 6.34 9.32
N GLN A 11 0.10 7.07 8.21
CA GLN A 11 -1.09 7.65 7.61
C GLN A 11 -1.66 6.74 6.52
N VAL A 12 -0.78 6.28 5.63
CA VAL A 12 -1.18 5.41 4.54
C VAL A 12 -1.64 4.05 5.06
N LEU A 13 -0.97 3.58 6.12
CA LEU A 13 -1.31 2.29 6.71
C LEU A 13 -2.79 2.22 7.06
N LYS A 14 -3.40 3.37 7.25
CA LYS A 14 -4.82 3.45 7.58
C LYS A 14 -5.68 3.12 6.37
N TYR A 15 -5.13 3.35 5.18
CA TYR A 15 -5.86 3.08 3.94
C TYR A 15 -5.45 1.73 3.36
N MET A 16 -4.32 1.21 3.84
CA MET A 16 -3.82 -0.08 3.36
C MET A 16 -4.81 -1.20 3.67
N VAL A 17 -5.87 -1.27 2.88
CA VAL A 17 -6.90 -2.29 3.07
C VAL A 17 -7.03 -3.17 1.83
N PRO A 18 -7.51 -4.40 2.02
CA PRO A 18 -7.70 -5.36 0.93
C PRO A 18 -8.84 -4.96 0.00
N GLY A 19 -8.49 -4.22 -1.06
CA GLY A 19 -9.50 -3.79 -2.00
C GLY A 19 -9.27 -2.37 -2.49
N ALA A 20 -8.31 -1.68 -1.87
CA ALA A 20 -7.99 -0.31 -2.24
C ALA A 20 -6.94 -0.27 -3.34
N ARG A 21 -6.56 0.93 -3.75
CA ARG A 21 -5.56 1.11 -4.80
C ARG A 21 -4.22 1.54 -4.21
N VAL A 22 -3.13 1.07 -4.82
CA VAL A 22 -1.78 1.41 -4.35
C VAL A 22 -0.79 1.38 -5.50
N ILE A 23 0.38 1.96 -5.26
CA ILE A 23 1.43 2.00 -6.28
C ILE A 23 2.82 1.97 -5.63
N ARG A 24 3.85 1.99 -6.47
CA ARG A 24 5.23 1.96 -5.99
C ARG A 24 5.51 3.17 -5.10
N GLY A 25 6.09 2.91 -3.93
CA GLY A 25 6.40 3.98 -3.00
C GLY A 25 7.78 4.56 -3.24
N LEU A 26 8.65 4.46 -2.23
CA LEU A 26 10.01 4.97 -2.34
C LEU A 26 11.02 3.88 -2.06
N ASP A 27 10.67 2.96 -1.15
CA ASP A 27 11.56 1.85 -0.80
C ASP A 27 11.28 0.63 -1.67
N TRP A 28 11.02 0.88 -2.95
CA TRP A 28 10.74 -0.21 -3.89
C TRP A 28 12.02 -0.89 -4.33
N LYS A 29 12.42 -1.93 -3.59
CA LYS A 29 13.63 -2.67 -3.90
C LYS A 29 13.46 -3.48 -5.19
N TRP A 30 12.32 -4.14 -5.31
CA TRP A 30 12.03 -4.95 -6.50
C TRP A 30 12.28 -4.16 -7.78
N ARG A 31 12.09 -4.81 -8.91
CA ARG A 31 12.30 -4.16 -10.21
C ARG A 31 10.99 -4.03 -10.96
N ASP A 32 10.45 -5.15 -11.44
CA ASP A 32 9.21 -5.15 -12.18
C ASP A 32 8.22 -6.16 -11.59
N GLN A 33 8.06 -6.12 -10.27
CA GLN A 33 7.16 -7.03 -9.59
C GLN A 33 5.71 -6.63 -9.82
N ASP A 34 5.44 -5.33 -9.76
CA ASP A 34 4.09 -4.82 -9.96
C ASP A 34 3.56 -5.23 -11.33
N GLY A 35 4.37 -5.05 -12.37
CA GLY A 35 3.96 -5.40 -13.71
C GLY A 35 4.74 -4.66 -14.77
N SER A 36 4.72 -5.18 -15.99
CA SER A 36 5.45 -4.57 -17.10
C SER A 36 4.55 -4.45 -18.33
N PRO A 37 4.43 -3.22 -18.85
CA PRO A 37 5.10 -2.05 -18.28
C PRO A 37 4.51 -1.64 -16.93
N GLN A 38 5.21 -0.74 -16.24
CA GLN A 38 4.75 -0.27 -14.93
C GLN A 38 3.26 0.04 -14.94
N GLY A 39 2.67 0.11 -13.77
CA GLY A 39 1.25 0.39 -13.66
C GLY A 39 0.77 0.48 -12.23
N GLU A 40 -0.54 0.40 -12.03
CA GLU A 40 -1.12 0.48 -10.69
C GLU A 40 -1.58 -0.89 -10.22
N GLY A 41 -1.56 -1.10 -8.90
CA GLY A 41 -1.98 -2.38 -8.35
C GLY A 41 -3.23 -2.25 -7.50
N THR A 42 -3.48 -3.26 -6.67
CA THR A 42 -4.66 -3.26 -5.81
C THR A 42 -4.45 -4.15 -4.59
N VAL A 43 -4.41 -3.55 -3.41
CA VAL A 43 -4.22 -4.29 -2.17
C VAL A 43 -5.26 -5.39 -2.03
N THR A 44 -4.83 -6.55 -1.54
CA THR A 44 -5.71 -7.68 -1.34
C THR A 44 -5.64 -8.22 0.08
N GLY A 45 -4.68 -7.71 0.84
CA GLY A 45 -4.50 -8.14 2.22
C GLY A 45 -4.38 -6.99 3.19
N GLU A 46 -4.78 -7.22 4.43
CA GLU A 46 -4.73 -6.18 5.46
C GLU A 46 -3.34 -6.10 6.08
N LEU A 47 -2.75 -4.91 6.06
CA LEU A 47 -1.42 -4.70 6.62
C LEU A 47 -1.31 -5.32 8.02
N HIS A 48 -0.71 -6.50 8.09
CA HIS A 48 -0.54 -7.19 9.36
C HIS A 48 0.92 -7.20 9.78
N ASN A 49 1.20 -6.63 10.95
CA ASN A 49 2.56 -6.58 11.48
C ASN A 49 3.48 -5.82 10.51
N GLY A 50 2.91 -4.86 9.78
CA GLY A 50 3.69 -4.08 8.84
C GLY A 50 3.90 -4.81 7.53
N TRP A 51 2.97 -5.70 7.20
CA TRP A 51 3.06 -6.47 5.96
C TRP A 51 1.69 -6.59 5.30
N ILE A 52 1.52 -5.94 4.15
CA ILE A 52 0.26 -5.98 3.42
C ILE A 52 0.43 -6.62 2.06
N ASP A 53 -0.54 -7.42 1.65
CA ASP A 53 -0.50 -8.10 0.37
C ASP A 53 -1.21 -7.28 -0.71
N VAL A 54 -0.72 -7.37 -1.94
CA VAL A 54 -1.30 -6.64 -3.06
C VAL A 54 -1.26 -7.45 -4.33
N THR A 55 -2.37 -7.46 -5.06
CA THR A 55 -2.47 -8.21 -6.31
C THR A 55 -2.46 -7.26 -7.52
N TRP A 56 -1.30 -7.12 -8.14
CA TRP A 56 -1.17 -6.25 -9.30
C TRP A 56 -1.96 -6.81 -10.49
N ASP A 57 -2.38 -5.91 -11.38
CA ASP A 57 -3.14 -6.31 -12.56
C ASP A 57 -2.35 -7.28 -13.42
N ALA A 58 -1.07 -6.98 -13.61
CA ALA A 58 -0.19 -7.83 -14.41
C ALA A 58 -0.53 -9.30 -14.21
N GLY A 59 -0.74 -9.70 -12.96
CA GLY A 59 -1.07 -11.08 -12.66
C GLY A 59 -0.16 -11.67 -11.60
N GLY A 60 0.15 -10.87 -10.58
CA GLY A 60 1.01 -11.34 -9.51
C GLY A 60 0.71 -10.66 -8.18
N SER A 61 0.65 -11.46 -7.11
CA SER A 61 0.37 -10.92 -5.79
C SER A 61 1.44 -11.35 -4.79
N ASN A 62 1.71 -10.50 -3.82
CA ASN A 62 2.73 -10.78 -2.80
C ASN A 62 2.67 -9.76 -1.67
N SER A 63 3.50 -9.97 -0.66
CA SER A 63 3.54 -9.06 0.49
C SER A 63 4.70 -8.07 0.36
N TYR A 64 4.48 -6.85 0.81
CA TYR A 64 5.50 -5.81 0.74
C TYR A 64 5.66 -5.10 2.08
N ARG A 65 6.86 -4.60 2.34
CA ARG A 65 7.14 -3.91 3.60
C ARG A 65 6.37 -2.60 3.67
N MET A 66 5.57 -2.45 4.72
CA MET A 66 4.78 -1.23 4.91
C MET A 66 4.86 -0.75 6.35
N GLY A 67 5.99 -1.03 7.00
CA GLY A 67 6.17 -0.62 8.38
C GLY A 67 6.91 -1.65 9.21
N ALA A 68 7.00 -2.87 8.68
CA ALA A 68 7.68 -3.96 9.36
C ALA A 68 9.02 -3.49 9.93
N GLU A 69 9.86 -2.93 9.06
CA GLU A 69 11.18 -2.45 9.46
C GLU A 69 11.28 -0.94 9.28
N GLY A 70 10.13 -0.27 9.19
CA GLY A 70 10.10 1.17 9.01
C GLY A 70 10.34 1.57 7.58
N LYS A 71 10.02 0.68 6.65
CA LYS A 71 10.20 0.94 5.23
C LYS A 71 8.88 0.81 4.49
N PHE A 72 8.49 1.85 3.77
CA PHE A 72 7.25 1.85 3.01
C PHE A 72 7.52 1.60 1.52
N ASP A 73 7.26 0.37 1.08
CA ASP A 73 7.47 0.01 -0.32
C ASP A 73 6.27 0.39 -1.17
N LEU A 74 5.08 0.25 -0.59
CA LEU A 74 3.85 0.58 -1.30
C LEU A 74 3.26 1.89 -0.80
N LYS A 75 2.33 2.45 -1.57
CA LYS A 75 1.70 3.71 -1.20
C LYS A 75 0.34 3.86 -1.89
N LEU A 76 -0.34 4.97 -1.63
CA LEU A 76 -1.64 5.24 -2.23
C LEU A 76 -1.50 5.61 -3.70
N ALA A 77 -2.44 5.15 -4.51
CA ALA A 77 -2.43 5.44 -5.95
C ALA A 77 -2.49 6.94 -6.21
N PRO A 78 -2.02 7.36 -7.38
CA PRO A 78 -2.00 8.76 -7.78
C PRO A 78 -3.40 9.31 -8.04
N GLY A 79 -4.11 9.65 -6.97
CA GLY A 79 -5.45 10.18 -7.11
C GLY A 79 -6.44 9.50 -6.17
N TYR A 80 -5.97 8.48 -5.48
CA TYR A 80 -6.82 7.73 -4.56
C TYR A 80 -6.91 8.45 -3.20
N SER A 81 -8.11 8.53 -2.66
CA SER A 81 -8.33 9.18 -1.38
C SER A 81 -8.72 8.16 -0.30
N GLY A 82 -9.79 7.42 -0.55
CA GLY A 82 -10.23 6.43 0.40
C GLY A 82 -11.69 6.04 0.19
N PRO A 83 -12.13 4.99 0.91
CA PRO A 83 -13.51 4.50 0.81
C PRO A 83 -14.52 5.47 1.42
N SER A 84 -15.72 5.49 0.85
CA SER A 84 -16.77 6.38 1.33
C SER A 84 -17.56 5.72 2.47
N SER A 85 -18.16 6.55 3.31
CA SER A 85 -18.95 6.04 4.43
C SER A 85 -20.27 5.46 3.95
N GLY A 86 -21.02 6.25 3.19
CA GLY A 86 -22.30 5.80 2.69
C GLY A 86 -23.42 6.77 3.01
N GLY A 1 -8.28 12.91 15.46
CA GLY A 1 -7.79 14.21 15.87
C GLY A 1 -8.81 15.31 15.65
N SER A 2 -8.95 16.18 16.66
CA SER A 2 -9.91 17.28 16.58
C SER A 2 -9.20 18.60 16.28
N SER A 3 -8.18 18.91 17.09
CA SER A 3 -7.42 20.14 16.90
C SER A 3 -6.51 20.05 15.69
N GLY A 4 -5.77 18.94 15.59
CA GLY A 4 -4.87 18.75 14.46
C GLY A 4 -3.63 17.97 14.85
N SER A 5 -2.66 17.93 13.94
CA SER A 5 -1.41 17.20 14.19
C SER A 5 -0.23 17.93 13.56
N SER A 6 0.97 17.48 13.89
CA SER A 6 2.19 18.10 13.37
C SER A 6 2.90 17.15 12.41
N GLY A 7 3.13 15.92 12.86
CA GLY A 7 3.80 14.94 12.02
C GLY A 7 3.12 13.59 12.07
N VAL A 8 3.25 12.83 10.98
CA VAL A 8 2.64 11.51 10.89
C VAL A 8 3.27 10.69 9.77
N ARG A 9 3.32 9.37 9.97
CA ARG A 9 3.90 8.48 8.97
C ARG A 9 2.97 7.30 8.71
N SER A 10 2.50 6.66 9.77
CA SER A 10 1.61 5.52 9.66
C SER A 10 0.19 5.97 9.33
N GLN A 11 0.06 6.85 8.35
CA GLN A 11 -1.24 7.36 7.93
C GLN A 11 -1.81 6.55 6.78
N VAL A 12 -0.92 6.03 5.93
CA VAL A 12 -1.33 5.23 4.79
C VAL A 12 -1.81 3.85 5.24
N LEU A 13 -1.20 3.31 6.29
CA LEU A 13 -1.56 2.00 6.81
C LEU A 13 -3.06 1.93 7.10
N LYS A 14 -3.66 3.09 7.36
CA LYS A 14 -5.08 3.16 7.66
C LYS A 14 -5.91 2.90 6.41
N TYR A 15 -5.32 3.17 5.25
CA TYR A 15 -6.00 2.97 3.97
C TYR A 15 -5.58 1.65 3.33
N MET A 16 -4.51 1.06 3.86
CA MET A 16 -4.00 -0.20 3.33
C MET A 16 -5.00 -1.34 3.59
N VAL A 17 -6.03 -1.39 2.77
CA VAL A 17 -7.06 -2.43 2.90
C VAL A 17 -7.14 -3.27 1.64
N PRO A 18 -7.61 -4.52 1.80
CA PRO A 18 -7.75 -5.46 0.69
C PRO A 18 -8.88 -5.07 -0.26
N GLY A 19 -8.52 -4.35 -1.32
CA GLY A 19 -9.51 -3.92 -2.29
C GLY A 19 -9.34 -2.48 -2.69
N ALA A 20 -8.31 -1.83 -2.16
CA ALA A 20 -8.03 -0.43 -2.47
C ALA A 20 -7.00 -0.30 -3.58
N ARG A 21 -6.62 0.93 -3.89
CA ARG A 21 -5.64 1.18 -4.94
C ARG A 21 -4.31 1.66 -4.34
N VAL A 22 -3.21 1.15 -4.89
CA VAL A 22 -1.89 1.52 -4.40
C VAL A 22 -0.86 1.45 -5.53
N ILE A 23 0.33 1.98 -5.25
CA ILE A 23 1.41 1.98 -6.24
C ILE A 23 2.77 1.85 -5.57
N ARG A 24 3.83 1.85 -6.37
CA ARG A 24 5.19 1.73 -5.86
C ARG A 24 5.61 3.03 -5.17
N GLY A 25 6.29 2.90 -4.04
CA GLY A 25 6.74 4.05 -3.30
C GLY A 25 8.22 4.35 -3.51
N LEU A 26 8.88 4.79 -2.46
CA LEU A 26 10.31 5.11 -2.52
C LEU A 26 11.15 3.88 -2.21
N ASP A 27 10.65 3.03 -1.33
CA ASP A 27 11.36 1.82 -0.94
C ASP A 27 11.03 0.67 -1.89
N TRP A 28 11.06 0.95 -3.18
CA TRP A 28 10.77 -0.05 -4.20
C TRP A 28 12.05 -0.73 -4.68
N LYS A 29 12.50 -1.73 -3.92
CA LYS A 29 13.72 -2.47 -4.26
C LYS A 29 13.42 -3.56 -5.27
N TRP A 30 12.57 -3.24 -6.25
CA TRP A 30 12.21 -4.20 -7.29
C TRP A 30 12.31 -3.56 -8.67
N ARG A 31 12.51 -4.39 -9.69
CA ARG A 31 12.63 -3.91 -11.06
C ARG A 31 11.27 -3.89 -11.75
N ASP A 32 10.75 -5.07 -12.06
CA ASP A 32 9.46 -5.18 -12.72
C ASP A 32 8.57 -6.19 -11.99
N GLN A 33 7.99 -5.76 -10.88
CA GLN A 33 7.11 -6.62 -10.09
C GLN A 33 5.64 -6.35 -10.41
N ASP A 34 5.33 -5.09 -10.69
CA ASP A 34 3.96 -4.70 -11.02
C ASP A 34 3.54 -5.28 -12.36
N GLY A 35 4.30 -4.95 -13.41
CA GLY A 35 3.99 -5.44 -14.73
C GLY A 35 4.81 -4.79 -15.81
N SER A 36 4.76 -5.32 -17.03
CA SER A 36 5.51 -4.78 -18.14
C SER A 36 4.65 -4.68 -19.39
N PRO A 37 4.14 -3.48 -19.68
CA PRO A 37 4.41 -2.29 -18.85
C PRO A 37 3.72 -2.37 -17.49
N GLN A 38 3.99 -1.39 -16.64
CA GLN A 38 3.38 -1.35 -15.31
C GLN A 38 2.31 -0.27 -15.23
N GLY A 39 1.76 -0.07 -14.03
CA GLY A 39 0.73 0.93 -13.85
C GLY A 39 0.34 1.11 -12.39
N GLU A 40 -0.84 0.62 -12.03
CA GLU A 40 -1.32 0.73 -10.66
C GLU A 40 -1.69 -0.64 -10.10
N GLY A 41 -1.47 -0.81 -8.80
CA GLY A 41 -1.78 -2.09 -8.16
C GLY A 41 -3.07 -2.03 -7.37
N THR A 42 -3.40 -3.14 -6.71
CA THR A 42 -4.61 -3.21 -5.91
C THR A 42 -4.44 -4.12 -4.70
N VAL A 43 -4.38 -3.53 -3.52
CA VAL A 43 -4.21 -4.29 -2.29
C VAL A 43 -5.26 -5.38 -2.16
N THR A 44 -4.83 -6.58 -1.75
CA THR A 44 -5.74 -7.70 -1.59
C THR A 44 -5.65 -8.28 -0.18
N GLY A 45 -4.68 -7.80 0.60
CA GLY A 45 -4.52 -8.28 1.95
C GLY A 45 -4.39 -7.15 2.96
N GLU A 46 -4.84 -7.39 4.18
CA GLU A 46 -4.77 -6.38 5.23
C GLU A 46 -3.38 -6.34 5.85
N LEU A 47 -2.78 -5.15 5.88
CA LEU A 47 -1.45 -4.97 6.43
C LEU A 47 -1.33 -5.69 7.78
N HIS A 48 -0.67 -6.84 7.77
CA HIS A 48 -0.48 -7.62 8.98
C HIS A 48 0.98 -7.58 9.44
N ASN A 49 1.21 -6.97 10.60
CA ASN A 49 2.56 -6.86 11.14
C ASN A 49 3.47 -6.07 10.19
N GLY A 50 2.90 -5.06 9.56
CA GLY A 50 3.66 -4.24 8.65
C GLY A 50 3.87 -4.90 7.30
N TRP A 51 3.01 -5.86 6.98
CA TRP A 51 3.11 -6.58 5.72
C TRP A 51 1.74 -6.72 5.07
N ILE A 52 1.56 -6.03 3.94
CA ILE A 52 0.29 -6.08 3.22
C ILE A 52 0.47 -6.67 1.83
N ASP A 53 -0.50 -7.46 1.40
CA ASP A 53 -0.46 -8.09 0.08
C ASP A 53 -1.18 -7.25 -0.95
N VAL A 54 -0.75 -7.35 -2.21
CA VAL A 54 -1.36 -6.59 -3.29
C VAL A 54 -1.31 -7.36 -4.60
N THR A 55 -2.46 -7.52 -5.26
CA THR A 55 -2.55 -8.23 -6.52
C THR A 55 -2.60 -7.27 -7.69
N TRP A 56 -1.45 -6.93 -8.23
CA TRP A 56 -1.37 -6.00 -9.37
C TRP A 56 -2.22 -6.51 -10.53
N ASP A 57 -2.59 -5.60 -11.43
CA ASP A 57 -3.40 -5.95 -12.58
C ASP A 57 -2.72 -7.03 -13.43
N ALA A 58 -1.46 -6.78 -13.77
CA ALA A 58 -0.69 -7.73 -14.58
C ALA A 58 -0.86 -9.16 -14.06
N GLY A 59 -0.77 -9.31 -12.74
CA GLY A 59 -0.92 -10.62 -12.14
C GLY A 59 0.27 -11.00 -11.27
N GLY A 60 0.02 -11.16 -9.98
CA GLY A 60 1.10 -11.52 -9.06
C GLY A 60 0.94 -10.86 -7.70
N SER A 61 0.43 -11.61 -6.74
CA SER A 61 0.22 -11.09 -5.39
C SER A 61 1.39 -11.46 -4.48
N ASN A 62 1.88 -10.47 -3.73
CA ASN A 62 3.00 -10.69 -2.83
C ASN A 62 2.95 -9.70 -1.67
N SER A 63 3.66 -10.04 -0.59
CA SER A 63 3.71 -9.18 0.59
C SER A 63 4.85 -8.17 0.49
N TYR A 64 4.56 -6.92 0.84
CA TYR A 64 5.56 -5.87 0.79
C TYR A 64 5.69 -5.16 2.14
N ARG A 65 6.87 -4.59 2.39
CA ARG A 65 7.11 -3.89 3.65
C ARG A 65 6.33 -2.58 3.71
N MET A 66 5.51 -2.43 4.74
CA MET A 66 4.71 -1.23 4.91
C MET A 66 4.78 -0.73 6.36
N GLY A 67 5.88 -1.03 7.03
CA GLY A 67 6.05 -0.60 8.40
C GLY A 67 6.75 -1.66 9.25
N ALA A 68 6.87 -2.86 8.72
CA ALA A 68 7.52 -3.95 9.43
C ALA A 68 8.89 -3.53 9.94
N GLU A 69 9.70 -2.97 9.06
CA GLU A 69 11.04 -2.53 9.42
C GLU A 69 11.19 -1.02 9.21
N GLY A 70 10.06 -0.32 9.19
CA GLY A 70 10.09 1.13 9.00
C GLY A 70 10.33 1.51 7.56
N LYS A 71 9.91 0.66 6.65
CA LYS A 71 10.08 0.92 5.21
C LYS A 71 8.76 0.75 4.47
N PHE A 72 8.32 1.82 3.82
CA PHE A 72 7.08 1.79 3.06
C PHE A 72 7.34 1.58 1.57
N ASP A 73 7.15 0.35 1.12
CA ASP A 73 7.37 0.01 -0.29
C ASP A 73 6.17 0.41 -1.13
N LEU A 74 4.99 0.33 -0.55
CA LEU A 74 3.75 0.68 -1.26
C LEU A 74 3.18 1.99 -0.74
N LYS A 75 2.42 2.68 -1.59
CA LYS A 75 1.82 3.95 -1.21
C LYS A 75 0.51 4.17 -1.96
N LEU A 76 -0.35 5.01 -1.41
CA LEU A 76 -1.64 5.32 -2.04
C LEU A 76 -1.46 5.74 -3.49
N ALA A 77 -2.38 5.31 -4.34
CA ALA A 77 -2.32 5.64 -5.76
C ALA A 77 -2.54 7.14 -5.98
N PRO A 78 -2.03 7.65 -7.10
CA PRO A 78 -2.15 9.07 -7.46
C PRO A 78 -3.58 9.46 -7.81
N GLY A 79 -4.38 9.76 -6.80
CA GLY A 79 -5.76 10.14 -7.03
C GLY A 79 -6.74 9.26 -6.26
N TYR A 80 -6.23 8.55 -5.27
CA TYR A 80 -7.06 7.66 -4.45
C TYR A 80 -7.28 8.24 -3.06
N SER A 81 -8.53 8.31 -2.65
CA SER A 81 -8.86 8.85 -1.33
C SER A 81 -9.12 7.72 -0.33
N GLY A 82 -10.10 6.87 -0.65
CA GLY A 82 -10.43 5.75 0.22
C GLY A 82 -11.85 5.26 0.01
N PRO A 83 -12.24 4.25 0.80
CA PRO A 83 -13.58 3.66 0.71
C PRO A 83 -14.66 4.60 1.22
N SER A 84 -15.92 4.24 0.99
CA SER A 84 -17.05 5.07 1.42
C SER A 84 -18.23 4.19 1.83
N SER A 85 -18.61 4.28 3.10
CA SER A 85 -19.73 3.49 3.62
C SER A 85 -21.06 4.03 3.09
N GLY A 86 -21.32 5.30 3.37
CA GLY A 86 -22.56 5.91 2.92
C GLY A 86 -22.71 5.88 1.42
N GLY A 1 -7.20 -1.47 23.93
CA GLY A 1 -8.22 -0.46 23.74
C GLY A 1 -7.70 0.75 22.97
N SER A 2 -8.33 1.05 21.85
CA SER A 2 -7.93 2.18 21.02
C SER A 2 -7.51 3.37 21.89
N SER A 3 -8.35 3.73 22.85
CA SER A 3 -8.07 4.85 23.74
C SER A 3 -7.38 5.98 22.99
N GLY A 4 -7.82 6.22 21.77
CA GLY A 4 -7.22 7.28 20.96
C GLY A 4 -6.12 6.77 20.06
N SER A 5 -6.25 7.04 18.77
CA SER A 5 -5.24 6.60 17.80
C SER A 5 -4.69 7.79 17.01
N SER A 6 -3.38 7.97 17.07
CA SER A 6 -2.73 9.07 16.37
C SER A 6 -1.68 8.55 15.39
N GLY A 7 -1.19 9.43 14.53
CA GLY A 7 -0.19 9.04 13.55
C GLY A 7 0.17 10.17 12.60
N VAL A 8 1.45 10.27 12.27
CA VAL A 8 1.92 11.31 11.37
C VAL A 8 2.67 10.71 10.17
N ARG A 9 3.38 9.62 10.42
CA ARG A 9 4.13 8.95 9.37
C ARG A 9 3.43 7.68 8.92
N SER A 10 2.73 7.04 9.85
CA SER A 10 2.01 5.80 9.55
C SER A 10 0.55 6.09 9.25
N GLN A 11 0.31 7.05 8.37
CA GLN A 11 -1.05 7.42 7.99
C GLN A 11 -1.57 6.51 6.88
N VAL A 12 -0.76 6.33 5.84
CA VAL A 12 -1.13 5.49 4.71
C VAL A 12 -1.58 4.11 5.18
N LEU A 13 -0.89 3.59 6.19
CA LEU A 13 -1.22 2.27 6.73
C LEU A 13 -2.68 2.20 7.16
N LYS A 14 -3.28 3.37 7.40
CA LYS A 14 -4.67 3.44 7.80
C LYS A 14 -5.61 3.17 6.62
N TYR A 15 -5.10 3.40 5.41
CA TYR A 15 -5.88 3.18 4.20
C TYR A 15 -5.53 1.84 3.57
N MET A 16 -4.39 1.28 3.97
CA MET A 16 -3.94 0.01 3.43
C MET A 16 -4.95 -1.10 3.72
N VAL A 17 -5.94 -1.22 2.84
CA VAL A 17 -6.98 -2.23 3.00
C VAL A 17 -7.12 -3.09 1.75
N PRO A 18 -7.60 -4.33 1.92
CA PRO A 18 -7.79 -5.26 0.82
C PRO A 18 -8.93 -4.85 -0.12
N GLY A 19 -8.57 -4.13 -1.17
CA GLY A 19 -9.57 -3.67 -2.13
C GLY A 19 -9.34 -2.24 -2.58
N ALA A 20 -8.34 -1.59 -1.98
CA ALA A 20 -8.02 -0.21 -2.33
C ALA A 20 -7.00 -0.15 -3.46
N ARG A 21 -6.58 1.06 -3.80
CA ARG A 21 -5.61 1.26 -4.88
C ARG A 21 -4.25 1.68 -4.32
N VAL A 22 -3.18 1.08 -4.84
CA VAL A 22 -1.83 1.40 -4.39
C VAL A 22 -0.84 1.31 -5.54
N ILE A 23 0.30 1.97 -5.37
CA ILE A 23 1.34 1.97 -6.40
C ILE A 23 2.72 1.81 -5.78
N ARG A 24 3.75 1.74 -6.63
CA ARG A 24 5.11 1.59 -6.17
C ARG A 24 5.47 2.68 -5.16
N GLY A 25 6.10 2.28 -4.06
CA GLY A 25 6.49 3.24 -3.03
C GLY A 25 7.96 3.61 -3.13
N LEU A 26 8.31 4.75 -2.56
CA LEU A 26 9.68 5.24 -2.57
C LEU A 26 10.65 4.10 -2.23
N ASP A 27 10.28 3.28 -1.26
CA ASP A 27 11.12 2.16 -0.84
C ASP A 27 10.82 0.92 -1.69
N TRP A 28 10.76 1.11 -3.00
CA TRP A 28 10.48 0.01 -3.92
C TRP A 28 11.75 -0.79 -4.20
N LYS A 29 12.08 -1.71 -3.29
CA LYS A 29 13.27 -2.54 -3.44
C LYS A 29 13.00 -3.69 -4.40
N TRP A 30 12.31 -3.41 -5.49
CA TRP A 30 11.99 -4.43 -6.48
C TRP A 30 12.33 -3.95 -7.89
N ARG A 31 12.31 -4.88 -8.85
CA ARG A 31 12.63 -4.55 -10.22
C ARG A 31 11.36 -4.51 -11.08
N ASP A 32 10.83 -5.69 -11.39
CA ASP A 32 9.61 -5.77 -12.20
C ASP A 32 8.63 -6.77 -11.59
N GLN A 33 8.28 -6.54 -10.32
CA GLN A 33 7.34 -7.42 -9.62
C GLN A 33 5.91 -6.98 -9.86
N ASP A 34 5.71 -5.68 -10.06
CA ASP A 34 4.39 -5.14 -10.30
C ASP A 34 3.83 -5.63 -11.63
N GLY A 35 4.72 -5.88 -12.58
CA GLY A 35 4.30 -6.35 -13.89
C GLY A 35 4.73 -5.43 -15.01
N SER A 36 4.95 -5.99 -16.19
CA SER A 36 5.37 -5.21 -17.35
C SER A 36 4.33 -5.29 -18.46
N PRO A 37 3.82 -4.13 -18.89
CA PRO A 37 4.22 -2.83 -18.33
C PRO A 37 3.72 -2.64 -16.90
N GLN A 38 4.24 -1.62 -16.23
CA GLN A 38 3.86 -1.33 -14.86
C GLN A 38 2.82 -0.21 -14.81
N GLY A 39 2.19 -0.02 -13.66
CA GLY A 39 1.19 1.02 -13.51
C GLY A 39 0.70 1.15 -12.08
N GLU A 40 -0.48 0.59 -11.81
CA GLU A 40 -1.07 0.65 -10.48
C GLU A 40 -1.57 -0.72 -10.04
N GLY A 41 -1.51 -0.98 -8.74
CA GLY A 41 -1.95 -2.26 -8.22
C GLY A 41 -3.23 -2.14 -7.41
N THR A 42 -3.51 -3.15 -6.60
CA THR A 42 -4.71 -3.16 -5.78
C THR A 42 -4.54 -4.06 -4.56
N VAL A 43 -4.41 -3.45 -3.38
CA VAL A 43 -4.24 -4.19 -2.15
C VAL A 43 -5.31 -5.27 -2.00
N THR A 44 -4.90 -6.46 -1.59
CA THR A 44 -5.82 -7.58 -1.41
C THR A 44 -5.74 -8.13 0.00
N GLY A 45 -4.75 -7.66 0.77
CA GLY A 45 -4.60 -8.12 2.13
C GLY A 45 -4.45 -6.98 3.12
N GLU A 46 -4.89 -7.21 4.35
CA GLU A 46 -4.81 -6.18 5.39
C GLU A 46 -3.42 -6.17 6.02
N LEU A 47 -2.81 -4.99 6.06
CA LEU A 47 -1.47 -4.84 6.65
C LEU A 47 -1.40 -5.53 8.01
N HIS A 48 -0.68 -6.65 8.04
CA HIS A 48 -0.52 -7.41 9.28
C HIS A 48 0.93 -7.36 9.76
N ASN A 49 1.15 -6.68 10.89
CA ASN A 49 2.49 -6.56 11.45
C ASN A 49 3.43 -5.87 10.47
N GLY A 50 2.90 -4.89 9.73
CA GLY A 50 3.71 -4.17 8.77
C GLY A 50 3.92 -4.94 7.48
N TRP A 51 2.94 -5.78 7.13
CA TRP A 51 3.02 -6.58 5.92
C TRP A 51 1.65 -6.70 5.25
N ILE A 52 1.48 -6.03 4.12
CA ILE A 52 0.22 -6.06 3.38
C ILE A 52 0.42 -6.67 2.01
N ASP A 53 -0.58 -7.44 1.57
CA ASP A 53 -0.53 -8.09 0.27
C ASP A 53 -1.22 -7.24 -0.79
N VAL A 54 -0.76 -7.34 -2.02
CA VAL A 54 -1.33 -6.57 -3.13
C VAL A 54 -1.27 -7.37 -4.43
N THR A 55 -2.41 -7.45 -5.12
CA THR A 55 -2.48 -8.17 -6.39
C THR A 55 -2.49 -7.21 -7.57
N TRP A 56 -1.36 -7.10 -8.24
CA TRP A 56 -1.23 -6.21 -9.39
C TRP A 56 -1.98 -6.78 -10.60
N ASP A 57 -2.52 -5.89 -11.43
CA ASP A 57 -3.26 -6.30 -12.61
C ASP A 57 -2.32 -6.77 -13.71
N ALA A 58 -1.06 -6.34 -13.63
CA ALA A 58 -0.06 -6.71 -14.61
C ALA A 58 0.76 -7.90 -14.14
N GLY A 59 1.06 -7.94 -12.84
CA GLY A 59 1.83 -9.03 -12.28
C GLY A 59 0.98 -9.97 -11.44
N GLY A 60 1.49 -10.37 -10.28
CA GLY A 60 0.77 -11.27 -9.41
C GLY A 60 0.45 -10.65 -8.06
N SER A 61 0.82 -11.36 -7.00
CA SER A 61 0.56 -10.87 -5.64
C SER A 61 1.70 -11.25 -4.71
N ASN A 62 2.01 -10.36 -3.76
CA ASN A 62 3.08 -10.60 -2.81
C ASN A 62 3.00 -9.61 -1.65
N SER A 63 3.68 -9.94 -0.55
CA SER A 63 3.68 -9.09 0.63
C SER A 63 4.83 -8.08 0.57
N TYR A 64 4.52 -6.82 0.83
CA TYR A 64 5.53 -5.76 0.80
C TYR A 64 5.65 -5.10 2.17
N ARG A 65 6.87 -4.66 2.49
CA ARG A 65 7.13 -4.00 3.77
C ARG A 65 6.42 -2.64 3.83
N MET A 66 5.55 -2.48 4.83
CA MET A 66 4.82 -1.24 5.01
C MET A 66 4.95 -0.72 6.44
N GLY A 67 6.09 -1.01 7.06
CA GLY A 67 6.31 -0.57 8.43
C GLY A 67 7.06 -1.60 9.25
N ALA A 68 6.93 -2.86 8.87
CA ALA A 68 7.60 -3.95 9.58
C ALA A 68 8.97 -3.50 10.09
N GLU A 69 9.79 -2.96 9.18
CA GLU A 69 11.12 -2.49 9.54
C GLU A 69 11.25 -0.99 9.33
N GLY A 70 10.11 -0.32 9.19
CA GLY A 70 10.11 1.12 8.98
C GLY A 70 10.33 1.49 7.53
N LYS A 71 9.95 0.61 6.62
CA LYS A 71 10.11 0.84 5.19
C LYS A 71 8.78 0.69 4.46
N PHE A 72 8.38 1.74 3.76
CA PHE A 72 7.12 1.73 3.01
C PHE A 72 7.38 1.46 1.53
N ASP A 73 7.17 0.20 1.13
CA ASP A 73 7.38 -0.18 -0.26
C ASP A 73 6.17 0.18 -1.11
N LEU A 74 5.00 0.24 -0.48
CA LEU A 74 3.77 0.57 -1.19
C LEU A 74 3.23 1.92 -0.72
N LYS A 75 2.41 2.55 -1.56
CA LYS A 75 1.82 3.84 -1.23
C LYS A 75 0.52 4.06 -2.00
N LEU A 76 -0.35 4.90 -1.45
CA LEU A 76 -1.63 5.20 -2.08
C LEU A 76 -1.44 5.59 -3.55
N ALA A 77 -2.38 5.18 -4.39
CA ALA A 77 -2.31 5.49 -5.81
C ALA A 77 -2.63 6.96 -6.07
N PRO A 78 -2.10 7.50 -7.18
CA PRO A 78 -2.32 8.89 -7.56
C PRO A 78 -3.75 9.16 -8.02
N GLY A 79 -4.62 9.44 -7.06
CA GLY A 79 -6.02 9.71 -7.37
C GLY A 79 -6.97 8.83 -6.58
N TYR A 80 -6.49 8.28 -5.48
CA TYR A 80 -7.30 7.41 -4.63
C TYR A 80 -8.14 8.23 -3.66
N SER A 81 -7.47 9.08 -2.87
CA SER A 81 -8.15 9.91 -1.90
C SER A 81 -8.92 9.06 -0.90
N GLY A 82 -8.23 8.09 -0.29
CA GLY A 82 -8.87 7.23 0.68
C GLY A 82 -10.05 6.47 0.10
N PRO A 83 -10.53 5.46 0.83
CA PRO A 83 -11.67 4.63 0.40
C PRO A 83 -12.97 5.40 0.42
N SER A 84 -14.03 4.78 -0.10
CA SER A 84 -15.34 5.40 -0.14
C SER A 84 -15.89 5.62 1.26
N SER A 85 -15.83 6.87 1.73
CA SER A 85 -16.31 7.22 3.05
C SER A 85 -17.56 8.09 2.98
N GLY A 86 -18.28 8.18 4.08
CA GLY A 86 -19.49 8.98 4.12
C GLY A 86 -20.74 8.13 4.16
N GLY A 1 -17.61 2.21 14.75
CA GLY A 1 -17.32 2.69 16.09
C GLY A 1 -16.49 3.96 16.08
N SER A 2 -16.17 4.46 17.27
CA SER A 2 -15.38 5.68 17.39
C SER A 2 -13.89 5.36 17.47
N SER A 3 -13.23 5.38 16.31
CA SER A 3 -11.80 5.09 16.24
C SER A 3 -11.07 6.09 15.35
N GLY A 4 -9.76 6.15 15.48
CA GLY A 4 -8.97 7.06 14.67
C GLY A 4 -7.67 7.46 15.35
N SER A 5 -6.55 7.02 14.77
CA SER A 5 -5.24 7.33 15.32
C SER A 5 -4.40 8.13 14.33
N SER A 6 -4.26 9.41 14.59
CA SER A 6 -3.48 10.29 13.71
C SER A 6 -2.00 9.92 13.75
N GLY A 7 -1.56 9.17 12.75
CA GLY A 7 -0.16 8.77 12.67
C GLY A 7 0.67 9.73 11.85
N VAL A 8 1.69 10.31 12.49
CA VAL A 8 2.57 11.25 11.81
C VAL A 8 3.00 10.72 10.45
N ARG A 9 3.41 9.46 10.42
CA ARG A 9 3.84 8.83 9.17
C ARG A 9 3.06 7.54 8.92
N SER A 10 2.55 6.94 9.98
CA SER A 10 1.78 5.70 9.87
C SER A 10 0.32 6.00 9.56
N GLN A 11 0.09 6.86 8.57
CA GLN A 11 -1.26 7.22 8.19
C GLN A 11 -1.76 6.33 7.05
N VAL A 12 -0.96 6.22 6.00
CA VAL A 12 -1.31 5.39 4.85
C VAL A 12 -1.72 3.99 5.28
N LEU A 13 -1.09 3.50 6.34
CA LEU A 13 -1.39 2.16 6.85
C LEU A 13 -2.88 2.03 7.17
N LYS A 14 -3.53 3.15 7.43
CA LYS A 14 -4.95 3.16 7.75
C LYS A 14 -5.78 2.89 6.51
N TYR A 15 -5.20 3.13 5.34
CA TYR A 15 -5.90 2.91 4.08
C TYR A 15 -5.44 1.61 3.42
N MET A 16 -4.42 0.98 4.02
CA MET A 16 -3.89 -0.27 3.49
C MET A 16 -4.87 -1.42 3.73
N VAL A 17 -5.96 -1.43 2.98
CA VAL A 17 -6.97 -2.49 3.12
C VAL A 17 -7.07 -3.30 1.84
N PRO A 18 -7.57 -4.55 1.98
CA PRO A 18 -7.74 -5.46 0.84
C PRO A 18 -8.85 -5.02 -0.09
N GLY A 19 -8.48 -4.28 -1.15
CA GLY A 19 -9.47 -3.82 -2.10
C GLY A 19 -9.24 -2.37 -2.50
N ALA A 20 -8.19 -1.76 -1.94
CA ALA A 20 -7.87 -0.38 -2.25
C ALA A 20 -6.82 -0.28 -3.36
N ARG A 21 -6.39 0.94 -3.65
CA ARG A 21 -5.40 1.16 -4.70
C ARG A 21 -4.06 1.56 -4.09
N VAL A 22 -2.97 1.17 -4.75
CA VAL A 22 -1.63 1.49 -4.28
C VAL A 22 -0.62 1.41 -5.41
N ILE A 23 0.53 2.05 -5.22
CA ILE A 23 1.58 2.05 -6.22
C ILE A 23 2.96 1.92 -5.58
N ARG A 24 4.00 1.83 -6.41
CA ARG A 24 5.36 1.71 -5.92
C ARG A 24 5.79 2.97 -5.17
N GLY A 25 6.34 2.78 -3.98
CA GLY A 25 6.79 3.92 -3.18
C GLY A 25 8.27 4.19 -3.34
N LEU A 26 8.90 4.65 -2.27
CA LEU A 26 10.32 4.96 -2.30
C LEU A 26 11.16 3.70 -2.13
N ASP A 27 10.80 2.88 -1.15
CA ASP A 27 11.51 1.64 -0.88
C ASP A 27 11.07 0.54 -1.86
N TRP A 28 11.03 0.88 -3.14
CA TRP A 28 10.62 -0.06 -4.17
C TRP A 28 11.84 -0.78 -4.76
N LYS A 29 12.19 -1.92 -4.18
CA LYS A 29 13.34 -2.69 -4.65
C LYS A 29 12.91 -3.69 -5.71
N TRP A 30 11.92 -3.32 -6.51
CA TRP A 30 11.42 -4.19 -7.57
C TRP A 30 11.53 -3.51 -8.93
N ARG A 31 11.71 -4.31 -9.97
CA ARG A 31 11.82 -3.78 -11.32
C ARG A 31 10.47 -3.75 -12.02
N ASP A 32 10.00 -4.91 -12.44
CA ASP A 32 8.71 -5.01 -13.11
C ASP A 32 7.82 -6.05 -12.44
N GLN A 33 7.38 -5.75 -11.22
CA GLN A 33 6.54 -6.67 -10.47
C GLN A 33 5.06 -6.42 -10.77
N ASP A 34 4.68 -5.14 -10.84
CA ASP A 34 3.31 -4.76 -11.13
C ASP A 34 2.93 -5.15 -12.55
N GLY A 35 3.78 -4.83 -13.50
CA GLY A 35 3.52 -5.14 -14.89
C GLY A 35 3.72 -3.95 -15.81
N SER A 36 3.98 -4.23 -17.09
CA SER A 36 4.20 -3.17 -18.06
C SER A 36 3.02 -3.06 -19.02
N PRO A 37 2.72 -1.82 -19.46
CA PRO A 37 3.50 -0.64 -19.06
C PRO A 37 3.28 -0.28 -17.59
N GLN A 38 4.23 0.45 -17.01
CA GLN A 38 4.14 0.85 -15.62
C GLN A 38 2.70 1.20 -15.24
N GLY A 39 2.34 0.92 -13.99
CA GLY A 39 0.99 1.20 -13.53
C GLY A 39 0.84 1.00 -12.03
N GLU A 40 -0.37 0.66 -11.60
CA GLU A 40 -0.65 0.44 -10.19
C GLU A 40 -1.44 -0.84 -9.98
N GLY A 41 -1.42 -1.35 -8.76
CA GLY A 41 -2.14 -2.58 -8.45
C GLY A 41 -3.34 -2.33 -7.55
N THR A 42 -3.71 -3.36 -6.78
CA THR A 42 -4.84 -3.25 -5.86
C THR A 42 -4.65 -4.15 -4.65
N VAL A 43 -4.53 -3.53 -3.48
CA VAL A 43 -4.34 -4.28 -2.24
C VAL A 43 -5.38 -5.39 -2.11
N THR A 44 -4.94 -6.55 -1.63
CA THR A 44 -5.82 -7.70 -1.46
C THR A 44 -5.73 -8.26 -0.05
N GLY A 45 -4.73 -7.79 0.69
CA GLY A 45 -4.55 -8.26 2.06
C GLY A 45 -4.43 -7.12 3.05
N GLU A 46 -4.80 -7.38 4.30
CA GLU A 46 -4.74 -6.37 5.35
C GLU A 46 -3.35 -6.31 5.96
N LEU A 47 -2.79 -5.10 6.01
CA LEU A 47 -1.45 -4.91 6.57
C LEU A 47 -1.33 -5.57 7.93
N HIS A 48 -0.65 -6.72 7.96
CA HIS A 48 -0.45 -7.46 9.20
C HIS A 48 1.00 -7.38 9.66
N ASN A 49 1.21 -6.91 10.90
CA ASN A 49 2.55 -6.78 11.46
C ASN A 49 3.45 -5.98 10.53
N GLY A 50 2.83 -5.07 9.76
CA GLY A 50 3.60 -4.24 8.84
C GLY A 50 3.85 -4.93 7.52
N TRP A 51 2.90 -5.74 7.09
CA TRP A 51 3.02 -6.47 5.83
C TRP A 51 1.66 -6.62 5.14
N ILE A 52 1.50 -5.95 4.00
CA ILE A 52 0.25 -6.02 3.25
C ILE A 52 0.47 -6.59 1.86
N ASP A 53 -0.50 -7.39 1.39
CA ASP A 53 -0.41 -8.00 0.07
C ASP A 53 -1.19 -7.19 -0.95
N VAL A 54 -0.75 -7.24 -2.20
CA VAL A 54 -1.41 -6.52 -3.29
C VAL A 54 -1.39 -7.31 -4.57
N THR A 55 -2.57 -7.53 -5.15
CA THR A 55 -2.70 -8.28 -6.39
C THR A 55 -2.62 -7.36 -7.60
N TRP A 56 -1.43 -7.25 -8.17
CA TRP A 56 -1.22 -6.40 -9.34
C TRP A 56 -2.00 -6.93 -10.55
N ASP A 57 -2.51 -6.02 -11.36
CA ASP A 57 -3.27 -6.39 -12.54
C ASP A 57 -2.55 -7.48 -13.33
N ALA A 58 -1.27 -7.24 -13.63
CA ALA A 58 -0.47 -8.21 -14.38
C ALA A 58 -0.85 -9.64 -14.00
N GLY A 59 -0.65 -9.98 -12.73
CA GLY A 59 -0.97 -11.32 -12.27
C GLY A 59 0.08 -11.87 -11.33
N GLY A 60 0.13 -11.33 -10.11
CA GLY A 60 1.10 -11.79 -9.13
C GLY A 60 1.02 -11.00 -7.83
N SER A 61 0.31 -11.56 -6.85
CA SER A 61 0.17 -10.90 -5.56
C SER A 61 1.29 -11.29 -4.61
N ASN A 62 1.85 -10.31 -3.93
CA ASN A 62 2.95 -10.56 -2.99
C ASN A 62 2.86 -9.62 -1.79
N SER A 63 3.69 -9.86 -0.79
CA SER A 63 3.70 -9.03 0.42
C SER A 63 4.84 -8.01 0.37
N TYR A 64 4.50 -6.75 0.62
CA TYR A 64 5.48 -5.68 0.60
C TYR A 64 5.62 -5.03 1.97
N ARG A 65 6.82 -4.59 2.30
CA ARG A 65 7.08 -3.96 3.59
C ARG A 65 6.36 -2.62 3.69
N MET A 66 5.51 -2.48 4.70
CA MET A 66 4.76 -1.24 4.90
C MET A 66 4.90 -0.76 6.35
N GLY A 67 6.00 -1.14 6.98
CA GLY A 67 6.23 -0.73 8.35
C GLY A 67 7.01 -1.77 9.15
N ALA A 68 6.92 -3.03 8.72
CA ALA A 68 7.61 -4.11 9.40
C ALA A 68 8.99 -3.67 9.87
N GLU A 69 9.76 -3.08 8.97
CA GLU A 69 11.11 -2.61 9.29
C GLU A 69 11.20 -1.10 9.15
N GLY A 70 10.05 -0.43 9.09
CA GLY A 70 10.03 1.01 8.96
C GLY A 70 10.27 1.46 7.53
N LYS A 71 9.83 0.65 6.57
CA LYS A 71 10.01 0.96 5.16
C LYS A 71 8.69 0.81 4.40
N PHE A 72 8.20 1.92 3.86
CA PHE A 72 6.94 1.91 3.11
C PHE A 72 7.20 1.67 1.62
N ASP A 73 7.03 0.43 1.18
CA ASP A 73 7.24 0.07 -0.21
C ASP A 73 6.03 0.42 -1.06
N LEU A 74 4.84 0.32 -0.46
CA LEU A 74 3.60 0.64 -1.16
C LEU A 74 3.02 1.95 -0.66
N LYS A 75 2.27 2.62 -1.53
CA LYS A 75 1.66 3.90 -1.17
C LYS A 75 0.33 4.08 -1.91
N LEU A 76 -0.53 4.93 -1.36
CA LEU A 76 -1.83 5.19 -1.97
C LEU A 76 -1.67 5.63 -3.43
N ALA A 77 -2.60 5.19 -4.27
CA ALA A 77 -2.57 5.55 -5.69
C ALA A 77 -2.81 7.04 -5.89
N PRO A 78 -2.32 7.56 -7.02
CA PRO A 78 -2.47 8.98 -7.36
C PRO A 78 -3.91 9.36 -7.69
N GLY A 79 -4.65 9.82 -6.68
CA GLY A 79 -6.03 10.20 -6.88
C GLY A 79 -6.99 9.39 -6.04
N TYR A 80 -6.44 8.50 -5.22
CA TYR A 80 -7.26 7.66 -4.35
C TYR A 80 -7.46 8.31 -2.98
N SER A 81 -8.70 8.41 -2.55
CA SER A 81 -9.02 9.02 -1.27
C SER A 81 -9.24 7.96 -0.21
N GLY A 82 -10.22 7.09 -0.43
CA GLY A 82 -10.52 6.03 0.51
C GLY A 82 -11.91 5.46 0.33
N PRO A 83 -12.30 4.56 1.25
CA PRO A 83 -13.63 3.91 1.21
C PRO A 83 -14.75 4.89 1.52
N SER A 84 -14.40 6.16 1.72
CA SER A 84 -15.39 7.18 2.03
C SER A 84 -16.05 6.90 3.38
N SER A 85 -15.24 6.76 4.42
CA SER A 85 -15.73 6.49 5.75
C SER A 85 -15.38 7.63 6.72
N GLY A 86 -16.33 8.53 6.93
CA GLY A 86 -16.11 9.66 7.81
C GLY A 86 -15.61 9.23 9.18
N GLY A 1 -16.45 8.75 23.31
CA GLY A 1 -15.28 8.96 22.48
C GLY A 1 -14.06 8.21 22.99
N SER A 2 -12.97 8.29 22.25
CA SER A 2 -11.74 7.61 22.62
C SER A 2 -10.53 8.25 21.95
N SER A 3 -9.44 8.38 22.70
CA SER A 3 -8.22 8.98 22.17
C SER A 3 -7.69 8.18 20.98
N GLY A 4 -6.68 8.72 20.31
CA GLY A 4 -6.10 8.05 19.17
C GLY A 4 -6.43 8.75 17.86
N SER A 5 -6.32 8.01 16.76
CA SER A 5 -6.59 8.57 15.44
C SER A 5 -5.59 9.67 15.08
N SER A 6 -4.31 9.33 15.18
CA SER A 6 -3.24 10.27 14.87
C SER A 6 -1.96 9.55 14.50
N GLY A 7 -1.23 10.09 13.52
CA GLY A 7 0.01 9.47 13.08
C GLY A 7 0.76 10.33 12.09
N VAL A 8 2.08 10.40 12.25
CA VAL A 8 2.91 11.20 11.36
C VAL A 8 3.46 10.35 10.22
N ARG A 9 3.53 9.04 10.44
CA ARG A 9 4.04 8.12 9.43
C ARG A 9 3.03 7.00 9.16
N SER A 10 2.46 6.46 10.23
CA SER A 10 1.49 5.38 10.11
C SER A 10 0.12 5.92 9.68
N GLN A 11 0.13 6.78 8.67
CA GLN A 11 -1.10 7.37 8.16
C GLN A 11 -1.65 6.58 6.98
N VAL A 12 -0.77 6.19 6.06
CA VAL A 12 -1.15 5.42 4.89
C VAL A 12 -1.61 4.02 5.29
N LEU A 13 -0.97 3.46 6.29
CA LEU A 13 -1.31 2.12 6.76
C LEU A 13 -2.80 2.02 7.09
N LYS A 14 -3.41 3.17 7.37
CA LYS A 14 -4.83 3.22 7.70
C LYS A 14 -5.68 2.95 6.46
N TYR A 15 -5.14 3.25 5.29
CA TYR A 15 -5.85 3.03 4.03
C TYR A 15 -5.42 1.73 3.38
N MET A 16 -4.39 1.09 3.94
CA MET A 16 -3.88 -0.16 3.41
C MET A 16 -4.85 -1.30 3.68
N VAL A 17 -5.86 -1.43 2.83
CA VAL A 17 -6.86 -2.48 2.99
C VAL A 17 -7.00 -3.29 1.70
N PRO A 18 -7.49 -4.54 1.84
CA PRO A 18 -7.69 -5.44 0.70
C PRO A 18 -8.82 -4.99 -0.21
N GLY A 19 -8.47 -4.29 -1.28
CA GLY A 19 -9.47 -3.81 -2.22
C GLY A 19 -9.24 -2.37 -2.63
N ALA A 20 -8.24 -1.73 -2.01
CA ALA A 20 -7.92 -0.35 -2.33
C ALA A 20 -6.89 -0.25 -3.43
N ARG A 21 -6.47 0.97 -3.75
CA ARG A 21 -5.48 1.19 -4.80
C ARG A 21 -4.14 1.62 -4.20
N VAL A 22 -3.06 1.15 -4.81
CA VAL A 22 -1.72 1.47 -4.34
C VAL A 22 -0.72 1.47 -5.49
N ILE A 23 0.46 2.05 -5.26
CA ILE A 23 1.51 2.10 -6.26
C ILE A 23 2.88 1.97 -5.64
N ARG A 24 3.92 2.00 -6.47
CA ARG A 24 5.28 1.89 -6.00
C ARG A 24 5.69 3.09 -5.17
N GLY A 25 5.84 2.88 -3.87
CA GLY A 25 6.22 3.97 -2.97
C GLY A 25 7.64 4.44 -3.19
N LEU A 26 8.32 4.80 -2.12
CA LEU A 26 9.70 5.27 -2.20
C LEU A 26 10.68 4.12 -2.02
N ASP A 27 10.45 3.29 -1.01
CA ASP A 27 11.31 2.15 -0.73
C ASP A 27 11.02 1.00 -1.69
N TRP A 28 10.91 1.32 -2.97
CA TRP A 28 10.61 0.31 -3.99
C TRP A 28 11.90 -0.18 -4.64
N LYS A 29 12.59 -1.11 -3.97
CA LYS A 29 13.83 -1.67 -4.48
C LYS A 29 13.55 -2.78 -5.49
N TRP A 30 12.52 -2.61 -6.30
CA TRP A 30 12.15 -3.60 -7.30
C TRP A 30 12.21 -3.00 -8.70
N ARG A 31 12.22 -3.87 -9.70
CA ARG A 31 12.28 -3.43 -11.10
C ARG A 31 10.90 -3.47 -11.74
N ASP A 32 10.41 -4.68 -11.98
CA ASP A 32 9.09 -4.87 -12.59
C ASP A 32 8.29 -5.92 -11.85
N GLN A 33 7.45 -5.48 -10.93
CA GLN A 33 6.62 -6.39 -10.14
C GLN A 33 5.23 -6.52 -10.74
N ASP A 34 4.68 -5.40 -11.21
CA ASP A 34 3.36 -5.40 -11.82
C ASP A 34 3.46 -5.40 -13.34
N GLY A 35 4.30 -6.29 -13.87
CA GLY A 35 4.46 -6.38 -15.31
C GLY A 35 4.97 -5.08 -15.92
N SER A 36 5.66 -5.19 -17.05
CA SER A 36 6.20 -4.01 -17.73
C SER A 36 5.39 -3.70 -18.99
N PRO A 37 5.16 -2.40 -19.23
CA PRO A 37 5.63 -1.34 -18.34
C PRO A 37 4.89 -1.34 -17.00
N GLN A 38 5.53 -0.77 -15.99
CA GLN A 38 4.94 -0.70 -14.65
C GLN A 38 3.60 0.04 -14.69
N GLY A 39 2.90 0.05 -13.56
CA GLY A 39 1.62 0.72 -13.49
C GLY A 39 1.09 0.83 -12.07
N GLU A 40 -0.18 0.50 -11.88
CA GLU A 40 -0.80 0.55 -10.57
C GLU A 40 -1.32 -0.81 -10.15
N GLY A 41 -1.30 -1.08 -8.85
CA GLY A 41 -1.77 -2.35 -8.33
C GLY A 41 -3.03 -2.22 -7.51
N THR A 42 -3.29 -3.20 -6.64
CA THR A 42 -4.47 -3.18 -5.80
C THR A 42 -4.30 -4.10 -4.60
N VAL A 43 -4.23 -3.51 -3.41
CA VAL A 43 -4.07 -4.28 -2.17
C VAL A 43 -5.13 -5.36 -2.06
N THR A 44 -4.72 -6.55 -1.60
CA THR A 44 -5.64 -7.66 -1.44
C THR A 44 -5.56 -8.25 -0.03
N GLY A 45 -4.58 -7.77 0.74
CA GLY A 45 -4.42 -8.26 2.09
C GLY A 45 -4.27 -7.13 3.10
N GLU A 46 -4.80 -7.33 4.29
CA GLU A 46 -4.73 -6.32 5.34
C GLU A 46 -3.32 -6.27 5.95
N LEU A 47 -2.76 -5.07 6.03
CA LEU A 47 -1.43 -4.88 6.59
C LEU A 47 -1.31 -5.55 7.95
N HIS A 48 -0.68 -6.72 7.98
CA HIS A 48 -0.49 -7.45 9.23
C HIS A 48 0.96 -7.41 9.68
N ASN A 49 1.18 -6.98 10.91
CA ASN A 49 2.53 -6.89 11.47
C ASN A 49 3.43 -6.07 10.55
N GLY A 50 2.84 -5.13 9.82
CA GLY A 50 3.61 -4.30 8.92
C GLY A 50 3.86 -4.98 7.58
N TRP A 51 2.91 -5.81 7.15
CA TRP A 51 3.04 -6.51 5.88
C TRP A 51 1.69 -6.66 5.20
N ILE A 52 1.53 -6.02 4.04
CA ILE A 52 0.28 -6.07 3.29
C ILE A 52 0.51 -6.65 1.90
N ASP A 53 -0.44 -7.46 1.44
CA ASP A 53 -0.35 -8.08 0.13
C ASP A 53 -1.09 -7.25 -0.91
N VAL A 54 -0.64 -7.34 -2.16
CA VAL A 54 -1.26 -6.59 -3.25
C VAL A 54 -1.21 -7.38 -4.55
N THR A 55 -2.36 -7.48 -5.22
CA THR A 55 -2.46 -8.20 -6.47
C THR A 55 -2.44 -7.26 -7.67
N TRP A 56 -1.26 -7.08 -8.25
CA TRP A 56 -1.10 -6.20 -9.40
C TRP A 56 -1.86 -6.73 -10.61
N ASP A 57 -2.45 -5.83 -11.39
CA ASP A 57 -3.20 -6.22 -12.57
C ASP A 57 -2.46 -7.27 -13.37
N ALA A 58 -1.18 -7.03 -13.62
CA ALA A 58 -0.36 -7.97 -14.37
C ALA A 58 -0.77 -9.41 -14.10
N GLY A 59 -0.82 -9.77 -12.82
CA GLY A 59 -1.20 -11.13 -12.45
C GLY A 59 -0.25 -11.74 -11.44
N GLY A 60 -0.22 -11.18 -10.23
CA GLY A 60 0.65 -11.69 -9.20
C GLY A 60 0.45 -10.98 -7.87
N SER A 61 0.39 -11.76 -6.79
CA SER A 61 0.19 -11.20 -5.46
C SER A 61 1.41 -11.46 -4.58
N ASN A 62 1.83 -10.43 -3.83
CA ASN A 62 2.98 -10.55 -2.95
C ASN A 62 2.90 -9.53 -1.81
N SER A 63 3.58 -9.82 -0.71
CA SER A 63 3.58 -8.94 0.44
C SER A 63 4.73 -7.94 0.36
N TYR A 64 4.47 -6.70 0.77
CA TYR A 64 5.48 -5.65 0.74
C TYR A 64 5.63 -5.00 2.11
N ARG A 65 6.86 -4.58 2.42
CA ARG A 65 7.15 -3.94 3.70
C ARG A 65 6.45 -2.59 3.79
N MET A 66 5.53 -2.46 4.75
CA MET A 66 4.81 -1.21 4.94
C MET A 66 4.95 -0.72 6.37
N GLY A 67 6.07 -1.06 7.01
CA GLY A 67 6.31 -0.64 8.37
C GLY A 67 7.05 -1.69 9.17
N ALA A 68 6.92 -2.95 8.76
CA ALA A 68 7.58 -4.05 9.46
C ALA A 68 8.99 -3.65 9.90
N GLU A 69 9.80 -3.19 8.95
CA GLU A 69 11.16 -2.78 9.25
C GLU A 69 11.31 -1.26 9.12
N GLY A 70 10.19 -0.55 9.13
CA GLY A 70 10.22 0.89 9.01
C GLY A 70 10.45 1.35 7.58
N LYS A 71 9.94 0.58 6.63
CA LYS A 71 10.09 0.92 5.21
C LYS A 71 8.77 0.74 4.47
N PHE A 72 8.26 1.83 3.92
CA PHE A 72 7.00 1.79 3.18
C PHE A 72 7.26 1.62 1.69
N ASP A 73 7.16 0.38 1.21
CA ASP A 73 7.37 0.10 -0.20
C ASP A 73 6.15 0.46 -1.03
N LEU A 74 4.97 0.26 -0.45
CA LEU A 74 3.72 0.58 -1.14
C LEU A 74 3.15 1.92 -0.67
N LYS A 75 2.23 2.47 -1.45
CA LYS A 75 1.61 3.73 -1.10
C LYS A 75 0.31 3.93 -1.89
N LEU A 76 -0.49 4.91 -1.45
CA LEU A 76 -1.75 5.20 -2.11
C LEU A 76 -1.53 5.57 -3.58
N ALA A 77 -2.44 5.11 -4.44
CA ALA A 77 -2.35 5.40 -5.86
C ALA A 77 -2.70 6.86 -6.16
N PRO A 78 -2.14 7.39 -7.26
CA PRO A 78 -2.38 8.77 -7.67
C PRO A 78 -3.80 9.00 -8.15
N GLY A 79 -4.71 9.29 -7.22
CA GLY A 79 -6.08 9.53 -7.58
C GLY A 79 -7.04 8.68 -6.76
N TYR A 80 -6.56 8.13 -5.66
CA TYR A 80 -7.37 7.30 -4.79
C TYR A 80 -8.18 8.16 -3.82
N SER A 81 -7.48 8.94 -3.01
CA SER A 81 -8.13 9.82 -2.04
C SER A 81 -8.87 8.99 -0.99
N GLY A 82 -8.15 8.08 -0.35
CA GLY A 82 -8.75 7.23 0.68
C GLY A 82 -10.01 6.54 0.19
N PRO A 83 -10.52 5.60 1.00
CA PRO A 83 -11.72 4.84 0.65
C PRO A 83 -12.99 5.70 0.69
N SER A 84 -12.81 6.98 0.99
CA SER A 84 -13.93 7.91 1.06
C SER A 84 -14.88 7.53 2.19
N SER A 85 -14.32 7.15 3.33
CA SER A 85 -15.11 6.76 4.49
C SER A 85 -14.34 6.98 5.79
N GLY A 86 -14.77 7.98 6.55
CA GLY A 86 -14.11 8.29 7.81
C GLY A 86 -13.63 7.04 8.52
N GLY A 1 -14.14 22.68 6.81
CA GLY A 1 -13.49 22.56 5.51
C GLY A 1 -12.07 23.12 5.51
N SER A 2 -11.12 22.29 5.88
CA SER A 2 -9.72 22.71 5.93
C SER A 2 -8.97 22.26 4.68
N SER A 3 -7.69 22.62 4.60
CA SER A 3 -6.87 22.26 3.45
C SER A 3 -5.49 21.75 3.90
N GLY A 4 -4.70 21.31 2.94
CA GLY A 4 -3.37 20.81 3.26
C GLY A 4 -3.40 19.41 3.85
N SER A 5 -2.22 18.82 4.04
CA SER A 5 -2.12 17.48 4.60
C SER A 5 -1.20 17.46 5.81
N SER A 6 -1.49 16.57 6.75
CA SER A 6 -0.70 16.45 7.98
C SER A 6 -1.14 15.24 8.80
N GLY A 7 -0.17 14.59 9.45
CA GLY A 7 -0.49 13.43 10.26
C GLY A 7 0.76 12.64 10.63
N VAL A 8 0.56 11.42 11.12
CA VAL A 8 1.67 10.57 11.53
C VAL A 8 2.18 9.75 10.34
N ARG A 9 3.48 9.53 10.30
CA ARG A 9 4.10 8.76 9.23
C ARG A 9 3.28 7.51 8.93
N SER A 10 2.71 6.90 9.96
CA SER A 10 1.91 5.69 9.80
C SER A 10 0.49 6.04 9.37
N GLN A 11 0.37 6.99 8.44
CA GLN A 11 -0.94 7.41 7.95
C GLN A 11 -1.43 6.48 6.85
N VAL A 12 -0.63 6.32 5.81
CA VAL A 12 -0.99 5.45 4.69
C VAL A 12 -1.46 4.09 5.18
N LEU A 13 -0.79 3.57 6.22
CA LEU A 13 -1.14 2.27 6.78
C LEU A 13 -2.63 2.21 7.10
N LYS A 14 -3.21 3.35 7.43
CA LYS A 14 -4.64 3.43 7.77
C LYS A 14 -5.50 3.16 6.53
N TYR A 15 -4.95 3.44 5.36
CA TYR A 15 -5.66 3.24 4.11
C TYR A 15 -5.25 1.92 3.46
N MET A 16 -4.12 1.37 3.89
CA MET A 16 -3.63 0.11 3.36
C MET A 16 -4.61 -1.02 3.65
N VAL A 17 -5.70 -1.05 2.91
CA VAL A 17 -6.72 -2.08 3.10
C VAL A 17 -6.90 -2.91 1.83
N PRO A 18 -7.38 -4.15 1.99
CA PRO A 18 -7.60 -5.06 0.87
C PRO A 18 -8.76 -4.63 -0.02
N GLY A 19 -8.43 -4.01 -1.15
CA GLY A 19 -9.45 -3.55 -2.07
C GLY A 19 -9.24 -2.12 -2.51
N ALA A 20 -8.21 -1.49 -1.97
CA ALA A 20 -7.90 -0.11 -2.30
C ALA A 20 -6.87 -0.03 -3.42
N ARG A 21 -6.56 1.18 -3.87
CA ARG A 21 -5.60 1.39 -4.94
C ARG A 21 -4.25 1.84 -4.37
N VAL A 22 -3.17 1.23 -4.85
CA VAL A 22 -1.83 1.58 -4.38
C VAL A 22 -0.83 1.53 -5.54
N ILE A 23 0.34 2.12 -5.32
CA ILE A 23 1.38 2.15 -6.34
C ILE A 23 2.76 1.95 -5.72
N ARG A 24 3.75 1.70 -6.56
CA ARG A 24 5.11 1.49 -6.10
C ARG A 24 5.60 2.68 -5.28
N GLY A 25 6.30 2.40 -4.19
CA GLY A 25 6.81 3.47 -3.34
C GLY A 25 8.30 3.68 -3.50
N LEU A 26 8.83 4.70 -2.84
CA LEU A 26 10.26 5.01 -2.92
C LEU A 26 11.09 3.78 -2.56
N ASP A 27 10.59 2.96 -1.64
CA ASP A 27 11.28 1.75 -1.22
C ASP A 27 10.91 0.57 -2.11
N TRP A 28 10.78 0.83 -3.41
CA TRP A 28 10.42 -0.21 -4.35
C TRP A 28 11.66 -0.95 -4.85
N LYS A 29 12.08 -1.96 -4.10
CA LYS A 29 13.26 -2.75 -4.46
C LYS A 29 12.87 -3.93 -5.35
N TRP A 30 12.10 -3.64 -6.39
CA TRP A 30 11.67 -4.67 -7.33
C TRP A 30 11.57 -4.13 -8.74
N ARG A 31 11.48 -5.03 -9.72
CA ARG A 31 11.38 -4.63 -11.12
C ARG A 31 9.93 -4.53 -11.55
N ASP A 32 9.71 -4.26 -12.84
CA ASP A 32 8.37 -4.14 -13.38
C ASP A 32 7.57 -5.42 -13.14
N GLN A 33 6.77 -5.42 -12.08
CA GLN A 33 5.96 -6.58 -11.74
C GLN A 33 4.53 -6.41 -12.24
N ASP A 34 3.99 -5.20 -12.06
CA ASP A 34 2.63 -4.89 -12.49
C ASP A 34 2.61 -4.40 -13.93
N GLY A 35 3.42 -5.04 -14.78
CA GLY A 35 3.48 -4.64 -16.18
C GLY A 35 4.61 -3.68 -16.46
N SER A 36 4.87 -3.42 -17.73
CA SER A 36 5.94 -2.52 -18.13
C SER A 36 5.42 -1.47 -19.11
N PRO A 37 5.46 -0.20 -18.68
CA PRO A 37 5.97 0.18 -17.35
C PRO A 37 5.05 -0.28 -16.23
N GLN A 38 5.58 -0.33 -15.01
CA GLN A 38 4.80 -0.75 -13.86
C GLN A 38 3.72 0.27 -13.52
N GLY A 39 2.46 -0.12 -13.70
CA GLY A 39 1.36 0.78 -13.42
C GLY A 39 1.02 0.83 -11.94
N GLU A 40 -0.25 0.65 -11.62
CA GLU A 40 -0.70 0.69 -10.23
C GLU A 40 -1.24 -0.68 -9.80
N GLY A 41 -1.08 -0.99 -8.52
CA GLY A 41 -1.55 -2.26 -8.01
C GLY A 41 -2.83 -2.13 -7.21
N THR A 42 -3.18 -3.19 -6.47
CA THR A 42 -4.40 -3.18 -5.67
C THR A 42 -4.25 -4.09 -4.45
N VAL A 43 -4.18 -3.49 -3.27
CA VAL A 43 -4.05 -4.23 -2.03
C VAL A 43 -5.16 -5.28 -1.89
N THR A 44 -4.79 -6.47 -1.45
CA THR A 44 -5.75 -7.56 -1.27
C THR A 44 -5.67 -8.15 0.13
N GLY A 45 -4.66 -7.71 0.89
CA GLY A 45 -4.49 -8.20 2.24
C GLY A 45 -4.30 -7.10 3.25
N GLU A 46 -4.69 -7.35 4.50
CA GLU A 46 -4.56 -6.37 5.56
C GLU A 46 -3.13 -6.29 6.07
N LEU A 47 -2.63 -5.07 6.23
CA LEU A 47 -1.27 -4.86 6.71
C LEU A 47 -1.09 -5.42 8.12
N HIS A 48 -0.51 -6.60 8.21
CA HIS A 48 -0.28 -7.24 9.50
C HIS A 48 1.19 -7.17 9.89
N ASN A 49 1.45 -6.75 11.13
CA ASN A 49 2.81 -6.63 11.62
C ASN A 49 3.70 -5.87 10.64
N GLY A 50 3.07 -5.02 9.83
CA GLY A 50 3.80 -4.24 8.86
C GLY A 50 4.01 -4.99 7.55
N TRP A 51 3.01 -5.78 7.16
CA TRP A 51 3.09 -6.55 5.93
C TRP A 51 1.71 -6.69 5.29
N ILE A 52 1.55 -6.10 4.11
CA ILE A 52 0.28 -6.16 3.39
C ILE A 52 0.47 -6.75 1.99
N ASP A 53 -0.50 -7.56 1.57
CA ASP A 53 -0.45 -8.17 0.24
C ASP A 53 -1.16 -7.31 -0.79
N VAL A 54 -0.70 -7.39 -2.03
CA VAL A 54 -1.30 -6.62 -3.11
C VAL A 54 -1.28 -7.40 -4.43
N THR A 55 -2.46 -7.57 -5.02
CA THR A 55 -2.57 -8.31 -6.28
C THR A 55 -2.61 -7.35 -7.46
N TRP A 56 -1.47 -7.20 -8.13
CA TRP A 56 -1.38 -6.31 -9.29
C TRP A 56 -2.16 -6.88 -10.47
N ASP A 57 -2.80 -5.99 -11.22
CA ASP A 57 -3.59 -6.40 -12.38
C ASP A 57 -2.73 -7.16 -13.38
N ALA A 58 -1.58 -6.59 -13.72
CA ALA A 58 -0.67 -7.22 -14.66
C ALA A 58 -0.57 -8.73 -14.43
N GLY A 59 -0.47 -9.11 -13.16
CA GLY A 59 -0.39 -10.52 -12.82
C GLY A 59 0.68 -10.80 -11.77
N GLY A 60 0.27 -10.85 -10.51
CA GLY A 60 1.20 -11.11 -9.43
C GLY A 60 0.71 -10.59 -8.10
N SER A 61 0.99 -11.34 -7.03
CA SER A 61 0.57 -10.95 -5.69
C SER A 61 1.59 -11.38 -4.65
N ASN A 62 1.90 -10.49 -3.71
CA ASN A 62 2.86 -10.80 -2.66
C ASN A 62 2.80 -9.74 -1.55
N SER A 63 3.53 -9.98 -0.47
CA SER A 63 3.57 -9.06 0.65
C SER A 63 4.71 -8.06 0.51
N TYR A 64 4.42 -6.79 0.77
CA TYR A 64 5.43 -5.75 0.67
C TYR A 64 5.59 -5.01 1.99
N ARG A 65 6.85 -4.75 2.36
CA ARG A 65 7.14 -4.05 3.61
C ARG A 65 6.46 -2.69 3.65
N MET A 66 5.63 -2.47 4.66
CA MET A 66 4.91 -1.21 4.81
C MET A 66 5.01 -0.69 6.24
N GLY A 67 6.15 -0.97 6.88
CA GLY A 67 6.36 -0.52 8.24
C GLY A 67 7.13 -1.53 9.07
N ALA A 68 7.09 -2.79 8.66
CA ALA A 68 7.78 -3.85 9.37
C ALA A 68 9.15 -3.38 9.85
N GLU A 69 9.99 -2.96 8.90
CA GLU A 69 11.33 -2.49 9.23
C GLU A 69 11.46 -0.99 8.96
N GLY A 70 10.32 -0.29 8.96
CA GLY A 70 10.33 1.13 8.73
C GLY A 70 10.54 1.48 7.27
N LYS A 71 10.10 0.59 6.38
CA LYS A 71 10.24 0.81 4.94
C LYS A 71 8.88 0.72 4.25
N PHE A 72 8.52 1.78 3.53
CA PHE A 72 7.25 1.81 2.81
C PHE A 72 7.46 1.50 1.34
N ASP A 73 7.22 0.25 0.97
CA ASP A 73 7.37 -0.19 -0.41
C ASP A 73 6.16 0.21 -1.25
N LEU A 74 5.00 0.23 -0.62
CA LEU A 74 3.75 0.59 -1.30
C LEU A 74 3.25 1.96 -0.83
N LYS A 75 2.29 2.51 -1.56
CA LYS A 75 1.73 3.80 -1.21
C LYS A 75 0.40 4.03 -1.94
N LEU A 76 -0.34 5.05 -1.50
CA LEU A 76 -1.63 5.36 -2.10
C LEU A 76 -1.46 5.76 -3.57
N ALA A 77 -2.44 5.40 -4.39
CA ALA A 77 -2.41 5.72 -5.82
C ALA A 77 -2.66 7.21 -6.05
N PRO A 78 -2.20 7.70 -7.20
CA PRO A 78 -2.35 9.11 -7.58
C PRO A 78 -3.81 9.46 -7.89
N GLY A 79 -4.56 9.84 -6.86
CA GLY A 79 -5.95 10.20 -7.05
C GLY A 79 -6.90 9.25 -6.34
N TYR A 80 -6.48 8.76 -5.19
CA TYR A 80 -7.29 7.83 -4.42
C TYR A 80 -7.57 8.38 -3.01
N SER A 81 -8.76 8.07 -2.49
CA SER A 81 -9.15 8.53 -1.16
C SER A 81 -9.65 7.38 -0.31
N GLY A 82 -9.33 7.41 0.98
CA GLY A 82 -9.76 6.36 1.87
C GLY A 82 -11.15 5.85 1.55
N PRO A 83 -11.44 4.60 1.96
CA PRO A 83 -12.73 3.97 1.72
C PRO A 83 -13.85 4.60 2.55
N SER A 84 -14.92 5.01 1.88
CA SER A 84 -16.05 5.64 2.56
C SER A 84 -17.04 4.58 3.06
N SER A 85 -17.05 4.35 4.37
CA SER A 85 -17.94 3.37 4.97
C SER A 85 -19.36 3.90 5.03
N GLY A 86 -20.32 2.98 5.10
CA GLY A 86 -21.72 3.37 5.17
C GLY A 86 -22.49 2.61 6.22
N GLY A 1 -4.97 9.97 29.53
CA GLY A 1 -4.76 9.84 28.10
C GLY A 1 -3.56 10.62 27.61
N SER A 2 -3.55 10.95 26.32
CA SER A 2 -2.45 11.70 25.74
C SER A 2 -2.97 12.76 24.77
N SER A 3 -2.09 13.67 24.37
CA SER A 3 -2.46 14.74 23.45
C SER A 3 -1.21 15.39 22.84
N GLY A 4 -1.34 15.86 21.60
CA GLY A 4 -0.23 16.49 20.94
C GLY A 4 -0.35 16.41 19.42
N SER A 5 0.45 15.53 18.81
CA SER A 5 0.44 15.37 17.37
C SER A 5 0.28 13.90 16.98
N SER A 6 -0.77 13.60 16.22
CA SER A 6 -1.04 12.24 15.80
C SER A 6 0.21 11.61 15.18
N GLY A 7 0.82 12.31 14.22
CA GLY A 7 2.01 11.81 13.57
C GLY A 7 2.15 12.33 12.15
N VAL A 8 3.32 12.11 11.56
CA VAL A 8 3.58 12.56 10.19
C VAL A 8 3.90 11.39 9.27
N ARG A 9 4.09 10.21 9.87
CA ARG A 9 4.40 9.01 9.10
C ARG A 9 3.44 7.88 9.46
N SER A 10 3.45 6.83 8.65
CA SER A 10 2.58 5.68 8.87
C SER A 10 1.11 6.07 8.68
N GLN A 11 0.88 7.05 7.82
CA GLN A 11 -0.48 7.51 7.55
C GLN A 11 -1.16 6.62 6.51
N VAL A 12 -0.41 6.22 5.50
CA VAL A 12 -0.94 5.36 4.44
C VAL A 12 -1.38 4.01 5.01
N LEU A 13 -0.68 3.55 6.03
CA LEU A 13 -0.99 2.27 6.66
C LEU A 13 -2.45 2.22 7.11
N LYS A 14 -3.03 3.40 7.31
CA LYS A 14 -4.43 3.50 7.73
C LYS A 14 -5.36 3.20 6.57
N TYR A 15 -4.88 3.38 5.35
CA TYR A 15 -5.68 3.14 4.17
C TYR A 15 -5.36 1.77 3.56
N MET A 16 -4.19 1.24 3.90
CA MET A 16 -3.77 -0.06 3.40
C MET A 16 -4.80 -1.13 3.72
N VAL A 17 -5.83 -1.23 2.89
CA VAL A 17 -6.88 -2.21 3.09
C VAL A 17 -7.08 -3.07 1.84
N PRO A 18 -7.60 -4.30 2.04
CA PRO A 18 -7.85 -5.23 0.94
C PRO A 18 -9.00 -4.78 0.05
N GLY A 19 -8.67 -4.13 -1.06
CA GLY A 19 -9.70 -3.65 -1.97
C GLY A 19 -9.45 -2.22 -2.42
N ALA A 20 -8.39 -1.61 -1.90
CA ALA A 20 -8.06 -0.24 -2.26
C ALA A 20 -7.02 -0.20 -3.38
N ARG A 21 -6.58 1.01 -3.72
CA ARG A 21 -5.59 1.18 -4.78
C ARG A 21 -4.25 1.64 -4.20
N VAL A 22 -3.17 1.03 -4.68
CA VAL A 22 -1.83 1.38 -4.22
C VAL A 22 -0.82 1.32 -5.35
N ILE A 23 0.37 1.85 -5.11
CA ILE A 23 1.43 1.85 -6.12
C ILE A 23 2.81 1.82 -5.46
N ARG A 24 3.84 1.63 -6.27
CA ARG A 24 5.21 1.58 -5.78
C ARG A 24 5.62 2.92 -5.17
N GLY A 25 6.36 2.87 -4.08
CA GLY A 25 6.81 4.09 -3.43
C GLY A 25 8.25 4.43 -3.74
N LEU A 26 9.02 4.78 -2.71
CA LEU A 26 10.42 5.13 -2.88
C LEU A 26 11.32 3.96 -2.53
N ASP A 27 10.87 3.13 -1.58
CA ASP A 27 11.63 1.97 -1.16
C ASP A 27 11.32 0.76 -2.02
N TRP A 28 11.05 1.02 -3.31
CA TRP A 28 10.72 -0.06 -4.24
C TRP A 28 12.00 -0.75 -4.73
N LYS A 29 12.51 -1.67 -3.93
CA LYS A 29 13.72 -2.41 -4.28
C LYS A 29 13.39 -3.61 -5.16
N TRP A 30 12.24 -3.53 -5.83
CA TRP A 30 11.81 -4.62 -6.71
C TRP A 30 11.83 -4.18 -8.16
N ARG A 31 11.49 -5.10 -9.06
CA ARG A 31 11.47 -4.80 -10.49
C ARG A 31 10.04 -4.63 -10.99
N ASP A 32 9.90 -4.41 -12.29
CA ASP A 32 8.58 -4.23 -12.90
C ASP A 32 7.74 -5.47 -12.75
N GLN A 33 7.14 -5.64 -11.56
CA GLN A 33 6.30 -6.80 -11.28
C GLN A 33 4.90 -6.60 -11.84
N ASP A 34 4.39 -5.38 -11.74
CA ASP A 34 3.06 -5.05 -12.23
C ASP A 34 3.11 -4.58 -13.68
N GLY A 35 3.89 -5.29 -14.50
CA GLY A 35 4.02 -4.93 -15.90
C GLY A 35 4.86 -3.68 -16.10
N SER A 36 5.19 -3.40 -17.35
CA SER A 36 6.00 -2.23 -17.68
C SER A 36 5.40 -1.45 -18.85
N PRO A 37 5.47 -0.11 -18.77
CA PRO A 37 6.08 0.58 -17.63
C PRO A 37 5.25 0.45 -16.35
N GLN A 38 5.82 0.90 -15.24
CA GLN A 38 5.14 0.83 -13.96
C GLN A 38 3.63 1.07 -14.13
N GLY A 39 2.85 0.44 -13.26
CA GLY A 39 1.40 0.60 -13.32
C GLY A 39 0.78 0.79 -11.96
N GLU A 40 -0.42 0.25 -11.78
CA GLU A 40 -1.13 0.37 -10.51
C GLU A 40 -1.68 -0.99 -10.07
N GLY A 41 -1.77 -1.18 -8.76
CA GLY A 41 -2.27 -2.43 -8.22
C GLY A 41 -3.44 -2.23 -7.27
N THR A 42 -3.95 -3.32 -6.73
CA THR A 42 -5.08 -3.27 -5.80
C THR A 42 -4.86 -4.17 -4.60
N VAL A 43 -4.66 -3.56 -3.44
CA VAL A 43 -4.44 -4.31 -2.20
C VAL A 43 -5.50 -5.40 -2.03
N THR A 44 -5.08 -6.56 -1.53
CA THR A 44 -5.99 -7.67 -1.31
C THR A 44 -5.88 -8.18 0.12
N GLY A 45 -4.87 -7.72 0.85
CA GLY A 45 -4.67 -8.15 2.22
C GLY A 45 -4.48 -6.99 3.17
N GLU A 46 -4.86 -7.18 4.43
CA GLU A 46 -4.72 -6.14 5.44
C GLU A 46 -3.32 -6.13 6.03
N LEU A 47 -2.68 -4.97 6.02
CA LEU A 47 -1.32 -4.82 6.55
C LEU A 47 -1.21 -5.50 7.91
N HIS A 48 -0.55 -6.66 7.95
CA HIS A 48 -0.37 -7.40 9.19
C HIS A 48 1.11 -7.45 9.59
N ASN A 49 1.40 -7.01 10.80
CA ASN A 49 2.78 -6.99 11.29
C ASN A 49 3.69 -6.23 10.35
N GLY A 50 3.13 -5.25 9.65
CA GLY A 50 3.91 -4.46 8.72
C GLY A 50 4.08 -5.14 7.38
N TRP A 51 3.08 -5.90 6.97
CA TRP A 51 3.13 -6.62 5.70
C TRP A 51 1.74 -6.71 5.07
N ILE A 52 1.56 -6.03 3.94
CA ILE A 52 0.28 -6.06 3.25
C ILE A 52 0.41 -6.67 1.86
N ASP A 53 -0.58 -7.46 1.48
CA ASP A 53 -0.57 -8.12 0.17
C ASP A 53 -1.32 -7.27 -0.86
N VAL A 54 -0.92 -7.39 -2.12
CA VAL A 54 -1.55 -6.64 -3.20
C VAL A 54 -1.53 -7.43 -4.51
N THR A 55 -2.70 -7.61 -5.10
CA THR A 55 -2.81 -8.34 -6.36
C THR A 55 -2.80 -7.39 -7.55
N TRP A 56 -1.61 -7.12 -8.07
CA TRP A 56 -1.45 -6.24 -9.23
C TRP A 56 -2.24 -6.75 -10.42
N ASP A 57 -2.65 -5.84 -11.28
CA ASP A 57 -3.42 -6.20 -12.47
C ASP A 57 -2.60 -7.09 -13.40
N ALA A 58 -1.37 -6.67 -13.67
CA ALA A 58 -0.48 -7.45 -14.54
C ALA A 58 -0.43 -8.91 -14.12
N GLY A 59 -0.22 -9.14 -12.83
CA GLY A 59 -0.15 -10.50 -12.32
C GLY A 59 1.02 -10.70 -11.38
N GLY A 60 0.72 -11.15 -10.16
CA GLY A 60 1.76 -11.38 -9.18
C GLY A 60 1.45 -10.73 -7.85
N SER A 61 0.71 -11.44 -7.00
CA SER A 61 0.34 -10.92 -5.68
C SER A 61 1.38 -11.31 -4.64
N ASN A 62 1.80 -10.35 -3.83
CA ASN A 62 2.78 -10.60 -2.78
C ASN A 62 2.74 -9.50 -1.73
N SER A 63 3.33 -9.78 -0.56
CA SER A 63 3.37 -8.82 0.53
C SER A 63 4.58 -7.90 0.41
N TYR A 64 4.38 -6.61 0.66
CA TYR A 64 5.46 -5.63 0.58
C TYR A 64 5.68 -4.96 1.93
N ARG A 65 6.94 -4.66 2.23
CA ARG A 65 7.28 -4.01 3.49
C ARG A 65 6.63 -2.63 3.59
N MET A 66 5.72 -2.48 4.54
CA MET A 66 5.02 -1.21 4.74
C MET A 66 5.18 -0.73 6.18
N GLY A 67 6.26 -1.16 6.83
CA GLY A 67 6.51 -0.76 8.20
C GLY A 67 7.26 -1.82 8.99
N ALA A 68 7.16 -3.06 8.54
CA ALA A 68 7.85 -4.16 9.21
C ALA A 68 9.25 -3.77 9.64
N GLU A 69 10.02 -3.21 8.71
CA GLU A 69 11.38 -2.79 8.99
C GLU A 69 11.52 -1.27 8.83
N GLY A 70 10.40 -0.57 8.92
CA GLY A 70 10.42 0.88 8.77
C GLY A 70 10.70 1.33 7.36
N LYS A 71 10.23 0.55 6.39
CA LYS A 71 10.42 0.87 4.99
C LYS A 71 9.11 0.78 4.21
N PHE A 72 8.65 1.91 3.69
CA PHE A 72 7.42 1.96 2.93
C PHE A 72 7.68 1.68 1.45
N ASP A 73 7.33 0.47 1.02
CA ASP A 73 7.51 0.07 -0.37
C ASP A 73 6.29 0.43 -1.21
N LEU A 74 5.11 0.35 -0.60
CA LEU A 74 3.87 0.67 -1.30
C LEU A 74 3.30 2.00 -0.80
N LYS A 75 2.43 2.60 -1.61
CA LYS A 75 1.81 3.87 -1.25
C LYS A 75 0.44 4.01 -1.92
N LEU A 76 -0.24 5.11 -1.63
CA LEU A 76 -1.55 5.36 -2.20
C LEU A 76 -1.46 5.63 -3.70
N ALA A 77 -2.49 5.22 -4.44
CA ALA A 77 -2.52 5.42 -5.88
C ALA A 77 -2.71 6.89 -6.24
N PRO A 78 -2.28 7.27 -7.44
CA PRO A 78 -2.40 8.65 -7.92
C PRO A 78 -3.83 9.05 -8.20
N GLY A 79 -4.51 9.54 -7.17
CA GLY A 79 -5.90 9.95 -7.33
C GLY A 79 -6.83 9.20 -6.40
N TYR A 80 -6.27 8.32 -5.58
CA TYR A 80 -7.07 7.52 -4.65
C TYR A 80 -7.32 8.29 -3.36
N SER A 81 -8.57 8.30 -2.92
CA SER A 81 -8.95 9.00 -1.69
C SER A 81 -9.71 8.08 -0.75
N GLY A 82 -8.96 7.26 -0.01
CA GLY A 82 -9.59 6.34 0.92
C GLY A 82 -10.68 5.52 0.28
N PRO A 83 -11.37 4.70 1.09
CA PRO A 83 -12.46 3.84 0.62
C PRO A 83 -13.71 4.64 0.23
N SER A 84 -14.11 4.52 -1.03
CA SER A 84 -15.27 5.24 -1.53
C SER A 84 -16.49 5.00 -0.64
N SER A 85 -17.08 6.08 -0.16
CA SER A 85 -18.25 5.99 0.71
C SER A 85 -18.10 4.84 1.70
N GLY A 86 -16.89 4.67 2.23
CA GLY A 86 -16.64 3.61 3.18
C GLY A 86 -16.30 4.14 4.56
#